data_7KZ3
#
_entry.id   7KZ3
#
_cell.length_a   66.460
_cell.length_b   66.680
_cell.length_c   111.830
_cell.angle_alpha   81.080
_cell.angle_beta   77.410
_cell.angle_gamma   88.050
#
_symmetry.space_group_name_H-M   'P 1'
#
loop_
_entity.id
_entity.type
_entity.pdbx_description
1 polymer 'Aminotransferase class I/II-fold pyridoxal phosphate-dependent enzyme'
2 non-polymer 1,2-ETHANEDIOL
3 non-polymer 'SODIUM ION'
4 water water
#
_entity_poly.entity_id   1
_entity_poly.type   'polypeptide(L)'
_entity_poly.pdbx_seq_one_letter_code
;GAMDMKTLTTISGHSKDNLALLKCLQGETKEKEFEISNVLPNHKMKEKLFRENKLKIDIDIEKDIFNYSRKNIQKIEFMP
VNRLISQSEIDGIIGTLKEVLPTGQFTSGPFSKKLEEVIGDYLNKKYVIATSSGTDALMVSLLSIGIQPGDEVIMPANSF
AATENAVLAIGAKPVFVDIDHKSYCIDPLKIEEAITQKTKCILPVHLYGKQCDMKRIREIADVYQLRIIEDACQAIGSSN
LGEYGDIIILSFNPY(LLP)NFGVCGKAGAIVTNNENLAIRCNQYSYHGFEVDKKNKKVLDFGFNSKIDNLQAAIGLERI
KFLSYNNLKRVFLAQRYIRNLKELEDRELIKLPRMTEDNVWHLFPIRIINGRRDEVKNKLYQLYNIETDIYYPVLSHKHN
TKLVKKNYMQDTLLNTEQVHKEILHLPLHPNMLLEEQNFVLEGLINVNK
;
_entity_poly.pdbx_strand_id   A,B,C,D
#
# COMPACT_ATOMS: atom_id res chain seq x y z
N THR A 7 -1.97 -36.50 11.14
CA THR A 7 -2.13 -35.49 12.17
C THR A 7 -2.15 -34.10 11.55
N LEU A 8 -3.18 -33.32 11.85
CA LEU A 8 -3.27 -31.94 11.41
C LEU A 8 -3.12 -31.02 12.61
N THR A 9 -2.22 -30.07 12.46
CA THR A 9 -1.92 -29.09 13.49
C THR A 9 -2.22 -27.71 12.94
N THR A 10 -2.88 -26.87 13.74
CA THR A 10 -3.06 -25.47 13.39
C THR A 10 -1.93 -24.62 13.97
N ILE A 11 -1.14 -24.02 13.09
CA ILE A 11 -0.07 -23.12 13.53
C ILE A 11 -0.70 -21.88 14.19
N SER A 12 -0.43 -21.67 15.50
CA SER A 12 -1.04 -20.56 16.27
C SER A 12 -0.22 -19.29 16.21
N GLY A 13 1.02 -19.37 15.75
CA GLY A 13 1.92 -18.25 15.75
C GLY A 13 2.82 -18.17 16.97
N HIS A 14 2.77 -19.16 17.86
CA HIS A 14 3.63 -19.18 19.04
C HIS A 14 4.83 -20.11 18.84
N SER A 15 5.68 -20.16 19.85
CA SER A 15 6.98 -20.79 19.69
C SER A 15 6.85 -22.29 19.53
N LYS A 16 5.91 -22.91 20.25
CA LYS A 16 5.87 -24.36 20.18
C LYS A 16 5.51 -24.79 18.77
N ASP A 17 4.54 -24.14 18.18
CA ASP A 17 4.16 -24.58 16.84
C ASP A 17 5.21 -24.17 15.78
N ASN A 18 5.98 -23.10 16.01
CA ASN A 18 7.07 -22.75 15.10
C ASN A 18 8.11 -23.85 15.12
N LEU A 19 8.38 -24.41 16.31
CA LEU A 19 9.37 -25.48 16.36
C LEU A 19 8.84 -26.69 15.61
N ALA A 20 7.55 -26.99 15.77
CA ALA A 20 7.00 -28.17 15.06
C ALA A 20 7.04 -27.94 13.57
N LEU A 21 6.73 -26.71 13.14
CA LEU A 21 6.79 -26.41 11.70
C LEU A 21 8.20 -26.55 11.17
N LEU A 22 9.19 -26.01 11.90
CA LEU A 22 10.59 -26.11 11.47
C LEU A 22 11.00 -27.55 11.32
N LYS A 23 10.62 -28.37 12.31
CA LYS A 23 11.02 -29.77 12.21
C LYS A 23 10.40 -30.40 10.99
N CYS A 24 9.17 -29.99 10.66
CA CYS A 24 8.55 -30.57 9.47
C CYS A 24 9.24 -30.07 8.22
N LEU A 25 9.51 -28.78 8.12
CA LEU A 25 10.20 -28.24 6.95
C LEU A 25 11.53 -28.96 6.74
N GLN A 26 12.20 -29.35 7.84
CA GLN A 26 13.47 -30.07 7.69
C GLN A 26 13.35 -31.59 7.71
N GLY A 27 12.14 -32.15 7.71
CA GLY A 27 12.04 -33.58 7.59
C GLY A 27 12.43 -34.39 8.81
N GLU A 28 12.40 -33.80 9.98
CA GLU A 28 12.62 -34.50 11.23
C GLU A 28 11.33 -35.05 11.81
N THR A 29 10.26 -35.03 11.02
CA THR A 29 8.89 -35.26 11.44
C THR A 29 8.28 -36.48 10.78
N LYS A 30 7.41 -37.16 11.54
CA LYS A 30 6.35 -37.98 10.99
C LYS A 30 5.64 -37.21 9.87
N GLU A 31 4.99 -37.92 8.94
CA GLU A 31 4.16 -37.27 7.93
C GLU A 31 3.10 -36.43 8.63
N LYS A 32 3.27 -35.10 8.64
CA LYS A 32 2.38 -34.21 9.37
C LYS A 32 1.88 -33.14 8.43
N GLU A 33 0.67 -32.65 8.72
CA GLU A 33 0.00 -31.65 7.93
C GLU A 33 -0.28 -30.43 8.79
N PHE A 34 -0.27 -29.27 8.15
CA PHE A 34 -0.45 -28.03 8.89
C PHE A 34 -1.51 -27.14 8.25
N GLU A 35 -2.35 -26.55 9.13
CA GLU A 35 -3.25 -25.41 8.90
C GLU A 35 -2.61 -24.19 9.55
N ILE A 36 -3.01 -23.01 9.13
CA ILE A 36 -2.53 -21.80 9.82
C ILE A 36 -3.69 -20.99 10.38
N SER A 37 -3.57 -20.58 11.63
CA SER A 37 -4.64 -19.77 12.19
C SER A 37 -4.63 -18.38 11.59
N ASN A 38 -5.80 -17.88 11.23
CA ASN A 38 -5.91 -16.58 10.57
C ASN A 38 -5.99 -15.44 11.56
N VAL A 39 -4.98 -15.38 12.37
CA VAL A 39 -4.76 -14.30 13.34
C VAL A 39 -3.69 -13.38 12.81
N LEU A 40 -3.75 -12.10 13.22
CA LEU A 40 -2.88 -11.12 12.57
C LEU A 40 -1.41 -11.45 12.69
N PRO A 41 -0.90 -12.00 13.80
CA PRO A 41 0.54 -12.30 13.85
C PRO A 41 1.01 -13.38 12.88
N ASN A 42 0.07 -14.05 12.22
CA ASN A 42 0.44 -15.07 11.23
C ASN A 42 0.31 -14.57 9.80
N HIS A 43 -0.04 -13.30 9.59
N HIS A 43 -0.03 -13.30 9.54
CA HIS A 43 -0.35 -12.84 8.23
CA HIS A 43 -0.39 -12.98 8.16
C HIS A 43 0.79 -13.10 7.24
C HIS A 43 0.80 -13.09 7.19
N LYS A 44 2.01 -12.73 7.61
CA LYS A 44 3.13 -12.95 6.69
C LYS A 44 3.41 -14.44 6.49
N MET A 45 3.36 -15.22 7.56
CA MET A 45 3.61 -16.66 7.43
C MET A 45 2.59 -17.32 6.52
N LYS A 46 1.33 -16.91 6.65
CA LYS A 46 0.30 -17.47 5.80
C LYS A 46 0.54 -17.10 4.35
N GLU A 47 0.93 -15.86 4.09
CA GLU A 47 1.18 -15.47 2.69
C GLU A 47 2.38 -16.21 2.11
N LYS A 48 3.44 -16.34 2.90
CA LYS A 48 4.72 -16.81 2.38
C LYS A 48 4.77 -18.34 2.30
N LEU A 49 4.17 -19.02 3.27
CA LEU A 49 4.35 -20.48 3.41
C LEU A 49 3.11 -21.30 3.14
N PHE A 50 1.92 -20.70 3.06
CA PHE A 50 0.69 -21.48 2.90
C PHE A 50 0.00 -21.13 1.59
N ARG A 51 -0.82 -22.08 1.11
CA ARG A 51 -1.66 -21.93 -0.08
C ARG A 51 -2.90 -22.78 0.15
N GLU A 52 -4.10 -22.18 0.06
CA GLU A 52 -5.37 -22.86 0.36
C GLU A 52 -5.34 -23.51 1.75
N ASN A 53 -4.86 -22.75 2.73
CA ASN A 53 -4.74 -23.18 4.13
C ASN A 53 -4.00 -24.49 4.28
N LYS A 54 -3.04 -24.78 3.39
CA LYS A 54 -2.16 -25.92 3.58
C LYS A 54 -0.74 -25.45 3.32
N LEU A 55 0.21 -26.14 3.95
CA LEU A 55 1.59 -25.80 3.76
C LEU A 55 1.98 -25.95 2.29
N LYS A 56 2.69 -24.97 1.74
CA LYS A 56 3.19 -25.07 0.37
C LYS A 56 4.13 -26.25 0.27
N ILE A 57 4.04 -27.00 -0.83
CA ILE A 57 4.88 -28.20 -0.97
C ILE A 57 6.30 -27.88 -1.40
N ASP A 58 6.55 -26.69 -1.93
CA ASP A 58 7.84 -26.40 -2.56
C ASP A 58 8.66 -25.38 -1.77
N ILE A 59 8.57 -25.44 -0.44
CA ILE A 59 9.37 -24.56 0.41
C ILE A 59 10.79 -25.09 0.55
N ASP A 60 11.76 -24.26 0.19
CA ASP A 60 13.16 -24.53 0.54
C ASP A 60 13.61 -23.45 1.52
N ILE A 61 13.91 -23.85 2.76
CA ILE A 61 14.21 -22.85 3.80
C ILE A 61 15.33 -21.92 3.36
N GLU A 62 16.47 -22.49 3.00
CA GLU A 62 17.62 -21.65 2.67
C GLU A 62 17.36 -20.75 1.47
N LYS A 63 16.75 -21.27 0.40
CA LYS A 63 16.61 -20.46 -0.81
C LYS A 63 15.38 -19.54 -0.73
N ASP A 64 14.27 -20.02 -0.18
CA ASP A 64 13.03 -19.24 -0.23
C ASP A 64 12.82 -18.39 1.00
N ILE A 65 13.25 -18.86 2.17
CA ILE A 65 13.00 -18.06 3.36
C ILE A 65 14.19 -17.13 3.63
N PHE A 66 15.39 -17.62 3.36
CA PHE A 66 16.60 -16.85 3.62
C PHE A 66 17.29 -16.32 2.35
N ASN A 67 16.77 -16.62 1.16
CA ASN A 67 17.28 -16.01 -0.06
C ASN A 67 18.75 -16.29 -0.24
N TYR A 68 19.18 -17.49 0.14
CA TYR A 68 20.57 -17.84 0.02
C TYR A 68 20.99 -17.80 -1.43
N SER A 69 22.17 -17.18 -1.66
CA SER A 69 22.71 -17.11 -3.02
C SER A 69 24.24 -17.07 -3.06
N ARG A 70 24.94 -17.58 -2.03
CA ARG A 70 26.39 -17.51 -1.95
C ARG A 70 26.89 -16.07 -2.01
N LYS A 71 26.15 -15.12 -1.47
CA LYS A 71 26.62 -13.73 -1.49
C LYS A 71 27.91 -13.59 -0.70
N ASN A 72 28.82 -12.75 -1.19
CA ASN A 72 30.08 -12.54 -0.47
C ASN A 72 29.87 -11.57 0.69
N ILE A 73 30.33 -11.95 1.89
CA ILE A 73 30.22 -11.15 3.09
C ILE A 73 31.63 -10.76 3.55
N GLN A 74 31.83 -9.50 3.93
CA GLN A 74 33.13 -9.00 4.38
C GLN A 74 33.19 -8.56 5.84
N LYS A 75 32.04 -8.39 6.50
CA LYS A 75 32.00 -7.98 7.90
C LYS A 75 30.61 -8.26 8.43
N ILE A 76 30.48 -8.25 9.76
CA ILE A 76 29.19 -8.50 10.43
C ILE A 76 29.02 -7.44 11.50
N GLU A 77 27.86 -6.77 11.49
CA GLU A 77 27.47 -5.92 12.61
C GLU A 77 26.46 -6.67 13.43
N PHE A 78 26.38 -6.31 14.71
CA PHE A 78 25.57 -7.12 15.59
C PHE A 78 24.09 -6.90 15.33
N MET A 79 23.71 -5.63 15.19
CA MET A 79 22.29 -5.30 14.99
C MET A 79 22.17 -3.99 14.21
N PRO A 80 22.39 -4.06 12.93
CA PRO A 80 22.16 -2.88 12.05
C PRO A 80 20.66 -2.57 11.95
N VAL A 81 20.27 -1.42 12.51
CA VAL A 81 18.82 -1.22 12.69
C VAL A 81 18.11 -1.05 11.35
N ASN A 82 18.80 -0.66 10.28
CA ASN A 82 18.13 -0.58 8.99
C ASN A 82 17.69 -1.97 8.51
N ARG A 83 18.33 -3.04 8.98
CA ARG A 83 17.96 -4.39 8.57
C ARG A 83 16.77 -4.98 9.33
N LEU A 84 16.26 -4.30 10.37
CA LEU A 84 15.20 -4.83 11.19
C LEU A 84 13.84 -4.50 10.63
N ILE A 85 13.78 -3.69 9.57
CA ILE A 85 12.51 -3.37 8.95
C ILE A 85 12.65 -3.63 7.47
N SER A 86 11.65 -4.29 6.90
CA SER A 86 11.63 -4.65 5.49
C SER A 86 10.86 -3.63 4.65
N GLN A 87 11.12 -3.64 3.34
CA GLN A 87 10.37 -2.72 2.48
C GLN A 87 8.87 -3.06 2.48
N SER A 88 8.51 -4.36 2.63
CA SER A 88 7.10 -4.75 2.76
C SER A 88 6.44 -4.09 3.95
N GLU A 89 7.12 -4.09 5.09
CA GLU A 89 6.61 -3.41 6.26
C GLU A 89 6.46 -1.91 6.01
N ILE A 90 7.47 -1.30 5.37
CA ILE A 90 7.36 0.14 5.10
C ILE A 90 6.17 0.46 4.23
N ASP A 91 5.97 -0.29 3.16
CA ASP A 91 4.85 -0.03 2.27
C ASP A 91 3.55 -0.11 3.02
N GLY A 92 3.42 -1.11 3.89
CA GLY A 92 2.18 -1.23 4.67
C GLY A 92 2.00 -0.11 5.67
N ILE A 93 3.11 0.31 6.31
CA ILE A 93 3.07 1.40 7.28
C ILE A 93 2.64 2.69 6.60
N ILE A 94 3.20 2.98 5.43
CA ILE A 94 2.72 4.17 4.69
C ILE A 94 1.22 4.06 4.39
N GLY A 95 0.75 2.89 3.97
CA GLY A 95 -0.66 2.73 3.70
C GLY A 95 -1.51 2.99 4.93
N THR A 96 -1.10 2.47 6.10
CA THR A 96 -2.00 2.68 7.23
C THR A 96 -1.86 4.10 7.79
N LEU A 97 -0.68 4.72 7.69
CA LEU A 97 -0.56 6.14 8.07
C LEU A 97 -1.45 7.05 7.21
N LYS A 98 -1.71 6.68 5.92
CA LYS A 98 -2.60 7.48 5.10
C LYS A 98 -4.05 7.45 5.60
N GLU A 99 -4.43 6.38 6.31
CA GLU A 99 -5.72 6.28 6.96
C GLU A 99 -5.75 6.97 8.31
N VAL A 100 -4.71 6.77 9.13
CA VAL A 100 -4.71 7.35 10.47
C VAL A 100 -4.56 8.85 10.43
N LEU A 101 -3.63 9.38 9.61
CA LEU A 101 -3.36 10.82 9.72
C LEU A 101 -4.58 11.73 9.54
N PRO A 102 -5.47 11.54 8.57
CA PRO A 102 -6.60 12.48 8.44
C PRO A 102 -7.61 12.38 9.56
N THR A 103 -7.60 11.29 10.36
CA THR A 103 -8.52 11.25 11.51
C THR A 103 -8.12 12.25 12.57
N GLY A 104 -6.84 12.63 12.62
CA GLY A 104 -6.32 13.49 13.68
C GLY A 104 -6.26 12.84 15.03
N GLN A 105 -6.56 11.55 15.13
CA GLN A 105 -6.59 10.82 16.40
C GLN A 105 -5.19 10.33 16.74
N PHE A 106 -4.51 11.08 17.60
CA PHE A 106 -3.11 10.91 17.87
C PHE A 106 -2.81 10.61 19.32
N THR A 107 -3.81 10.47 20.15
CA THR A 107 -3.57 10.04 21.52
C THR A 107 -4.24 8.67 21.62
N SER A 108 -5.34 8.57 22.34
CA SER A 108 -5.96 7.27 22.16
C SER A 108 -6.82 7.28 20.89
N GLY A 109 -7.19 6.11 20.48
CA GLY A 109 -7.97 5.99 19.27
C GLY A 109 -8.23 4.54 18.94
N PRO A 110 -8.86 4.31 17.81
CA PRO A 110 -9.38 2.97 17.52
C PRO A 110 -8.30 2.01 17.20
N PHE A 111 -7.15 2.48 16.69
CA PHE A 111 -6.08 1.49 16.46
C PHE A 111 -5.52 1.02 17.80
N SER A 112 -5.43 1.93 18.82
CA SER A 112 -4.99 1.44 20.14
C SER A 112 -5.86 0.29 20.62
N LYS A 113 -7.20 0.46 20.52
CA LYS A 113 -8.13 -0.57 20.96
C LYS A 113 -7.95 -1.85 20.15
N LYS A 114 -7.81 -1.72 18.82
CA LYS A 114 -7.62 -2.91 18.00
C LYS A 114 -6.35 -3.65 18.39
N LEU A 115 -5.27 -2.91 18.65
CA LEU A 115 -4.03 -3.62 19.00
C LEU A 115 -4.18 -4.31 20.34
N GLU A 116 -4.89 -3.68 21.27
CA GLU A 116 -5.14 -4.34 22.56
C GLU A 116 -5.91 -5.63 22.35
N GLU A 117 -6.92 -5.62 21.46
CA GLU A 117 -7.68 -6.84 21.20
C GLU A 117 -6.80 -7.90 20.57
N VAL A 118 -5.97 -7.52 19.59
CA VAL A 118 -5.06 -8.49 18.92
C VAL A 118 -4.11 -9.11 19.92
N ILE A 119 -3.50 -8.29 20.77
CA ILE A 119 -2.56 -8.84 21.76
C ILE A 119 -3.30 -9.70 22.77
N GLY A 120 -4.48 -9.28 23.22
CA GLY A 120 -5.22 -10.13 24.11
C GLY A 120 -5.51 -11.48 23.52
N ASP A 121 -5.93 -11.51 22.25
CA ASP A 121 -6.23 -12.76 21.56
C ASP A 121 -4.97 -13.61 21.49
N TYR A 122 -3.83 -12.97 21.18
CA TYR A 122 -2.59 -13.73 20.99
C TYR A 122 -2.03 -14.25 22.31
N LEU A 123 -2.21 -13.51 23.39
CA LEU A 123 -1.73 -13.98 24.68
C LEU A 123 -2.78 -14.78 25.42
N ASN A 124 -4.01 -14.89 24.88
CA ASN A 124 -5.15 -15.54 25.56
C ASN A 124 -5.36 -14.96 26.96
N LYS A 125 -5.43 -13.62 27.02
CA LYS A 125 -5.72 -12.90 28.25
C LYS A 125 -6.85 -11.91 28.00
N LYS A 126 -7.60 -11.67 29.05
CA LYS A 126 -8.86 -10.92 28.96
C LYS A 126 -8.66 -9.41 28.81
N TYR A 127 -7.63 -8.85 29.45
CA TYR A 127 -7.43 -7.40 29.51
C TYR A 127 -6.05 -6.97 29.05
N VAL A 128 -6.01 -6.00 28.15
CA VAL A 128 -4.75 -5.44 27.68
C VAL A 128 -4.81 -3.92 27.73
N ILE A 129 -3.78 -3.33 28.33
CA ILE A 129 -3.62 -1.86 28.30
C ILE A 129 -2.36 -1.58 27.52
N ALA A 130 -2.48 -1.03 26.31
CA ALA A 130 -1.31 -0.74 25.51
C ALA A 130 -0.70 0.56 25.99
N THR A 131 0.60 0.58 26.22
CA THR A 131 1.29 1.65 26.91
C THR A 131 2.35 2.29 25.98
N SER A 132 2.94 3.36 26.49
CA SER A 132 3.94 4.11 25.77
C SER A 132 5.32 3.48 25.80
N SER A 133 5.52 2.48 26.63
CA SER A 133 6.76 1.75 26.71
C SER A 133 6.58 0.55 27.62
N GLY A 134 7.48 -0.39 27.50
CA GLY A 134 7.48 -1.48 28.44
C GLY A 134 7.88 -1.00 29.84
N THR A 135 8.80 -0.03 29.88
CA THR A 135 9.21 0.49 31.18
C THR A 135 7.98 1.12 31.84
N ASP A 136 7.20 1.88 31.08
CA ASP A 136 6.00 2.49 31.66
C ASP A 136 4.99 1.42 32.06
N ALA A 137 4.83 0.41 31.23
CA ALA A 137 3.91 -0.66 31.57
C ALA A 137 4.30 -1.28 32.91
N LEU A 138 5.61 -1.56 33.11
CA LEU A 138 6.04 -2.14 34.39
C LEU A 138 5.73 -1.20 35.57
N MET A 139 6.06 0.07 35.41
CA MET A 139 5.79 1.06 36.48
C MET A 139 4.32 1.09 36.85
N VAL A 140 3.44 1.18 35.85
CA VAL A 140 2.01 1.20 36.09
C VAL A 140 1.55 -0.09 36.73
N SER A 141 2.06 -1.24 36.27
N SER A 141 2.11 -1.24 36.29
CA SER A 141 1.60 -2.50 36.84
CA SER A 141 1.65 -2.51 36.83
C SER A 141 2.00 -2.63 38.31
C SER A 141 2.02 -2.65 38.30
N LEU A 142 3.18 -2.13 38.67
CA LEU A 142 3.60 -2.17 40.07
C LEU A 142 2.70 -1.32 40.91
N LEU A 143 2.36 -0.14 40.42
CA LEU A 143 1.39 0.68 41.18
C LEU A 143 0.05 -0.06 41.31
N SER A 144 -0.35 -0.75 40.26
CA SER A 144 -1.71 -1.34 40.31
C SER A 144 -1.84 -2.44 41.35
N ILE A 145 -0.72 -3.16 41.63
CA ILE A 145 -0.82 -4.17 42.68
C ILE A 145 -0.58 -3.59 44.05
N GLY A 146 -0.41 -2.26 44.16
CA GLY A 146 -0.40 -1.64 45.46
C GLY A 146 0.96 -1.30 45.98
N ILE A 147 2.00 -1.36 45.15
CA ILE A 147 3.36 -1.10 45.60
C ILE A 147 3.42 0.31 46.14
N GLN A 148 3.97 0.44 47.36
CA GLN A 148 4.20 1.72 48.00
C GLN A 148 5.69 1.94 48.17
N PRO A 149 6.15 3.17 48.39
CA PRO A 149 7.60 3.36 48.59
C PRO A 149 8.08 2.50 49.76
N GLY A 150 9.25 1.87 49.55
CA GLY A 150 9.80 0.99 50.56
C GLY A 150 9.44 -0.47 50.39
N ASP A 151 8.40 -0.82 49.63
CA ASP A 151 8.14 -2.23 49.41
C ASP A 151 9.25 -2.87 48.61
N GLU A 152 9.45 -4.16 48.83
CA GLU A 152 10.53 -4.89 48.14
C GLU A 152 9.96 -5.67 46.96
N VAL A 153 10.77 -5.77 45.90
CA VAL A 153 10.40 -6.52 44.70
C VAL A 153 11.59 -7.41 44.40
N ILE A 154 11.38 -8.71 44.48
CA ILE A 154 12.45 -9.70 44.20
C ILE A 154 12.61 -9.83 42.68
N MET A 155 13.87 -9.78 42.21
CA MET A 155 14.11 -9.76 40.78
C MET A 155 15.55 -10.20 40.56
N PRO A 156 15.89 -10.55 39.37
CA PRO A 156 17.30 -10.88 39.07
C PRO A 156 18.12 -9.59 38.82
N ALA A 157 19.46 -9.75 38.78
CA ALA A 157 20.38 -8.62 38.64
C ALA A 157 21.01 -8.52 37.25
N ASN A 158 20.54 -9.34 36.30
CA ASN A 158 21.13 -9.39 34.99
C ASN A 158 20.20 -8.96 33.87
N SER A 159 19.12 -8.24 34.22
CA SER A 159 18.20 -7.76 33.17
C SER A 159 18.65 -6.37 32.65
N PHE A 160 17.98 -5.90 31.59
CA PHE A 160 18.19 -4.53 31.18
C PHE A 160 17.83 -3.62 32.33
N ALA A 161 18.49 -2.45 32.38
CA ALA A 161 18.24 -1.50 33.48
C ALA A 161 16.78 -1.13 33.65
N ALA A 162 15.99 -1.17 32.55
CA ALA A 162 14.60 -0.76 32.73
C ALA A 162 13.86 -1.53 33.80
N THR A 163 14.19 -2.83 34.01
CA THR A 163 13.45 -3.64 34.96
C THR A 163 13.60 -3.06 36.37
N GLU A 164 14.84 -2.90 36.84
CA GLU A 164 15.03 -2.27 38.17
C GLU A 164 14.58 -0.80 38.18
N ASN A 165 14.70 -0.08 37.03
CA ASN A 165 14.35 1.34 37.06
C ASN A 165 12.88 1.53 37.29
N ALA A 166 12.03 0.65 36.73
CA ALA A 166 10.58 0.83 37.00
C ALA A 166 10.28 0.67 38.49
N VAL A 167 10.93 -0.29 39.15
CA VAL A 167 10.82 -0.48 40.58
C VAL A 167 11.30 0.76 41.33
N LEU A 168 12.46 1.26 40.96
CA LEU A 168 13.02 2.39 41.70
C LEU A 168 12.25 3.67 41.46
N ALA A 169 11.70 3.84 40.25
CA ALA A 169 11.05 5.14 39.98
C ALA A 169 9.81 5.37 40.82
N ILE A 170 9.17 4.31 41.30
CA ILE A 170 8.02 4.44 42.17
C ILE A 170 8.40 4.31 43.64
N GLY A 171 9.71 4.31 43.93
CA GLY A 171 10.20 4.33 45.30
C GLY A 171 10.28 2.97 45.95
N ALA A 172 10.09 1.89 45.16
CA ALA A 172 10.24 0.54 45.72
C ALA A 172 11.71 0.11 45.69
N LYS A 173 11.96 -1.02 46.34
CA LYS A 173 13.33 -1.53 46.57
C LYS A 173 13.57 -2.86 45.88
N PRO A 174 14.40 -2.92 44.84
CA PRO A 174 14.84 -4.22 44.29
C PRO A 174 15.54 -5.06 45.34
N VAL A 175 15.18 -6.33 45.36
CA VAL A 175 15.90 -7.34 46.16
C VAL A 175 16.40 -8.39 45.18
N PHE A 176 17.73 -8.51 45.05
CA PHE A 176 18.31 -9.32 43.98
C PHE A 176 18.54 -10.78 44.39
N VAL A 177 18.15 -11.69 43.49
CA VAL A 177 18.28 -13.12 43.76
C VAL A 177 19.06 -13.67 42.57
N ASP A 178 19.85 -14.68 42.84
CA ASP A 178 20.75 -15.26 41.85
C ASP A 178 19.97 -16.01 40.77
N ILE A 179 20.62 -16.15 39.63
CA ILE A 179 20.06 -16.91 38.51
C ILE A 179 20.39 -18.40 38.65
N ASP A 180 19.67 -19.23 37.87
CA ASP A 180 19.86 -20.69 37.86
C ASP A 180 21.11 -21.05 37.06
N HIS A 181 21.37 -22.37 36.90
CA HIS A 181 22.56 -22.83 36.18
C HIS A 181 22.29 -23.37 34.79
N LYS A 182 21.31 -22.84 34.09
CA LYS A 182 20.97 -23.51 32.86
C LYS A 182 20.23 -22.60 31.91
N SER A 183 19.72 -21.42 32.42
CA SER A 183 18.80 -20.67 31.57
C SER A 183 18.86 -19.16 31.66
N TYR A 184 19.74 -18.57 32.48
CA TYR A 184 19.93 -17.12 32.72
C TYR A 184 18.76 -16.53 33.46
N CYS A 185 17.88 -17.37 34.00
CA CYS A 185 16.66 -16.84 34.64
C CYS A 185 16.76 -16.96 36.16
N ILE A 186 15.93 -16.16 36.85
CA ILE A 186 15.95 -16.17 38.32
C ILE A 186 15.79 -17.59 38.86
N ASP A 187 16.62 -17.96 39.85
CA ASP A 187 16.56 -19.30 40.41
C ASP A 187 15.38 -19.45 41.37
N PRO A 188 14.33 -20.23 41.04
CA PRO A 188 13.22 -20.36 42.00
C PRO A 188 13.68 -20.83 43.36
N LEU A 189 14.76 -21.62 43.44
CA LEU A 189 15.20 -22.17 44.73
C LEU A 189 15.85 -21.13 45.62
N LYS A 190 16.10 -19.93 45.13
CA LYS A 190 16.71 -18.89 45.94
C LYS A 190 15.70 -17.79 46.27
N ILE A 191 14.45 -17.91 45.81
CA ILE A 191 13.51 -16.82 46.02
C ILE A 191 13.05 -16.78 47.48
N GLU A 192 12.67 -17.94 48.04
CA GLU A 192 11.98 -17.91 49.34
C GLU A 192 12.86 -17.29 50.43
N GLU A 193 14.17 -17.56 50.39
CA GLU A 193 15.05 -17.04 51.44
C GLU A 193 15.21 -15.52 51.37
N ALA A 194 14.78 -14.89 50.26
CA ALA A 194 14.84 -13.43 50.16
C ALA A 194 13.54 -12.73 50.53
N ILE A 195 12.50 -13.49 50.80
CA ILE A 195 11.22 -12.92 51.21
C ILE A 195 11.27 -12.31 52.60
N THR A 196 10.82 -11.10 52.72
CA THR A 196 10.73 -10.43 53.98
C THR A 196 9.29 -9.93 54.14
N GLN A 197 9.02 -9.25 55.24
CA GLN A 197 7.71 -8.67 55.46
C GLN A 197 7.40 -7.52 54.49
N LYS A 198 8.43 -6.96 53.86
CA LYS A 198 8.26 -5.88 52.87
C LYS A 198 8.07 -6.35 51.43
N THR A 199 8.33 -7.60 51.20
CA THR A 199 8.15 -8.18 49.88
C THR A 199 6.70 -8.15 49.42
N LYS A 200 6.47 -7.65 48.22
CA LYS A 200 5.13 -7.58 47.68
C LYS A 200 5.02 -8.20 46.31
N CYS A 201 6.16 -8.41 45.67
CA CYS A 201 6.11 -8.90 44.34
C CYS A 201 7.34 -9.64 43.93
N ILE A 202 7.13 -10.64 43.10
CA ILE A 202 8.24 -11.31 42.43
C ILE A 202 8.19 -10.86 40.98
N LEU A 203 9.34 -10.41 40.45
CA LEU A 203 9.43 -9.85 39.10
C LEU A 203 10.46 -10.69 38.31
N PRO A 204 10.08 -11.90 37.87
CA PRO A 204 10.97 -12.69 37.01
C PRO A 204 11.10 -12.05 35.64
N VAL A 205 12.23 -12.28 34.99
CA VAL A 205 12.46 -11.72 33.66
C VAL A 205 12.67 -12.89 32.72
N HIS A 206 11.92 -12.89 31.61
CA HIS A 206 12.10 -13.98 30.64
C HIS A 206 13.25 -13.61 29.68
N LEU A 207 14.47 -13.70 30.20
CA LEU A 207 15.57 -13.03 29.55
C LEU A 207 15.99 -13.74 28.24
N TYR A 208 16.27 -12.93 27.23
CA TYR A 208 16.82 -13.34 25.91
C TYR A 208 15.72 -14.04 25.10
N GLY A 209 14.47 -14.04 25.61
CA GLY A 209 13.33 -14.71 24.96
C GLY A 209 13.04 -16.08 25.53
N LYS A 210 13.76 -16.50 26.59
CA LYS A 210 13.52 -17.77 27.27
C LYS A 210 12.62 -17.60 28.49
N GLN A 211 11.63 -18.47 28.71
CA GLN A 211 10.79 -18.27 29.90
C GLN A 211 11.43 -18.82 31.16
N CYS A 212 11.23 -18.13 32.25
CA CYS A 212 11.53 -18.66 33.58
C CYS A 212 10.64 -19.84 33.94
N ASP A 213 11.04 -20.56 35.00
CA ASP A 213 10.27 -21.69 35.54
C ASP A 213 9.12 -21.13 36.39
N MET A 214 8.03 -20.85 35.74
CA MET A 214 6.98 -20.05 36.38
C MET A 214 6.11 -20.91 37.29
N LYS A 215 6.01 -22.21 37.02
CA LYS A 215 5.21 -23.03 37.91
C LYS A 215 5.79 -23.04 39.32
N ARG A 216 7.12 -23.22 39.44
CA ARG A 216 7.76 -23.19 40.74
C ARG A 216 7.65 -21.82 41.39
N ILE A 217 7.83 -20.75 40.60
CA ILE A 217 7.74 -19.42 41.18
C ILE A 217 6.33 -19.16 41.73
N ARG A 218 5.30 -19.59 41.01
CA ARG A 218 3.94 -19.41 41.50
C ARG A 218 3.69 -20.21 42.79
N GLU A 219 4.30 -21.40 42.91
CA GLU A 219 4.09 -22.15 44.13
C GLU A 219 4.62 -21.40 45.34
N ILE A 220 5.78 -20.75 45.18
CA ILE A 220 6.32 -19.94 46.26
C ILE A 220 5.44 -18.73 46.51
N ALA A 221 5.08 -18.00 45.44
CA ALA A 221 4.25 -16.79 45.58
C ALA A 221 3.01 -17.10 46.36
N ASP A 222 2.36 -18.23 46.02
CA ASP A 222 1.09 -18.51 46.70
C ASP A 222 1.28 -18.78 48.18
N VAL A 223 2.39 -19.40 48.60
CA VAL A 223 2.61 -19.58 50.04
C VAL A 223 2.70 -18.24 50.76
N TYR A 224 3.41 -17.27 50.17
CA TYR A 224 3.63 -15.98 50.81
C TYR A 224 2.66 -14.90 50.36
N GLN A 225 1.63 -15.26 49.60
CA GLN A 225 0.60 -14.34 49.14
C GLN A 225 1.22 -13.16 48.41
N LEU A 226 2.17 -13.45 47.54
CA LEU A 226 2.82 -12.45 46.71
C LEU A 226 2.22 -12.37 45.33
N ARG A 227 2.25 -11.19 44.76
CA ARG A 227 1.97 -11.08 43.33
C ARG A 227 3.18 -11.45 42.49
N ILE A 228 2.89 -11.82 41.25
CA ILE A 228 3.92 -12.02 40.21
C ILE A 228 3.63 -11.12 39.02
N ILE A 229 4.58 -10.23 38.70
CA ILE A 229 4.56 -9.44 37.45
C ILE A 229 5.71 -9.98 36.61
N GLU A 230 5.40 -10.43 35.42
CA GLU A 230 6.43 -11.04 34.60
C GLU A 230 6.96 -9.98 33.64
N ASP A 231 8.30 -9.83 33.57
CA ASP A 231 8.91 -9.00 32.55
C ASP A 231 9.14 -9.84 31.32
N ALA A 232 8.16 -9.77 30.40
CA ALA A 232 8.19 -10.54 29.16
C ALA A 232 8.54 -9.66 27.98
N CYS A 233 9.25 -8.56 28.25
CA CYS A 233 9.57 -7.60 27.18
C CYS A 233 10.40 -8.20 26.05
N GLN A 234 11.10 -9.34 26.25
CA GLN A 234 11.88 -9.99 25.20
C GLN A 234 11.22 -11.28 24.73
N ALA A 235 10.01 -11.63 25.19
CA ALA A 235 9.51 -12.97 25.01
C ALA A 235 8.20 -13.07 24.22
N ILE A 236 7.80 -12.04 23.48
CA ILE A 236 6.54 -12.16 22.73
C ILE A 236 6.52 -13.36 21.79
N GLY A 237 5.39 -14.07 21.82
CA GLY A 237 5.27 -15.29 21.04
C GLY A 237 5.58 -16.54 21.81
N SER A 238 6.17 -16.43 23.00
CA SER A 238 6.52 -17.68 23.68
C SER A 238 5.27 -18.44 24.15
N SER A 239 5.19 -19.77 23.81
CA SER A 239 3.96 -20.52 24.08
C SER A 239 3.63 -20.50 25.59
N ASN A 240 2.35 -20.31 25.90
CA ASN A 240 1.77 -20.30 27.26
C ASN A 240 2.34 -19.19 28.16
N LEU A 241 2.86 -18.13 27.57
CA LEU A 241 3.33 -17.00 28.35
C LEU A 241 2.26 -16.50 29.31
N GLY A 242 2.63 -16.34 30.60
CA GLY A 242 1.74 -15.68 31.55
C GLY A 242 0.78 -16.61 32.26
N GLU A 243 0.88 -17.93 32.04
CA GLU A 243 -0.07 -18.87 32.63
C GLU A 243 -0.18 -18.66 34.13
N TYR A 244 0.95 -18.42 34.80
CA TYR A 244 0.94 -18.31 36.25
C TYR A 244 1.13 -16.89 36.79
N GLY A 245 1.19 -15.88 35.94
CA GLY A 245 1.52 -14.54 36.39
C GLY A 245 0.26 -13.73 36.66
N ASP A 246 0.31 -12.81 37.62
CA ASP A 246 -0.85 -11.88 37.75
C ASP A 246 -0.91 -10.90 36.58
N ILE A 247 0.23 -10.31 36.20
CA ILE A 247 0.35 -9.35 35.12
C ILE A 247 1.58 -9.73 34.31
N ILE A 248 1.45 -9.59 32.98
CA ILE A 248 2.56 -9.82 32.06
C ILE A 248 2.87 -8.49 31.37
N ILE A 249 4.16 -8.16 31.29
CA ILE A 249 4.59 -6.90 30.66
C ILE A 249 5.22 -7.22 29.34
N LEU A 250 4.79 -6.50 28.29
CA LEU A 250 5.37 -6.61 26.96
C LEU A 250 6.04 -5.28 26.58
N SER A 251 7.05 -5.34 25.72
CA SER A 251 7.61 -4.15 25.09
C SER A 251 7.44 -4.33 23.59
N PHE A 252 7.10 -3.28 22.90
CA PHE A 252 7.11 -3.25 21.43
C PHE A 252 8.16 -2.29 20.92
N ASN A 253 9.24 -2.14 21.70
CA ASN A 253 10.34 -1.37 21.22
C ASN A 253 10.79 -1.86 19.84
N PRO A 254 11.34 -0.97 19.01
CA PRO A 254 11.51 -1.28 17.60
C PRO A 254 12.55 -2.35 17.35
N TYR A 255 13.32 -2.69 18.38
CA TYR A 255 14.37 -3.72 18.19
C TYR A 255 13.96 -5.05 18.82
N ASN A 257 11.39 -8.60 19.17
CA ASN A 257 10.93 -9.55 18.16
C ASN A 257 9.75 -9.06 17.32
N PHE A 258 8.87 -8.26 18.01
CA PHE A 258 7.82 -7.46 17.39
C PHE A 258 7.99 -6.05 17.90
N GLY A 259 8.10 -5.09 17.00
CA GLY A 259 8.23 -3.71 17.42
C GLY A 259 7.44 -2.79 16.52
N VAL A 260 7.15 -1.64 17.10
CA VAL A 260 6.56 -0.52 16.34
C VAL A 260 7.67 0.41 15.83
N CYS A 261 7.36 1.67 15.48
CA CYS A 261 8.40 2.57 14.93
C CYS A 261 8.60 3.72 15.90
N GLY A 262 8.86 3.32 17.13
CA GLY A 262 8.93 4.25 18.26
C GLY A 262 8.73 3.41 19.53
N LYS A 263 8.43 4.09 20.65
CA LYS A 263 8.27 3.34 21.89
C LYS A 263 6.83 2.91 22.07
N ALA A 264 6.66 1.74 22.65
CA ALA A 264 5.35 1.23 23.01
C ALA A 264 5.51 -0.04 23.85
N GLY A 265 4.42 -0.43 24.53
CA GLY A 265 4.45 -1.69 25.26
C GLY A 265 3.04 -2.09 25.64
N ALA A 266 2.94 -3.09 26.53
CA ALA A 266 1.61 -3.42 26.98
C ALA A 266 1.60 -4.10 28.34
N ILE A 267 0.44 -3.97 29.00
CA ILE A 267 0.14 -4.63 30.27
C ILE A 267 -0.94 -5.66 29.94
N VAL A 268 -0.73 -6.94 30.29
CA VAL A 268 -1.69 -8.00 29.97
C VAL A 268 -2.07 -8.73 31.27
N THR A 269 -3.37 -8.98 31.47
CA THR A 269 -3.81 -9.61 32.72
C THR A 269 -5.21 -10.18 32.53
N ASN A 270 -5.53 -11.22 33.33
CA ASN A 270 -6.93 -11.65 33.45
C ASN A 270 -7.68 -11.02 34.63
N ASN A 271 -6.99 -10.19 35.44
CA ASN A 271 -7.53 -9.71 36.70
C ASN A 271 -8.15 -8.35 36.42
N GLU A 272 -9.51 -8.29 36.47
CA GLU A 272 -10.20 -7.05 36.10
C GLU A 272 -9.86 -5.89 37.04
N ASN A 273 -9.75 -6.17 38.34
CA ASN A 273 -9.38 -5.09 39.26
C ASN A 273 -8.01 -4.53 38.92
N LEU A 274 -7.03 -5.39 38.68
CA LEU A 274 -5.73 -4.85 38.30
C LEU A 274 -5.81 -4.12 36.97
N ALA A 275 -6.60 -4.65 36.01
CA ALA A 275 -6.64 -4.01 34.71
C ALA A 275 -7.22 -2.60 34.80
N ILE A 276 -8.29 -2.43 35.57
CA ILE A 276 -8.88 -1.10 35.80
C ILE A 276 -7.84 -0.18 36.39
N ARG A 277 -7.18 -0.61 37.46
CA ARG A 277 -6.19 0.27 38.09
C ARG A 277 -5.04 0.62 37.15
N CYS A 278 -4.60 -0.37 36.33
CA CYS A 278 -3.61 -0.06 35.30
C CYS A 278 -4.09 0.98 34.33
N ASN A 279 -5.35 0.87 33.87
CA ASN A 279 -5.89 1.84 32.92
C ASN A 279 -5.88 3.23 33.57
N GLN A 280 -6.27 3.29 34.83
CA GLN A 280 -6.34 4.59 35.54
C GLN A 280 -4.94 5.19 35.74
N TYR A 281 -3.99 4.41 36.28
CA TYR A 281 -2.63 4.93 36.48
C TYR A 281 -1.93 5.29 35.16
N SER A 282 -2.26 4.60 34.06
CA SER A 282 -1.58 4.88 32.78
C SER A 282 -2.07 6.18 32.18
N TYR A 283 -3.13 6.78 32.74
CA TYR A 283 -3.62 8.06 32.20
C TYR A 283 -4.07 8.95 33.38
N HIS A 284 -3.08 9.46 34.12
CA HIS A 284 -3.22 10.57 35.06
C HIS A 284 -4.06 10.26 36.27
N GLY A 285 -4.39 8.99 36.54
CA GLY A 285 -5.26 8.71 37.68
C GLY A 285 -6.73 8.92 37.37
N PHE A 286 -7.04 9.28 36.13
CA PHE A 286 -8.45 9.61 35.82
C PHE A 286 -9.28 8.33 35.80
N GLU A 287 -10.56 8.45 36.14
CA GLU A 287 -11.45 7.32 35.94
C GLU A 287 -11.50 7.00 34.44
N VAL A 288 -11.67 5.72 34.14
CA VAL A 288 -11.68 5.22 32.79
C VAL A 288 -12.69 6.00 31.94
N ASP A 289 -12.22 6.59 30.84
CA ASP A 289 -13.01 7.38 29.90
C ASP A 289 -13.57 8.66 30.50
N LYS A 290 -13.03 9.14 31.64
CA LYS A 290 -13.50 10.38 32.26
C LYS A 290 -12.29 11.30 32.36
N LYS A 291 -11.89 11.91 31.26
CA LYS A 291 -10.71 12.79 31.32
C LYS A 291 -10.94 13.94 32.32
N ASN A 292 -9.86 14.27 33.03
CA ASN A 292 -9.81 15.37 34.02
C ASN A 292 -10.48 15.06 35.33
N LYS A 293 -11.02 13.85 35.52
CA LYS A 293 -11.65 13.49 36.77
C LYS A 293 -10.85 12.40 37.47
N LYS A 294 -10.03 12.75 38.45
CA LYS A 294 -9.16 11.71 39.06
C LYS A 294 -9.98 10.85 40.03
N VAL A 295 -9.64 9.54 40.02
CA VAL A 295 -10.15 8.61 41.02
C VAL A 295 -8.99 8.03 41.81
N LEU A 296 -7.82 7.85 41.14
CA LEU A 296 -6.61 7.55 41.90
C LEU A 296 -5.79 8.81 42.16
N ASP A 297 -4.80 8.69 43.07
CA ASP A 297 -4.22 9.91 43.58
C ASP A 297 -3.42 10.68 42.55
N PHE A 298 -2.80 9.96 41.60
CA PHE A 298 -2.06 10.53 40.51
C PHE A 298 -1.95 9.46 39.44
N GLY A 299 -1.37 9.82 38.32
CA GLY A 299 -0.94 8.79 37.39
C GLY A 299 0.04 9.40 36.40
N PHE A 300 0.30 8.66 35.33
CA PHE A 300 1.31 8.99 34.31
C PHE A 300 0.63 9.30 32.97
N ASN A 301 1.41 9.72 31.99
CA ASN A 301 0.87 9.87 30.61
C ASN A 301 1.48 8.77 29.75
N SER A 302 0.93 7.55 29.90
CA SER A 302 1.65 6.33 29.50
C SER A 302 0.81 5.40 28.67
N LYS A 303 -0.28 5.86 28.01
CA LYS A 303 -0.91 4.97 27.02
C LYS A 303 -0.14 4.99 25.70
N ILE A 304 -0.33 3.94 24.88
CA ILE A 304 0.26 3.94 23.54
C ILE A 304 -0.28 5.11 22.71
N ASP A 305 0.54 5.62 21.80
CA ASP A 305 0.05 6.51 20.73
C ASP A 305 -0.80 5.71 19.73
N ASN A 306 -1.98 6.23 19.38
CA ASN A 306 -2.79 5.61 18.32
C ASN A 306 -1.96 5.38 17.05
N LEU A 307 -1.11 6.33 16.68
CA LEU A 307 -0.30 6.13 15.47
C LEU A 307 0.62 4.92 15.60
N GLN A 308 1.27 4.76 16.77
CA GLN A 308 2.11 3.59 16.89
C GLN A 308 1.30 2.31 16.97
N ALA A 309 0.09 2.36 17.50
CA ALA A 309 -0.74 1.16 17.48
C ALA A 309 -1.11 0.78 16.06
N ALA A 310 -1.37 1.77 15.21
CA ALA A 310 -1.64 1.48 13.78
C ALA A 310 -0.41 0.87 13.14
N ILE A 311 0.77 1.43 13.44
CA ILE A 311 1.99 0.84 12.90
C ILE A 311 2.14 -0.59 13.42
N GLY A 312 1.91 -0.77 14.71
CA GLY A 312 1.99 -2.13 15.28
C GLY A 312 1.09 -3.15 14.61
N LEU A 313 -0.14 -2.74 14.23
CA LEU A 313 -1.00 -3.69 13.55
C LEU A 313 -0.49 -4.09 12.18
N GLU A 314 0.31 -3.25 11.52
CA GLU A 314 0.97 -3.64 10.29
C GLU A 314 2.20 -4.49 10.57
N ARG A 315 3.04 -4.09 11.54
CA ARG A 315 4.30 -4.82 11.73
C ARG A 315 4.06 -6.18 12.36
N ILE A 316 3.04 -6.32 13.23
CA ILE A 316 2.85 -7.61 13.89
C ILE A 316 2.50 -8.68 12.88
N LYS A 317 2.08 -8.32 11.67
CA LYS A 317 1.83 -9.37 10.68
C LYS A 317 3.06 -10.22 10.45
N PHE A 318 4.24 -9.68 10.69
CA PHE A 318 5.47 -10.44 10.40
C PHE A 318 5.96 -11.24 11.61
N LEU A 319 5.26 -11.20 12.74
CA LEU A 319 5.86 -11.74 13.99
C LEU A 319 6.07 -13.25 13.95
N SER A 320 5.06 -14.03 13.56
CA SER A 320 5.33 -15.46 13.67
C SER A 320 6.38 -15.90 12.67
N TYR A 321 6.38 -15.29 11.47
CA TYR A 321 7.36 -15.64 10.45
C TYR A 321 8.77 -15.23 10.89
N ASN A 322 8.92 -14.00 11.43
CA ASN A 322 10.22 -13.58 11.91
C ASN A 322 10.68 -14.45 13.07
N ASN A 323 9.75 -14.88 13.92
CA ASN A 323 10.12 -15.77 15.02
C ASN A 323 10.57 -17.11 14.50
N LEU A 324 9.92 -17.60 13.42
CA LEU A 324 10.37 -18.88 12.85
C LEU A 324 11.79 -18.74 12.30
N LYS A 325 12.07 -17.66 11.61
CA LYS A 325 13.41 -17.41 11.12
C LYS A 325 14.43 -17.38 12.25
N ARG A 326 14.10 -16.72 13.38
CA ARG A 326 14.97 -16.74 14.54
C ARG A 326 15.27 -18.16 15.04
N VAL A 327 14.26 -19.03 15.14
N VAL A 327 14.24 -19.01 15.18
CA VAL A 327 14.53 -20.35 15.69
CA VAL A 327 14.47 -20.38 15.65
C VAL A 327 15.35 -21.17 14.70
C VAL A 327 15.43 -21.08 14.72
N PHE A 328 15.22 -20.90 13.39
CA PHE A 328 16.11 -21.59 12.45
C PHE A 328 17.55 -21.13 12.64
N LEU A 329 17.75 -19.83 12.79
CA LEU A 329 19.11 -19.32 12.99
C LEU A 329 19.68 -19.87 14.29
N ALA A 330 18.89 -19.90 15.37
CA ALA A 330 19.37 -20.45 16.65
C ALA A 330 19.82 -21.91 16.49
N GLN A 331 18.95 -22.77 15.94
CA GLN A 331 19.31 -24.16 15.66
C GLN A 331 20.61 -24.26 14.89
N ARG A 332 20.79 -23.40 13.88
CA ARG A 332 21.94 -23.49 13.02
C ARG A 332 23.22 -23.11 13.79
N TYR A 333 23.14 -22.14 14.69
CA TYR A 333 24.29 -21.88 15.57
C TYR A 333 24.57 -23.08 16.47
N ILE A 334 23.53 -23.64 17.09
CA ILE A 334 23.73 -24.74 18.04
C ILE A 334 24.38 -25.94 17.35
N ARG A 335 23.87 -26.29 16.15
CA ARG A 335 24.37 -27.50 15.49
C ARG A 335 25.79 -27.29 14.96
N ASN A 336 26.11 -26.10 14.44
CA ASN A 336 27.41 -25.88 13.78
C ASN A 336 28.53 -25.51 14.72
N LEU A 337 28.21 -25.16 15.96
CA LEU A 337 29.16 -24.81 17.02
C LEU A 337 29.36 -25.95 18.03
N LYS A 338 28.65 -27.08 17.83
CA LYS A 338 28.73 -28.20 18.77
C LYS A 338 30.18 -28.64 19.00
N GLU A 339 31.02 -28.63 17.96
CA GLU A 339 32.40 -29.08 18.17
C GLU A 339 33.10 -28.26 19.24
N LEU A 340 32.83 -26.94 19.31
CA LEU A 340 33.51 -26.10 20.28
C LEU A 340 33.07 -26.45 21.68
N GLU A 341 31.81 -26.87 21.82
CA GLU A 341 31.32 -27.34 23.10
C GLU A 341 31.90 -28.71 23.44
N ASP A 342 32.08 -29.61 22.44
CA ASP A 342 32.69 -30.90 22.75
C ASP A 342 34.13 -30.71 23.20
N ARG A 343 34.82 -29.67 22.69
CA ARG A 343 36.19 -29.35 23.11
C ARG A 343 36.25 -28.57 24.41
N GLU A 344 35.10 -28.35 25.05
CA GLU A 344 35.01 -27.67 26.33
C GLU A 344 35.58 -26.25 26.24
N LEU A 345 35.35 -25.60 25.09
CA LEU A 345 35.71 -24.19 24.99
C LEU A 345 34.52 -23.28 25.20
N ILE A 346 33.31 -23.75 24.86
CA ILE A 346 32.11 -22.94 25.04
C ILE A 346 31.01 -23.82 25.60
N LYS A 347 29.94 -23.15 26.05
CA LYS A 347 28.67 -23.78 26.36
C LYS A 347 27.58 -23.14 25.50
N LEU A 348 26.76 -23.97 24.90
CA LEU A 348 25.72 -23.53 24.00
C LEU A 348 24.35 -23.62 24.65
N PRO A 349 23.40 -22.79 24.22
CA PRO A 349 22.00 -22.98 24.65
C PRO A 349 21.44 -24.25 24.03
N ARG A 350 20.37 -24.74 24.63
CA ARG A 350 19.62 -25.88 24.14
C ARG A 350 18.36 -25.40 23.45
N MET A 351 17.91 -26.16 22.50
CA MET A 351 16.66 -25.86 21.85
C MET A 351 15.50 -26.24 22.77
N THR A 352 14.59 -25.26 23.08
CA THR A 352 13.41 -25.61 23.86
C THR A 352 12.20 -24.94 23.18
N GLU A 353 11.01 -25.43 23.50
CA GLU A 353 9.81 -25.01 22.81
C GLU A 353 9.31 -23.64 23.24
N ASP A 354 9.87 -23.08 24.33
CA ASP A 354 9.39 -21.77 24.78
C ASP A 354 10.29 -20.63 24.31
N ASN A 355 11.51 -20.88 23.83
CA ASN A 355 12.42 -19.79 23.57
C ASN A 355 12.04 -19.11 22.25
N VAL A 356 11.96 -17.76 22.25
CA VAL A 356 11.74 -17.05 20.99
C VAL A 356 12.99 -16.37 20.49
N TRP A 357 14.16 -16.57 21.15
CA TRP A 357 15.45 -16.28 20.55
C TRP A 357 15.53 -14.80 20.17
N HIS A 358 15.17 -13.92 21.15
CA HIS A 358 15.43 -12.51 20.98
C HIS A 358 16.94 -12.25 20.92
N LEU A 359 17.71 -12.90 21.80
CA LEU A 359 19.17 -12.82 21.82
C LEU A 359 19.71 -14.24 21.96
N PHE A 360 20.95 -14.47 21.49
CA PHE A 360 21.51 -15.82 21.37
C PHE A 360 22.76 -15.84 22.23
N PRO A 361 22.68 -16.33 23.46
CA PRO A 361 23.87 -16.32 24.33
C PRO A 361 24.67 -17.60 24.22
N ILE A 362 25.99 -17.44 24.30
CA ILE A 362 26.86 -18.57 24.52
C ILE A 362 27.70 -18.21 25.74
N ARG A 363 28.38 -19.19 26.31
CA ARG A 363 29.35 -18.94 27.37
C ARG A 363 30.72 -19.36 26.87
N ILE A 364 31.70 -18.46 26.99
CA ILE A 364 33.11 -18.75 26.69
C ILE A 364 33.78 -19.03 28.02
N ILE A 365 34.28 -20.28 28.22
CA ILE A 365 34.71 -20.58 29.58
C ILE A 365 36.22 -20.44 29.67
N ASN A 366 36.78 -20.76 30.84
CA ASN A 366 38.26 -20.74 31.02
C ASN A 366 38.81 -19.33 30.86
N GLY A 367 37.96 -18.35 31.12
CA GLY A 367 38.30 -16.95 31.15
C GLY A 367 38.60 -16.33 29.81
N ARG A 368 38.24 -16.99 28.72
CA ARG A 368 38.61 -16.48 27.42
C ARG A 368 37.59 -15.58 26.76
N ARG A 369 36.51 -15.16 27.45
CA ARG A 369 35.45 -14.43 26.76
C ARG A 369 35.96 -13.12 26.16
N ASP A 370 36.74 -12.34 26.93
CA ASP A 370 37.11 -11.03 26.43
C ASP A 370 38.04 -11.17 25.22
N GLU A 371 38.94 -12.15 25.27
CA GLU A 371 39.90 -12.36 24.18
C GLU A 371 39.12 -12.79 22.94
N VAL A 372 38.13 -13.67 23.12
CA VAL A 372 37.41 -14.13 21.93
C VAL A 372 36.58 -12.97 21.37
N LYS A 373 35.85 -12.23 22.25
CA LYS A 373 35.08 -11.07 21.76
C LYS A 373 35.98 -10.10 21.00
N ASN A 374 37.12 -9.77 21.56
CA ASN A 374 37.92 -8.71 20.96
C ASN A 374 38.58 -9.18 19.66
N LYS A 375 39.05 -10.42 19.62
CA LYS A 375 39.63 -10.99 18.41
C LYS A 375 38.58 -11.22 17.33
N LEU A 376 37.34 -11.54 17.72
CA LEU A 376 36.32 -11.68 16.67
C LEU A 376 36.18 -10.35 15.92
N TYR A 377 36.18 -9.22 16.67
CA TYR A 377 36.04 -7.93 16.03
C TYR A 377 37.32 -7.52 15.29
N GLN A 378 38.48 -7.55 15.98
CA GLN A 378 39.69 -6.98 15.42
C GLN A 378 40.29 -7.87 14.33
N LEU A 379 40.24 -9.19 14.52
CA LEU A 379 40.86 -10.10 13.55
C LEU A 379 39.85 -10.58 12.51
N TYR A 380 38.54 -10.66 12.84
CA TYR A 380 37.59 -11.29 11.92
C TYR A 380 36.48 -10.37 11.47
N ASN A 381 36.47 -9.11 11.97
CA ASN A 381 35.44 -8.12 11.61
C ASN A 381 34.03 -8.57 11.95
N ILE A 382 33.86 -9.19 13.10
CA ILE A 382 32.57 -9.66 13.58
C ILE A 382 32.28 -8.95 14.88
N GLU A 383 31.19 -8.20 14.90
CA GLU A 383 30.70 -7.59 16.16
C GLU A 383 29.93 -8.60 16.93
N THR A 384 30.26 -8.76 18.21
CA THR A 384 29.40 -9.47 19.14
C THR A 384 29.12 -8.48 20.26
N ASP A 385 28.26 -8.87 21.16
CA ASP A 385 27.90 -7.92 22.24
C ASP A 385 27.64 -8.69 23.52
N ILE A 386 27.52 -7.94 24.64
CA ILE A 386 27.25 -8.51 25.97
C ILE A 386 26.01 -7.81 26.49
N TYR A 387 24.88 -8.52 26.45
CA TYR A 387 23.61 -8.00 27.05
C TYR A 387 23.51 -8.62 28.43
N TYR A 388 23.92 -7.93 29.50
CA TYR A 388 24.24 -6.49 29.56
C TYR A 388 25.59 -6.31 30.25
N PRO A 389 26.29 -5.20 30.02
CA PRO A 389 27.71 -5.16 30.43
C PRO A 389 27.93 -4.95 31.91
N VAL A 390 26.95 -4.43 32.65
CA VAL A 390 27.13 -4.19 34.09
C VAL A 390 25.95 -4.81 34.82
N LEU A 391 26.21 -5.56 35.90
CA LEU A 391 25.10 -6.13 36.66
C LEU A 391 24.50 -5.05 37.59
N SER A 392 23.25 -5.31 38.04
CA SER A 392 22.53 -4.25 38.76
C SER A 392 23.26 -3.77 40.02
N HIS A 393 23.86 -4.70 40.76
CA HIS A 393 24.52 -4.35 42.00
C HIS A 393 25.99 -3.90 41.79
N LYS A 394 26.38 -3.59 40.55
CA LYS A 394 27.75 -3.22 40.28
C LYS A 394 27.91 -1.85 39.61
N HIS A 395 26.85 -1.05 39.50
CA HIS A 395 27.01 0.35 39.07
C HIS A 395 27.61 1.26 40.13
N ASN A 396 28.27 2.35 39.69
CA ASN A 396 28.78 3.35 40.63
C ASN A 396 27.71 4.41 40.78
N THR A 397 26.65 4.01 41.44
CA THR A 397 25.60 4.93 41.83
C THR A 397 25.47 4.98 43.35
N LYS A 398 24.92 6.09 43.87
CA LYS A 398 24.68 6.18 45.31
C LYS A 398 23.78 5.05 45.80
N LEU A 399 22.79 4.65 44.98
CA LEU A 399 21.91 3.57 45.40
C LEU A 399 22.72 2.30 45.63
N VAL A 400 23.55 1.95 44.69
CA VAL A 400 24.31 0.70 44.83
C VAL A 400 25.28 0.82 46.01
N LYS A 401 26.03 1.93 46.06
CA LYS A 401 27.01 2.09 47.13
C LYS A 401 26.38 2.10 48.51
N LYS A 402 25.13 2.55 48.65
CA LYS A 402 24.49 2.55 49.95
C LYS A 402 23.75 1.26 50.32
N ASN A 403 23.31 0.49 49.35
CA ASN A 403 22.38 -0.62 49.58
C ASN A 403 22.79 -1.98 49.09
N TYR A 404 23.66 -2.08 48.08
CA TYR A 404 23.87 -3.37 47.43
C TYR A 404 25.30 -3.83 47.50
N MET A 405 26.10 -3.23 48.37
CA MET A 405 27.52 -3.60 48.46
C MET A 405 27.74 -4.95 49.12
N GLN A 406 26.77 -5.47 49.86
CA GLN A 406 26.97 -6.78 50.44
C GLN A 406 26.29 -7.88 49.64
N ASP A 407 25.68 -7.55 48.50
CA ASP A 407 25.06 -8.57 47.66
C ASP A 407 26.13 -9.41 46.98
N THR A 408 26.00 -10.73 47.08
CA THR A 408 26.85 -11.66 46.34
C THR A 408 25.94 -12.60 45.59
N LEU A 409 26.04 -12.56 44.29
CA LEU A 409 25.21 -13.34 43.41
C LEU A 409 26.19 -14.21 42.61
N LEU A 410 26.49 -15.39 43.14
CA LEU A 410 27.68 -16.10 42.66
C LEU A 410 27.51 -16.59 41.22
N ASN A 411 26.38 -17.25 40.90
N ASN A 411 26.35 -17.15 40.89
CA ASN A 411 26.11 -17.67 39.54
CA ASN A 411 26.14 -17.65 39.55
C ASN A 411 26.07 -16.48 38.61
C ASN A 411 25.95 -16.52 38.55
N THR A 412 25.25 -15.45 38.96
CA THR A 412 25.14 -14.29 38.08
C THR A 412 26.52 -13.75 37.74
N GLU A 413 27.37 -13.60 38.76
CA GLU A 413 28.66 -12.97 38.56
C GLU A 413 29.57 -13.88 37.74
N GLN A 414 29.52 -15.19 37.96
CA GLN A 414 30.38 -16.05 37.16
C GLN A 414 29.92 -16.06 35.71
N VAL A 415 28.63 -16.28 35.48
CA VAL A 415 28.15 -16.33 34.12
C VAL A 415 28.46 -15.03 33.40
N HIS A 416 28.38 -13.89 34.13
CA HIS A 416 28.63 -12.58 33.51
C HIS A 416 30.05 -12.47 32.94
N LYS A 417 31.02 -13.21 33.51
CA LYS A 417 32.39 -13.27 32.99
C LYS A 417 32.48 -14.07 31.71
N GLU A 418 31.45 -14.87 31.40
CA GLU A 418 31.53 -15.87 30.30
C GLU A 418 30.59 -15.55 29.16
N ILE A 419 29.56 -14.74 29.42
CA ILE A 419 28.53 -14.66 28.38
C ILE A 419 29.00 -13.86 27.17
N LEU A 420 28.47 -14.26 26.00
CA LEU A 420 28.67 -13.48 24.79
C LEU A 420 27.46 -13.72 23.90
N HIS A 421 26.96 -12.65 23.28
CA HIS A 421 25.80 -12.80 22.38
C HIS A 421 26.26 -12.71 20.95
N LEU A 422 25.75 -13.66 20.14
CA LEU A 422 26.07 -13.69 18.72
C LEU A 422 24.97 -13.03 17.91
N PRO A 423 25.35 -12.46 16.75
CA PRO A 423 24.34 -11.77 15.91
C PRO A 423 23.20 -12.73 15.52
N LEU A 424 22.00 -12.28 15.71
CA LEU A 424 20.84 -13.10 15.41
C LEU A 424 19.67 -12.13 15.23
N HIS A 425 19.24 -11.97 13.97
CA HIS A 425 18.07 -11.14 13.72
C HIS A 425 17.47 -11.69 12.43
N PRO A 426 16.15 -11.63 12.28
CA PRO A 426 15.47 -12.48 11.27
C PRO A 426 15.78 -12.11 9.84
N ASN A 427 16.26 -10.93 9.59
CA ASN A 427 16.63 -10.56 8.24
C ASN A 427 18.08 -10.89 7.93
N MET A 428 18.80 -11.53 8.84
CA MET A 428 20.18 -11.99 8.56
C MET A 428 20.16 -12.94 7.38
N LEU A 429 21.21 -12.87 6.56
CA LEU A 429 21.47 -13.90 5.55
C LEU A 429 22.19 -15.11 6.15
N LEU A 430 21.92 -16.30 5.59
CA LEU A 430 22.71 -17.43 6.06
C LEU A 430 24.17 -17.26 5.71
N GLU A 431 24.50 -16.49 4.64
CA GLU A 431 25.92 -16.18 4.36
C GLU A 431 26.53 -15.39 5.51
N GLU A 432 25.70 -14.53 6.14
CA GLU A 432 26.24 -13.76 7.22
C GLU A 432 26.46 -14.65 8.43
N GLN A 433 25.51 -15.55 8.71
CA GLN A 433 25.71 -16.46 9.85
C GLN A 433 26.92 -17.37 9.60
N ASN A 434 27.13 -17.77 8.34
CA ASN A 434 28.31 -18.57 8.02
C ASN A 434 29.59 -17.80 8.31
N PHE A 435 29.57 -16.48 8.06
CA PHE A 435 30.74 -15.65 8.34
C PHE A 435 31.03 -15.64 9.83
N VAL A 436 29.97 -15.49 10.66
CA VAL A 436 30.15 -15.57 12.12
C VAL A 436 30.67 -16.95 12.54
N LEU A 437 30.06 -18.02 12.01
CA LEU A 437 30.45 -19.38 12.37
C LEU A 437 31.92 -19.62 12.07
N GLU A 438 32.38 -19.19 10.88
CA GLU A 438 33.79 -19.41 10.53
C GLU A 438 34.74 -18.61 11.43
N GLY A 439 34.33 -17.41 11.83
CA GLY A 439 35.17 -16.66 12.76
C GLY A 439 35.27 -17.33 14.12
N LEU A 440 34.14 -17.83 14.62
CA LEU A 440 34.11 -18.49 15.92
C LEU A 440 34.96 -19.74 15.90
N ILE A 441 34.88 -20.51 14.82
CA ILE A 441 35.74 -21.68 14.70
C ILE A 441 37.20 -21.27 14.62
N ASN A 442 37.54 -20.28 13.79
CA ASN A 442 38.94 -19.91 13.59
C ASN A 442 39.52 -19.33 14.86
N VAL A 443 38.73 -18.52 15.59
CA VAL A 443 39.33 -17.90 16.76
C VAL A 443 39.52 -18.87 17.89
N ASN A 444 38.97 -20.07 17.78
CA ASN A 444 39.12 -21.11 18.78
C ASN A 444 39.94 -22.31 18.33
N LYS A 445 40.75 -22.19 17.27
CA LYS A 445 41.54 -23.33 16.84
C LYS A 445 42.56 -23.68 17.93
N THR B 7 37.14 -27.85 -26.64
CA THR B 7 36.25 -27.24 -27.63
C THR B 7 35.24 -26.34 -26.88
N LEU B 8 34.59 -25.39 -27.56
CA LEU B 8 33.79 -24.39 -26.83
C LEU B 8 32.51 -24.07 -27.56
N THR B 9 31.39 -24.10 -26.82
CA THR B 9 30.04 -23.78 -27.28
C THR B 9 29.54 -22.56 -26.52
N THR B 10 28.97 -21.60 -27.24
CA THR B 10 28.32 -20.49 -26.59
C THR B 10 26.84 -20.79 -26.60
N ILE B 11 26.26 -20.96 -25.42
CA ILE B 11 24.82 -21.24 -25.26
C ILE B 11 24.00 -20.06 -25.76
N SER B 12 23.16 -20.28 -26.79
CA SER B 12 22.38 -19.21 -27.41
C SER B 12 21.04 -18.97 -26.73
N GLY B 13 20.61 -19.88 -25.87
CA GLY B 13 19.31 -19.82 -25.25
C GLY B 13 18.25 -20.64 -25.94
N HIS B 14 18.60 -21.39 -26.99
CA HIS B 14 17.64 -22.21 -27.74
C HIS B 14 17.79 -23.71 -27.44
N SER B 15 16.91 -24.49 -28.08
CA SER B 15 16.70 -25.88 -27.65
C SER B 15 17.92 -26.75 -27.93
N LYS B 16 18.59 -26.54 -29.05
CA LYS B 16 19.72 -27.39 -29.34
C LYS B 16 20.81 -27.26 -28.28
N ASP B 17 21.16 -26.04 -27.94
CA ASP B 17 22.19 -25.83 -26.92
C ASP B 17 21.77 -26.29 -25.54
N ASN B 18 20.47 -26.17 -25.20
CA ASN B 18 20.04 -26.74 -23.92
C ASN B 18 20.27 -28.24 -23.85
N LEU B 19 19.97 -28.95 -24.93
CA LEU B 19 20.22 -30.40 -24.91
C LEU B 19 21.71 -30.67 -24.77
N ALA B 20 22.52 -29.85 -25.45
CA ALA B 20 23.96 -30.11 -25.35
C ALA B 20 24.44 -29.85 -23.92
N LEU B 21 23.92 -28.77 -23.31
CA LEU B 21 24.32 -28.45 -21.96
C LEU B 21 23.87 -29.53 -21.00
N LEU B 22 22.66 -30.03 -21.17
CA LEU B 22 22.14 -31.07 -20.30
C LEU B 22 23.01 -32.31 -20.34
N LYS B 23 23.43 -32.71 -21.54
CA LYS B 23 24.31 -33.87 -21.67
C LYS B 23 25.63 -33.66 -20.94
N CYS B 24 26.17 -32.45 -20.99
CA CYS B 24 27.38 -32.12 -20.24
C CYS B 24 27.13 -32.17 -18.73
N LEU B 25 26.04 -31.58 -18.25
CA LEU B 25 25.77 -31.60 -16.82
C LEU B 25 25.62 -33.02 -16.32
N GLN B 26 25.15 -33.94 -17.17
CA GLN B 26 25.00 -35.34 -16.77
C GLN B 26 26.21 -36.19 -17.05
N GLY B 27 27.25 -35.61 -17.64
CA GLY B 27 28.45 -36.39 -17.94
C GLY B 27 28.31 -37.36 -19.09
N GLU B 28 27.30 -37.17 -19.97
CA GLU B 28 27.28 -37.87 -21.24
C GLU B 28 28.22 -37.23 -22.24
N THR B 29 28.79 -36.07 -21.90
CA THR B 29 29.86 -35.44 -22.65
C THR B 29 30.90 -34.97 -21.65
N LYS B 30 32.16 -34.99 -22.06
CA LYS B 30 33.23 -34.63 -21.16
C LYS B 30 34.16 -33.63 -21.75
N GLU B 31 34.20 -33.61 -23.06
CA GLU B 31 35.18 -32.77 -23.69
C GLU B 31 34.72 -31.39 -24.10
N LYS B 32 33.61 -30.91 -23.55
CA LYS B 32 33.09 -29.64 -23.99
C LYS B 32 33.04 -28.52 -22.99
N GLU B 33 33.53 -27.37 -23.39
CA GLU B 33 33.45 -26.18 -22.54
C GLU B 33 32.29 -25.31 -23.00
N PHE B 34 31.62 -24.63 -22.02
CA PHE B 34 30.51 -23.79 -22.37
C PHE B 34 30.69 -22.36 -21.88
N GLU B 35 30.34 -21.43 -22.77
CA GLU B 35 30.08 -20.04 -22.41
C GLU B 35 28.61 -19.78 -22.66
N ILE B 36 28.14 -18.56 -22.34
CA ILE B 36 26.73 -18.27 -22.55
C ILE B 36 26.57 -16.84 -23.06
N SER B 37 25.68 -16.66 -24.04
CA SER B 37 25.55 -15.33 -24.62
C SER B 37 24.75 -14.43 -23.69
N ASN B 38 24.96 -13.12 -23.83
CA ASN B 38 24.40 -12.11 -22.93
C ASN B 38 23.03 -11.62 -23.35
N VAL B 39 22.28 -12.43 -24.08
CA VAL B 39 20.94 -12.01 -24.50
C VAL B 39 19.97 -12.19 -23.32
N LEU B 40 18.89 -11.43 -23.35
CA LEU B 40 18.00 -11.40 -22.20
C LEU B 40 17.42 -12.77 -21.86
N PRO B 41 17.08 -13.64 -22.81
CA PRO B 41 16.49 -14.94 -22.45
C PRO B 41 17.47 -15.87 -21.71
N ASN B 42 18.75 -15.49 -21.63
CA ASN B 42 19.76 -16.25 -20.93
C ASN B 42 20.09 -15.70 -19.56
N HIS B 43 19.44 -14.61 -19.15
N HIS B 43 19.45 -14.61 -19.10
CA HIS B 43 19.82 -13.92 -17.93
CA HIS B 43 19.95 -13.93 -17.90
C HIS B 43 19.87 -14.85 -16.71
C HIS B 43 19.87 -14.80 -16.64
N LYS B 44 18.77 -15.54 -16.43
CA LYS B 44 18.71 -16.42 -15.26
C LYS B 44 19.67 -17.61 -15.39
N MET B 45 19.73 -18.24 -16.55
CA MET B 45 20.72 -19.34 -16.68
C MET B 45 22.14 -18.86 -16.39
N LYS B 46 22.49 -17.67 -16.90
CA LYS B 46 23.86 -17.18 -16.67
C LYS B 46 24.10 -16.90 -15.21
N GLU B 47 23.08 -16.34 -14.53
CA GLU B 47 23.28 -16.06 -13.12
C GLU B 47 23.36 -17.35 -12.30
N LYS B 48 22.54 -18.35 -12.62
CA LYS B 48 22.42 -19.55 -11.80
C LYS B 48 23.57 -20.52 -12.08
N LEU B 49 23.93 -20.71 -13.34
CA LEU B 49 24.86 -21.80 -13.68
C LEU B 49 26.27 -21.36 -14.08
N PHE B 50 26.54 -20.07 -14.25
CA PHE B 50 27.84 -19.61 -14.71
C PHE B 50 28.46 -18.66 -13.72
N ARG B 51 29.78 -18.62 -13.73
CA ARG B 51 30.54 -17.59 -13.04
C ARG B 51 31.65 -17.16 -13.98
N GLU B 52 31.71 -15.84 -14.22
CA GLU B 52 32.69 -15.28 -15.13
C GLU B 52 32.63 -15.99 -16.48
N ASN B 53 31.41 -16.24 -16.92
CA ASN B 53 31.12 -16.81 -18.24
C ASN B 53 31.76 -18.18 -18.40
N LYS B 54 31.82 -18.92 -17.32
CA LYS B 54 32.27 -20.30 -17.33
C LYS B 54 31.29 -21.06 -16.46
N LEU B 55 30.96 -22.27 -16.87
CA LEU B 55 30.06 -23.12 -16.12
C LEU B 55 30.59 -23.34 -14.70
N LYS B 56 29.72 -23.24 -13.72
CA LYS B 56 30.09 -23.53 -12.36
C LYS B 56 30.55 -24.98 -12.30
N ILE B 57 31.52 -25.25 -11.46
CA ILE B 57 32.09 -26.56 -11.40
C ILE B 57 31.28 -27.50 -10.59
N ASP B 58 30.63 -26.98 -9.61
CA ASP B 58 29.85 -27.81 -8.75
C ASP B 58 28.35 -27.86 -9.03
N ILE B 59 27.87 -28.31 -10.17
CA ILE B 59 26.44 -28.26 -10.39
C ILE B 59 25.80 -29.59 -10.19
N ASP B 60 24.89 -29.66 -9.23
CA ASP B 60 24.14 -30.88 -9.05
C ASP B 60 22.72 -30.59 -9.51
N ILE B 61 22.28 -31.28 -10.57
CA ILE B 61 21.02 -30.90 -11.19
C ILE B 61 19.90 -31.06 -10.19
N GLU B 62 19.87 -32.20 -9.50
CA GLU B 62 18.79 -32.50 -8.58
C GLU B 62 18.72 -31.50 -7.41
N LYS B 63 19.87 -31.23 -6.75
CA LYS B 63 19.86 -30.32 -5.60
C LYS B 63 19.84 -28.86 -6.00
N ASP B 64 20.69 -28.48 -6.93
CA ASP B 64 20.87 -27.06 -7.20
C ASP B 64 19.81 -26.51 -8.11
N ILE B 65 19.33 -27.32 -9.06
CA ILE B 65 18.36 -26.81 -10.01
C ILE B 65 16.94 -27.18 -9.59
N PHE B 66 16.74 -28.36 -9.01
CA PHE B 66 15.38 -28.76 -8.64
C PHE B 66 15.13 -28.73 -7.14
N ASN B 67 16.11 -28.32 -6.34
CA ASN B 67 15.95 -28.25 -4.88
C ASN B 67 15.44 -29.58 -4.31
N TYR B 68 15.94 -30.71 -4.83
CA TYR B 68 15.51 -32.02 -4.32
C TYR B 68 15.80 -32.13 -2.84
N SER B 69 14.79 -32.55 -2.04
CA SER B 69 14.97 -32.63 -0.60
C SER B 69 14.13 -33.75 0.02
N ARG B 70 13.77 -34.78 -0.74
CA ARG B 70 12.98 -35.91 -0.25
C ARG B 70 11.62 -35.49 0.29
N LYS B 71 11.00 -34.50 -0.35
CA LYS B 71 9.66 -34.08 0.06
C LYS B 71 8.68 -35.23 -0.10
N ASN B 72 7.72 -35.28 0.82
CA ASN B 72 6.67 -36.28 0.77
C ASN B 72 5.49 -35.72 -0.01
N ILE B 73 5.16 -36.32 -1.13
CA ILE B 73 4.12 -35.80 -2.02
C ILE B 73 2.80 -36.51 -1.74
N GLN B 74 1.69 -35.76 -1.82
CA GLN B 74 0.36 -36.32 -1.60
C GLN B 74 -0.55 -36.24 -2.80
N LYS B 75 -0.30 -35.33 -3.72
CA LYS B 75 -1.19 -35.21 -4.86
C LYS B 75 -0.48 -34.39 -5.95
N ILE B 76 -0.98 -34.51 -7.17
CA ILE B 76 -0.40 -33.86 -8.34
C ILE B 76 -1.53 -33.19 -9.08
N GLU B 77 -1.41 -31.89 -9.26
CA GLU B 77 -2.22 -31.15 -10.21
C GLU B 77 -1.48 -31.01 -11.52
N PHE B 78 -2.23 -30.98 -12.61
CA PHE B 78 -1.61 -30.96 -13.91
C PHE B 78 -0.79 -29.68 -14.13
N MET B 79 -1.39 -28.53 -13.84
CA MET B 79 -0.76 -27.24 -14.14
C MET B 79 -1.25 -26.21 -13.14
N PRO B 80 -0.78 -26.29 -11.92
CA PRO B 80 -1.20 -25.33 -10.91
C PRO B 80 -0.56 -23.97 -11.25
N VAL B 81 -1.41 -22.98 -11.60
CA VAL B 81 -0.84 -21.75 -12.17
C VAL B 81 -0.01 -20.98 -11.14
N ASN B 82 -0.24 -21.19 -9.86
CA ASN B 82 0.63 -20.52 -8.90
C ASN B 82 2.10 -21.02 -8.97
N ARG B 83 2.32 -22.26 -9.46
CA ARG B 83 3.69 -22.78 -9.56
C ARG B 83 4.44 -22.27 -10.78
N LEU B 84 3.76 -21.55 -11.71
CA LEU B 84 4.42 -21.16 -12.95
C LEU B 84 5.16 -19.84 -12.84
N ILE B 85 5.02 -19.10 -11.72
CA ILE B 85 5.76 -17.88 -11.54
C ILE B 85 6.51 -17.97 -10.24
N SER B 86 7.75 -17.51 -10.25
CA SER B 86 8.64 -17.57 -9.09
C SER B 86 8.63 -16.25 -8.33
N GLN B 87 9.07 -16.33 -7.05
CA GLN B 87 9.24 -15.12 -6.28
C GLN B 87 10.24 -14.19 -6.93
N SER B 88 11.30 -14.74 -7.56
CA SER B 88 12.27 -13.86 -8.20
C SER B 88 11.60 -13.07 -9.33
N GLU B 89 10.74 -13.73 -10.09
CA GLU B 89 10.03 -13.06 -11.17
C GLU B 89 9.14 -11.97 -10.58
N ILE B 90 8.37 -12.33 -9.55
CA ILE B 90 7.46 -11.34 -8.93
C ILE B 90 8.25 -10.12 -8.47
N ASP B 91 9.38 -10.33 -7.77
CA ASP B 91 10.18 -9.19 -7.31
C ASP B 91 10.63 -8.30 -8.46
N GLY B 92 11.09 -8.91 -9.54
CA GLY B 92 11.50 -8.15 -10.72
C GLY B 92 10.33 -7.41 -11.36
N ILE B 93 9.17 -8.04 -11.41
CA ILE B 93 7.99 -7.42 -12.00
C ILE B 93 7.59 -6.18 -11.19
N ILE B 94 7.57 -6.31 -9.85
CA ILE B 94 7.21 -5.16 -9.02
C ILE B 94 8.21 -4.03 -9.25
N GLY B 95 9.51 -4.39 -9.34
CA GLY B 95 10.54 -3.37 -9.61
C GLY B 95 10.34 -2.65 -10.93
N THR B 96 10.02 -3.38 -11.99
CA THR B 96 9.86 -2.68 -13.27
C THR B 96 8.56 -1.90 -13.29
N LEU B 97 7.50 -2.43 -12.68
CA LEU B 97 6.25 -1.65 -12.72
C LEU B 97 6.34 -0.37 -11.89
N LYS B 98 7.22 -0.31 -10.87
CA LYS B 98 7.46 0.96 -10.20
C LYS B 98 8.10 1.97 -11.15
N GLU B 99 8.73 1.51 -12.26
CA GLU B 99 9.24 2.51 -13.19
C GLU B 99 8.24 2.80 -14.30
N VAL B 100 7.45 1.83 -14.70
CA VAL B 100 6.52 2.04 -15.81
C VAL B 100 5.33 2.85 -15.33
N LEU B 101 4.80 2.54 -14.15
CA LEU B 101 3.53 3.17 -13.76
C LEU B 101 3.62 4.68 -13.76
N PRO B 102 4.66 5.33 -13.22
CA PRO B 102 4.62 6.80 -13.22
C PRO B 102 4.73 7.44 -14.60
N THR B 103 5.15 6.70 -15.65
CA THR B 103 5.19 7.30 -16.99
C THR B 103 3.80 7.50 -17.57
N GLY B 104 2.79 6.77 -17.05
CA GLY B 104 1.46 6.72 -17.62
C GLY B 104 1.38 6.18 -19.03
N GLN B 105 2.46 5.56 -19.52
CA GLN B 105 2.46 4.98 -20.88
C GLN B 105 1.95 3.55 -20.83
N PHE B 106 0.65 3.41 -21.12
CA PHE B 106 -0.02 2.13 -20.96
C PHE B 106 -0.58 1.59 -22.27
N THR B 107 -0.33 2.24 -23.38
CA THR B 107 -0.74 1.66 -24.64
C THR B 107 0.56 1.34 -25.38
N SER B 108 0.94 2.14 -26.33
CA SER B 108 2.26 2.04 -26.89
C SER B 108 3.27 2.51 -25.86
N GLY B 109 4.51 2.14 -26.07
CA GLY B 109 5.53 2.77 -25.26
C GLY B 109 6.83 2.07 -25.50
N PRO B 110 7.86 2.51 -24.78
CA PRO B 110 9.21 2.04 -25.11
C PRO B 110 9.47 0.61 -24.73
N PHE B 111 8.72 0.03 -23.77
CA PHE B 111 8.96 -1.36 -23.46
C PHE B 111 8.43 -2.26 -24.56
N SER B 112 7.30 -1.90 -25.21
CA SER B 112 6.87 -2.67 -26.38
C SER B 112 7.97 -2.77 -27.42
N LYS B 113 8.59 -1.63 -27.74
CA LYS B 113 9.61 -1.61 -28.77
C LYS B 113 10.80 -2.43 -28.34
N LYS B 114 11.19 -2.32 -27.06
CA LYS B 114 12.33 -3.11 -26.61
C LYS B 114 12.05 -4.61 -26.68
N LEU B 115 10.83 -5.03 -26.31
CA LEU B 115 10.54 -6.47 -26.40
C LEU B 115 10.52 -6.95 -27.83
N GLU B 116 10.01 -6.09 -28.75
CA GLU B 116 10.07 -6.48 -30.17
C GLU B 116 11.50 -6.69 -30.64
N GLU B 117 12.44 -5.85 -30.18
CA GLU B 117 13.86 -5.98 -30.53
C GLU B 117 14.43 -7.28 -29.96
N VAL B 118 14.12 -7.56 -28.69
CA VAL B 118 14.64 -8.75 -28.03
C VAL B 118 14.14 -10.00 -28.75
N ILE B 119 12.84 -10.01 -29.07
CA ILE B 119 12.26 -11.17 -29.76
C ILE B 119 12.84 -11.30 -31.16
N GLY B 120 12.99 -10.18 -31.88
CA GLY B 120 13.63 -10.26 -33.19
C GLY B 120 15.04 -10.83 -33.12
N ASP B 121 15.82 -10.40 -32.14
CA ASP B 121 17.17 -10.97 -32.08
C ASP B 121 17.12 -12.46 -31.76
N TYR B 122 16.26 -12.84 -30.80
CA TYR B 122 16.16 -14.25 -30.40
C TYR B 122 15.66 -15.13 -31.52
N LEU B 123 14.76 -14.61 -32.36
CA LEU B 123 14.24 -15.40 -33.48
C LEU B 123 15.10 -15.23 -34.75
N ASN B 124 16.06 -14.33 -34.74
CA ASN B 124 16.83 -14.04 -35.97
C ASN B 124 15.93 -13.59 -37.10
N LYS B 125 15.05 -12.67 -36.78
CA LYS B 125 14.13 -12.13 -37.77
C LYS B 125 14.11 -10.62 -37.72
N LYS B 126 13.83 -10.01 -38.87
CA LYS B 126 13.94 -8.56 -38.95
C LYS B 126 12.83 -7.73 -38.38
N TYR B 127 11.64 -8.26 -38.45
CA TYR B 127 10.48 -7.42 -38.07
C TYR B 127 9.64 -8.15 -37.03
N VAL B 128 9.24 -7.44 -35.96
CA VAL B 128 8.41 -8.05 -34.93
C VAL B 128 7.32 -7.05 -34.60
N ILE B 129 6.09 -7.49 -34.59
CA ILE B 129 4.95 -6.67 -34.14
C ILE B 129 4.43 -7.39 -32.91
N ALA B 130 4.65 -6.81 -31.71
CA ALA B 130 4.11 -7.44 -30.51
C ALA B 130 2.63 -7.12 -30.35
N THR B 131 1.79 -8.14 -30.12
CA THR B 131 0.34 -8.07 -30.21
C THR B 131 -0.28 -8.35 -28.86
N SER B 132 -1.59 -8.17 -28.79
CA SER B 132 -2.33 -8.40 -27.57
C SER B 132 -2.62 -9.86 -27.27
N SER B 133 -2.35 -10.76 -28.23
CA SER B 133 -2.51 -12.18 -28.02
C SER B 133 -1.94 -12.89 -29.24
N GLY B 134 -1.68 -14.20 -29.08
CA GLY B 134 -1.33 -15.02 -30.23
C GLY B 134 -2.51 -15.13 -31.20
N THR B 135 -3.73 -15.26 -30.69
CA THR B 135 -4.88 -15.34 -31.61
C THR B 135 -4.96 -14.08 -32.47
N ASP B 136 -4.77 -12.89 -31.85
CA ASP B 136 -4.83 -11.68 -32.64
C ASP B 136 -3.68 -11.58 -33.63
N ALA B 137 -2.48 -12.06 -33.21
CA ALA B 137 -1.36 -12.10 -34.16
C ALA B 137 -1.69 -12.95 -35.38
N LEU B 138 -2.30 -14.10 -35.18
CA LEU B 138 -2.65 -14.95 -36.30
C LEU B 138 -3.69 -14.29 -37.23
N MET B 139 -4.72 -13.71 -36.65
CA MET B 139 -5.75 -13.06 -37.44
C MET B 139 -5.12 -11.95 -38.27
N VAL B 140 -4.34 -11.11 -37.62
CA VAL B 140 -3.71 -9.99 -38.35
C VAL B 140 -2.80 -10.51 -39.47
N SER B 141 -2.04 -11.57 -39.20
CA SER B 141 -1.10 -12.11 -40.21
C SER B 141 -1.86 -12.70 -41.39
N LEU B 142 -2.98 -13.37 -41.10
CA LEU B 142 -3.82 -13.88 -42.20
C LEU B 142 -4.32 -12.74 -43.07
N LEU B 143 -4.78 -11.64 -42.43
CA LEU B 143 -5.20 -10.52 -43.27
C LEU B 143 -4.03 -9.88 -44.04
N SER B 144 -2.84 -9.86 -43.44
CA SER B 144 -1.71 -9.24 -44.12
C SER B 144 -1.31 -9.97 -45.38
N ILE B 145 -1.46 -11.30 -45.44
CA ILE B 145 -1.14 -11.98 -46.68
C ILE B 145 -2.30 -11.97 -47.65
N GLY B 146 -3.41 -11.30 -47.32
CA GLY B 146 -4.44 -11.10 -48.33
C GLY B 146 -5.60 -12.08 -48.24
N ILE B 147 -5.74 -12.81 -47.15
CA ILE B 147 -6.85 -13.77 -47.00
C ILE B 147 -8.15 -13.00 -47.08
N GLN B 148 -9.05 -13.45 -47.94
CA GLN B 148 -10.39 -12.94 -48.19
C GLN B 148 -11.40 -13.96 -47.74
N PRO B 149 -12.63 -13.55 -47.42
CA PRO B 149 -13.65 -14.53 -47.08
C PRO B 149 -13.79 -15.60 -48.17
N GLY B 150 -13.87 -16.83 -47.71
CA GLY B 150 -13.98 -17.96 -48.58
C GLY B 150 -12.66 -18.57 -49.00
N ASP B 151 -11.53 -17.89 -48.77
CA ASP B 151 -10.23 -18.51 -49.07
C ASP B 151 -10.01 -19.66 -48.12
N GLU B 152 -9.22 -20.65 -48.56
CA GLU B 152 -8.98 -21.87 -47.77
C GLU B 152 -7.60 -21.85 -47.15
N VAL B 153 -7.52 -22.35 -45.91
CA VAL B 153 -6.26 -22.41 -45.14
C VAL B 153 -6.11 -23.84 -44.65
N ILE B 154 -5.03 -24.52 -45.08
CA ILE B 154 -4.80 -25.90 -44.71
C ILE B 154 -4.14 -25.95 -43.34
N MET B 155 -4.65 -26.80 -42.45
CA MET B 155 -4.18 -26.82 -41.07
C MET B 155 -4.52 -28.20 -40.47
N PRO B 156 -3.90 -28.60 -39.37
CA PRO B 156 -4.30 -29.82 -38.67
C PRO B 156 -5.55 -29.55 -37.85
N ALA B 157 -6.15 -30.65 -37.40
CA ALA B 157 -7.41 -30.63 -36.65
C ALA B 157 -7.20 -30.91 -35.19
N ASN B 158 -5.97 -30.89 -34.71
CA ASN B 158 -5.68 -31.26 -33.32
C ASN B 158 -5.02 -30.14 -32.54
N SER B 159 -5.10 -28.90 -33.02
CA SER B 159 -4.52 -27.76 -32.31
C SER B 159 -5.53 -27.15 -31.33
N PHE B 160 -5.02 -26.22 -30.52
CA PHE B 160 -5.92 -25.39 -29.72
C PHE B 160 -6.89 -24.70 -30.65
N ALA B 161 -8.09 -24.41 -30.13
CA ALA B 161 -9.12 -23.85 -31.02
C ALA B 161 -8.73 -22.48 -31.61
N ALA B 162 -7.81 -21.75 -30.96
CA ALA B 162 -7.41 -20.47 -31.52
C ALA B 162 -6.91 -20.56 -32.95
N THR B 163 -6.25 -21.66 -33.36
CA THR B 163 -5.72 -21.75 -34.72
C THR B 163 -6.86 -21.66 -35.74
N GLU B 164 -7.90 -22.50 -35.57
CA GLU B 164 -9.03 -22.48 -36.50
C GLU B 164 -9.82 -21.22 -36.34
N ASN B 165 -9.92 -20.73 -35.11
CA ASN B 165 -10.78 -19.56 -34.85
C ASN B 165 -10.26 -18.33 -35.55
N ALA B 166 -8.94 -18.16 -35.62
CA ALA B 166 -8.41 -16.98 -36.31
C ALA B 166 -8.79 -17.01 -37.78
N VAL B 167 -8.76 -18.23 -38.39
CA VAL B 167 -9.15 -18.38 -39.78
C VAL B 167 -10.64 -18.06 -39.97
N LEU B 168 -11.49 -18.65 -39.10
CA LEU B 168 -12.94 -18.42 -39.19
C LEU B 168 -13.32 -16.98 -38.92
N ALA B 169 -12.61 -16.30 -38.01
CA ALA B 169 -13.04 -14.96 -37.63
C ALA B 169 -12.93 -13.99 -38.78
N ILE B 170 -12.02 -14.19 -39.73
CA ILE B 170 -11.93 -13.36 -40.91
C ILE B 170 -12.67 -13.98 -42.10
N GLY B 171 -13.53 -14.95 -41.86
CA GLY B 171 -14.37 -15.43 -42.95
C GLY B 171 -13.72 -16.46 -43.85
N ALA B 172 -12.54 -16.98 -43.51
CA ALA B 172 -11.85 -17.96 -44.31
C ALA B 172 -12.23 -19.36 -43.85
N LYS B 173 -11.79 -20.36 -44.63
CA LYS B 173 -12.27 -21.74 -44.48
C LYS B 173 -11.15 -22.67 -44.08
N PRO B 174 -11.16 -23.25 -42.86
CA PRO B 174 -10.16 -24.27 -42.53
C PRO B 174 -10.35 -25.48 -43.41
N VAL B 175 -9.23 -26.05 -43.85
CA VAL B 175 -9.28 -27.31 -44.61
C VAL B 175 -8.35 -28.25 -43.83
N PHE B 176 -8.90 -29.31 -43.24
CA PHE B 176 -8.13 -30.11 -42.28
C PHE B 176 -7.36 -31.22 -43.00
N VAL B 177 -6.13 -31.43 -42.56
CA VAL B 177 -5.23 -32.47 -43.09
C VAL B 177 -4.73 -33.31 -41.91
N ASP B 178 -4.55 -34.61 -42.14
CA ASP B 178 -4.17 -35.54 -41.08
C ASP B 178 -2.74 -35.32 -40.59
N ILE B 179 -2.49 -35.77 -39.35
CA ILE B 179 -1.19 -35.63 -38.76
C ILE B 179 -0.33 -36.82 -39.14
N ASP B 180 0.98 -36.67 -38.95
CA ASP B 180 1.95 -37.72 -39.29
C ASP B 180 1.88 -38.85 -38.26
N HIS B 181 2.80 -39.81 -38.38
CA HIS B 181 2.80 -40.93 -37.45
C HIS B 181 3.93 -40.87 -36.45
N LYS B 182 4.36 -39.68 -36.06
CA LYS B 182 5.57 -39.69 -35.25
C LYS B 182 5.74 -38.45 -34.42
N SER B 183 4.97 -37.36 -34.71
CA SER B 183 5.28 -36.10 -34.04
C SER B 183 4.07 -35.26 -33.63
N TYR B 184 2.83 -35.72 -33.92
CA TYR B 184 1.58 -34.99 -33.72
C TYR B 184 1.42 -33.78 -34.65
N CYS B 185 2.30 -33.58 -35.61
CA CYS B 185 2.28 -32.44 -36.52
C CYS B 185 1.62 -32.83 -37.83
N ILE B 186 1.14 -31.81 -38.53
CA ILE B 186 0.55 -32.00 -39.87
C ILE B 186 1.47 -32.81 -40.76
N ASP B 187 0.86 -33.79 -41.46
CA ASP B 187 1.66 -34.70 -42.31
C ASP B 187 1.98 -34.01 -43.63
N PRO B 188 3.24 -33.64 -43.90
CA PRO B 188 3.52 -33.00 -45.20
C PRO B 188 3.05 -33.81 -46.38
N LEU B 189 3.02 -35.14 -46.26
CA LEU B 189 2.64 -36.00 -47.37
C LEU B 189 1.14 -35.98 -47.66
N LYS B 190 0.33 -35.36 -46.79
CA LYS B 190 -1.11 -35.22 -46.98
C LYS B 190 -1.54 -33.81 -47.37
N ILE B 191 -0.60 -32.87 -47.47
CA ILE B 191 -1.00 -31.47 -47.70
C ILE B 191 -1.37 -31.27 -49.16
N GLU B 192 -0.58 -31.81 -50.09
CA GLU B 192 -0.75 -31.51 -51.51
C GLU B 192 -2.15 -31.89 -51.99
N GLU B 193 -2.66 -33.04 -51.52
CA GLU B 193 -3.94 -33.50 -52.04
C GLU B 193 -5.09 -32.64 -51.57
N ALA B 194 -4.87 -31.78 -50.57
CA ALA B 194 -5.90 -30.89 -50.05
C ALA B 194 -5.86 -29.52 -50.69
N ILE B 195 -4.93 -29.27 -51.55
CA ILE B 195 -4.87 -27.95 -52.21
C ILE B 195 -5.93 -27.86 -53.30
N THR B 196 -6.60 -26.71 -53.35
CA THR B 196 -7.59 -26.38 -54.38
C THR B 196 -7.26 -25.00 -54.93
N GLN B 197 -8.04 -24.52 -55.95
CA GLN B 197 -7.90 -23.15 -56.43
C GLN B 197 -8.08 -22.12 -55.33
N LYS B 198 -8.77 -22.46 -54.24
CA LYS B 198 -9.07 -21.51 -53.19
C LYS B 198 -8.02 -21.49 -52.09
N THR B 199 -7.03 -22.40 -52.11
CA THR B 199 -6.07 -22.45 -51.02
C THR B 199 -5.17 -21.23 -51.10
N LYS B 200 -4.94 -20.56 -49.97
CA LYS B 200 -4.02 -19.44 -49.98
C LYS B 200 -2.89 -19.61 -48.99
N CYS B 201 -3.01 -20.54 -48.04
CA CYS B 201 -2.06 -20.55 -46.92
C CYS B 201 -2.00 -21.94 -46.36
N ILE B 202 -0.81 -22.36 -45.94
CA ILE B 202 -0.63 -23.52 -45.07
C ILE B 202 -0.31 -23.01 -43.68
N LEU B 203 -1.03 -23.49 -42.68
CA LEU B 203 -0.93 -23.08 -41.29
C LEU B 203 -0.50 -24.27 -40.43
N PRO B 204 0.78 -24.67 -40.50
CA PRO B 204 1.26 -25.74 -39.63
C PRO B 204 1.40 -25.28 -38.20
N VAL B 205 1.19 -26.21 -37.28
CA VAL B 205 1.24 -25.95 -35.84
C VAL B 205 2.38 -26.72 -35.21
N HIS B 206 3.25 -26.02 -34.47
CA HIS B 206 4.38 -26.72 -33.81
C HIS B 206 3.88 -27.24 -32.46
N LEU B 207 3.10 -28.30 -32.54
CA LEU B 207 2.25 -28.67 -31.40
C LEU B 207 3.08 -29.27 -30.26
N TYR B 208 2.76 -28.88 -29.03
CA TYR B 208 3.34 -29.36 -27.77
C TYR B 208 4.79 -28.87 -27.61
N GLY B 209 5.28 -28.00 -28.50
CA GLY B 209 6.65 -27.54 -28.46
C GLY B 209 7.53 -28.21 -29.47
N LYS B 210 6.99 -29.10 -30.30
CA LYS B 210 7.76 -29.82 -31.32
C LYS B 210 7.59 -29.14 -32.67
N GLN B 211 8.67 -28.98 -33.42
CA GLN B 211 8.50 -28.34 -34.73
C GLN B 211 8.03 -29.32 -35.80
N CYS B 212 7.19 -28.81 -36.69
CA CYS B 212 6.77 -29.53 -37.89
C CYS B 212 7.95 -29.72 -38.87
N ASP B 213 7.75 -30.57 -39.91
CA ASP B 213 8.77 -30.78 -40.96
C ASP B 213 8.70 -29.64 -41.99
N MET B 214 9.32 -28.52 -41.67
CA MET B 214 9.04 -27.29 -42.40
C MET B 214 9.72 -27.28 -43.77
N LYS B 215 10.87 -27.94 -43.92
CA LYS B 215 11.49 -28.00 -45.23
C LYS B 215 10.57 -28.65 -46.26
N ARG B 216 9.96 -29.76 -45.88
CA ARG B 216 9.08 -30.38 -46.85
C ARG B 216 7.83 -29.54 -47.12
N ILE B 217 7.30 -28.85 -46.08
CA ILE B 217 6.10 -28.05 -46.33
C ILE B 217 6.42 -26.84 -47.20
N ARG B 218 7.62 -26.29 -47.07
CA ARG B 218 8.02 -25.16 -47.93
C ARG B 218 8.19 -25.60 -49.37
N GLU B 219 8.70 -26.82 -49.59
CA GLU B 219 8.80 -27.29 -50.97
C GLU B 219 7.42 -27.30 -51.63
N ILE B 220 6.40 -27.79 -50.90
CA ILE B 220 5.04 -27.81 -51.44
C ILE B 220 4.51 -26.40 -51.64
N ALA B 221 4.68 -25.53 -50.63
CA ALA B 221 4.17 -24.16 -50.73
C ALA B 221 4.76 -23.42 -51.91
N ASP B 222 6.06 -23.59 -52.16
CA ASP B 222 6.65 -22.89 -53.30
C ASP B 222 6.03 -23.38 -54.63
N VAL B 223 5.91 -24.70 -54.81
CA VAL B 223 5.32 -25.24 -56.05
C VAL B 223 3.94 -24.63 -56.31
N TYR B 224 3.14 -24.49 -55.26
CA TYR B 224 1.75 -24.05 -55.37
C TYR B 224 1.59 -22.56 -55.09
N GLN B 225 2.69 -21.82 -54.93
CA GLN B 225 2.65 -20.39 -54.66
C GLN B 225 1.76 -20.06 -53.47
N LEU B 226 1.94 -20.78 -52.37
CA LEU B 226 1.22 -20.53 -51.14
C LEU B 226 2.12 -19.86 -50.10
N ARG B 227 1.50 -19.08 -49.24
CA ARG B 227 2.15 -18.60 -48.02
C ARG B 227 2.15 -19.69 -46.95
N ILE B 228 3.09 -19.55 -46.02
CA ILE B 228 3.16 -20.34 -44.79
C ILE B 228 3.14 -19.39 -43.62
N ILE B 229 2.12 -19.52 -42.76
CA ILE B 229 2.13 -18.85 -41.48
C ILE B 229 2.26 -19.95 -40.44
N GLU B 230 3.29 -19.90 -39.60
CA GLU B 230 3.55 -20.99 -38.68
C GLU B 230 2.93 -20.60 -37.34
N ASP B 231 2.09 -21.47 -36.78
CA ASP B 231 1.61 -21.31 -35.42
C ASP B 231 2.67 -21.88 -34.47
N ALA B 232 3.51 -20.97 -33.94
CA ALA B 232 4.55 -21.38 -33.02
C ALA B 232 4.23 -20.92 -31.61
N CYS B 233 2.93 -20.83 -31.27
CA CYS B 233 2.52 -20.33 -29.96
C CYS B 233 2.99 -21.21 -28.82
N GLN B 234 3.38 -22.47 -29.08
CA GLN B 234 3.87 -23.34 -28.02
C GLN B 234 5.36 -23.65 -28.16
N ALA B 235 6.09 -23.01 -29.09
CA ALA B 235 7.43 -23.46 -29.43
C ALA B 235 8.53 -22.41 -29.25
N ILE B 236 8.30 -21.38 -28.43
CA ILE B 236 9.36 -20.39 -28.24
C ILE B 236 10.64 -21.03 -27.70
N GLY B 237 11.78 -20.65 -28.30
CA GLY B 237 13.04 -21.23 -27.91
C GLY B 237 13.48 -22.38 -28.78
N SER B 238 12.60 -22.86 -29.70
CA SER B 238 12.99 -24.00 -30.54
C SER B 238 14.06 -23.56 -31.56
N SER B 239 15.17 -24.32 -31.65
CA SER B 239 16.24 -23.88 -32.55
C SER B 239 15.73 -23.78 -34.00
N ASN B 240 16.16 -22.74 -34.66
CA ASN B 240 15.92 -22.58 -36.12
C ASN B 240 14.44 -22.38 -36.43
N LEU B 241 13.64 -22.05 -35.42
CA LEU B 241 12.23 -21.75 -35.63
C LEU B 241 12.03 -20.69 -36.70
N GLY B 242 11.18 -21.01 -37.68
CA GLY B 242 10.72 -20.13 -38.74
C GLY B 242 11.63 -19.93 -39.91
N GLU B 243 12.66 -20.79 -40.08
CA GLU B 243 13.54 -20.69 -41.23
C GLU B 243 12.78 -20.64 -42.55
N TYR B 244 11.70 -21.41 -42.66
CA TYR B 244 11.00 -21.54 -43.94
C TYR B 244 9.65 -20.82 -44.00
N GLY B 245 9.20 -20.18 -42.92
CA GLY B 245 7.88 -19.58 -42.91
C GLY B 245 7.87 -18.12 -43.34
N ASP B 246 6.72 -17.71 -43.93
CA ASP B 246 6.61 -16.28 -44.26
C ASP B 246 6.44 -15.45 -43.00
N ILE B 247 5.57 -15.90 -42.13
CA ILE B 247 5.31 -15.23 -40.85
C ILE B 247 5.32 -16.30 -39.81
N ILE B 248 5.86 -15.99 -38.62
CA ILE B 248 5.84 -16.90 -37.48
C ILE B 248 4.98 -16.23 -36.40
N ILE B 249 4.04 -17.00 -35.79
CA ILE B 249 3.16 -16.46 -34.73
C ILE B 249 3.64 -16.98 -33.40
N LEU B 250 3.83 -16.08 -32.43
CA LEU B 250 4.15 -16.45 -31.05
C LEU B 250 3.00 -16.08 -30.13
N SER B 251 2.88 -16.79 -29.01
CA SER B 251 2.00 -16.40 -27.89
C SER B 251 2.86 -16.24 -26.65
N PHE B 252 2.63 -15.17 -25.92
CA PHE B 252 3.19 -14.97 -24.59
C PHE B 252 2.11 -15.10 -23.53
N ASN B 253 1.11 -15.93 -23.79
CA ASN B 253 0.12 -16.26 -22.76
C ASN B 253 0.86 -16.76 -21.51
N PRO B 254 0.33 -16.52 -20.33
CA PRO B 254 1.07 -16.69 -19.07
C PRO B 254 1.42 -18.13 -18.80
N TYR B 255 0.79 -19.08 -19.50
CA TYR B 255 1.07 -20.49 -19.20
C TYR B 255 1.93 -21.09 -20.29
N ASN B 257 5.78 -21.40 -22.44
CA ASN B 257 7.13 -21.59 -21.90
C ASN B 257 7.73 -20.25 -21.48
N PHE B 258 7.39 -19.19 -22.22
CA PHE B 258 7.61 -17.80 -21.79
C PHE B 258 6.25 -17.11 -21.77
N GLY B 259 5.90 -16.50 -20.65
CA GLY B 259 4.66 -15.75 -20.64
C GLY B 259 4.83 -14.40 -19.96
N VAL B 260 3.82 -13.55 -20.19
CA VAL B 260 3.72 -12.29 -19.49
C VAL B 260 2.70 -12.53 -18.35
N CYS B 261 2.06 -11.48 -17.84
CA CYS B 261 1.06 -11.62 -16.78
C CYS B 261 -0.29 -11.19 -17.28
N GLY B 262 -0.67 -11.75 -18.41
CA GLY B 262 -1.86 -11.37 -19.08
C GLY B 262 -1.69 -11.88 -20.51
N LYS B 263 -2.49 -11.37 -21.43
CA LYS B 263 -2.39 -11.81 -22.80
C LYS B 263 -1.39 -10.98 -23.62
N ALA B 264 -0.67 -11.67 -24.51
CA ALA B 264 0.22 -10.99 -25.45
C ALA B 264 0.69 -12.03 -26.47
N GLY B 265 1.26 -11.54 -27.55
CA GLY B 265 1.91 -12.46 -28.49
C GLY B 265 2.71 -11.65 -29.49
N ALA B 266 3.05 -12.27 -30.63
CA ALA B 266 3.84 -11.50 -31.58
C ALA B 266 3.72 -12.07 -32.98
N ILE B 267 3.95 -11.18 -33.93
CA ILE B 267 4.06 -11.52 -35.35
C ILE B 267 5.53 -11.32 -35.69
N VAL B 268 6.16 -12.32 -36.32
CA VAL B 268 7.60 -12.24 -36.60
C VAL B 268 7.80 -12.56 -38.07
N THR B 269 8.51 -11.70 -38.79
CA THR B 269 8.72 -11.94 -40.24
C THR B 269 9.98 -11.24 -40.73
N ASN B 270 10.56 -11.77 -41.84
CA ASN B 270 11.55 -11.02 -42.59
C ASN B 270 10.97 -10.16 -43.73
N ASN B 271 9.64 -10.20 -43.95
CA ASN B 271 9.05 -9.63 -45.15
C ASN B 271 8.53 -8.25 -44.78
N GLU B 272 9.20 -7.20 -45.28
CA GLU B 272 8.85 -5.85 -44.85
C GLU B 272 7.43 -5.45 -45.26
N ASN B 273 7.01 -5.82 -46.46
CA ASN B 273 5.64 -5.49 -46.86
C ASN B 273 4.60 -6.14 -45.93
N LEU B 274 4.82 -7.41 -45.60
CA LEU B 274 3.90 -8.06 -44.69
C LEU B 274 3.96 -7.42 -43.30
N ALA B 275 5.18 -7.09 -42.84
CA ALA B 275 5.33 -6.48 -41.50
C ALA B 275 4.59 -5.16 -41.45
N ILE B 276 4.70 -4.34 -42.50
CA ILE B 276 3.98 -3.06 -42.53
C ILE B 276 2.46 -3.28 -42.45
N ARG B 277 1.93 -4.20 -43.28
CA ARG B 277 0.48 -4.46 -43.28
C ARG B 277 0.03 -5.01 -41.91
N CYS B 278 0.84 -5.90 -41.29
CA CYS B 278 0.51 -6.37 -39.95
C CYS B 278 0.46 -5.22 -38.95
N ASN B 279 1.45 -4.30 -39.05
CA ASN B 279 1.47 -3.19 -38.12
C ASN B 279 0.21 -2.34 -38.29
N GLN B 280 -0.16 -2.05 -39.53
CA GLN B 280 -1.38 -1.26 -39.77
C GLN B 280 -2.65 -1.98 -39.31
N TYR B 281 -2.83 -3.26 -39.69
CA TYR B 281 -4.01 -4.01 -39.24
C TYR B 281 -4.08 -4.14 -37.72
N SER B 282 -2.93 -4.22 -37.05
CA SER B 282 -2.95 -4.38 -35.60
C SER B 282 -3.39 -3.13 -34.85
N TYR B 283 -3.46 -1.93 -35.52
CA TYR B 283 -3.94 -0.75 -34.86
C TYR B 283 -4.81 0.01 -35.90
N HIS B 284 -6.05 -0.47 -36.04
CA HIS B 284 -7.20 0.26 -36.63
C HIS B 284 -7.06 0.57 -38.12
N GLY B 285 -6.04 -0.05 -38.80
CA GLY B 285 -5.82 0.31 -40.19
C GLY B 285 -5.13 1.61 -40.40
N PHE B 286 -4.66 2.27 -39.35
CA PHE B 286 -4.04 3.60 -39.52
C PHE B 286 -2.66 3.48 -40.13
N GLU B 287 -2.24 4.51 -40.86
CA GLU B 287 -0.83 4.57 -41.25
C GLU B 287 0.02 4.48 -40.00
N VAL B 288 1.16 3.79 -40.12
CA VAL B 288 2.08 3.66 -38.99
C VAL B 288 2.47 5.05 -38.50
N ASP B 289 2.32 5.29 -37.19
CA ASP B 289 2.64 6.61 -36.62
C ASP B 289 1.89 7.76 -37.30
N LYS B 290 0.64 7.52 -37.72
CA LYS B 290 -0.29 8.58 -38.17
C LYS B 290 -1.66 8.13 -37.68
N LYS B 291 -1.82 8.13 -36.37
CA LYS B 291 -3.11 7.87 -35.72
C LYS B 291 -4.25 8.59 -36.45
N ASN B 292 -5.42 7.95 -36.46
CA ASN B 292 -6.65 8.52 -37.02
C ASN B 292 -6.61 8.72 -38.53
N LYS B 293 -5.57 8.29 -39.24
CA LYS B 293 -5.63 8.38 -40.71
C LYS B 293 -5.56 6.96 -41.29
N LYS B 294 -6.69 6.44 -41.76
CA LYS B 294 -6.72 5.05 -42.22
C LYS B 294 -6.11 4.89 -43.60
N VAL B 295 -5.37 3.80 -43.76
CA VAL B 295 -4.82 3.44 -45.06
C VAL B 295 -5.35 2.06 -45.45
N LEU B 296 -5.62 1.19 -44.48
CA LEU B 296 -6.38 -0.02 -44.74
C LEU B 296 -7.84 0.17 -44.41
N ASP B 297 -8.69 -0.68 -44.96
CA ASP B 297 -10.14 -0.49 -44.80
C ASP B 297 -10.58 -0.57 -43.33
N PHE B 298 -9.94 -1.40 -42.49
CA PHE B 298 -10.27 -1.54 -41.09
C PHE B 298 -9.04 -2.09 -40.43
N GLY B 299 -9.06 -2.15 -39.13
CA GLY B 299 -8.09 -2.90 -38.41
C GLY B 299 -8.62 -3.17 -37.02
N PHE B 300 -7.72 -3.69 -36.17
CA PHE B 300 -8.10 -4.11 -34.80
C PHE B 300 -7.43 -3.22 -33.76
N ASN B 301 -7.72 -3.50 -32.50
CA ASN B 301 -6.98 -2.89 -31.43
C ASN B 301 -6.15 -3.95 -30.76
N SER B 302 -5.02 -4.32 -31.43
CA SER B 302 -4.34 -5.59 -31.13
C SER B 302 -2.84 -5.48 -30.90
N LYS B 303 -2.29 -4.34 -30.50
CA LYS B 303 -0.86 -4.29 -30.13
C LYS B 303 -0.72 -4.71 -28.67
N ILE B 304 0.49 -5.03 -28.29
CA ILE B 304 0.73 -5.36 -26.91
C ILE B 304 0.59 -4.16 -26.00
N ASP B 305 0.27 -4.43 -24.75
CA ASP B 305 0.28 -3.36 -23.77
C ASP B 305 1.74 -3.11 -23.34
N ASN B 306 2.12 -1.85 -23.29
CA ASN B 306 3.46 -1.46 -22.82
C ASN B 306 3.75 -2.06 -21.44
N LEU B 307 2.71 -2.13 -20.59
CA LEU B 307 2.91 -2.73 -19.26
C LEU B 307 3.23 -4.20 -19.37
N GLN B 308 2.52 -4.94 -20.23
CA GLN B 308 2.86 -6.36 -20.36
C GLN B 308 4.19 -6.53 -21.04
N ALA B 309 4.59 -5.62 -21.95
CA ALA B 309 5.93 -5.73 -22.53
C ALA B 309 6.99 -5.58 -21.44
N ALA B 310 6.76 -4.65 -20.51
CA ALA B 310 7.72 -4.51 -19.41
C ALA B 310 7.79 -5.77 -18.61
N ILE B 311 6.63 -6.34 -18.28
CA ILE B 311 6.60 -7.61 -17.55
C ILE B 311 7.33 -8.67 -18.34
N GLY B 312 7.11 -8.72 -19.66
CA GLY B 312 7.76 -9.76 -20.47
C GLY B 312 9.27 -9.61 -20.47
N LEU B 313 9.77 -8.38 -20.47
CA LEU B 313 11.25 -8.21 -20.42
C LEU B 313 11.84 -8.69 -19.09
N GLU B 314 11.05 -8.76 -18.02
CA GLU B 314 11.51 -9.37 -16.77
C GLU B 314 11.39 -10.88 -16.82
N ARG B 315 10.22 -11.39 -17.21
CA ARG B 315 9.99 -12.83 -17.17
C ARG B 315 10.84 -13.56 -18.22
N ILE B 316 11.10 -12.93 -19.36
CA ILE B 316 11.87 -13.68 -20.42
C ILE B 316 13.29 -13.96 -19.96
N LYS B 317 13.80 -13.26 -18.93
CA LYS B 317 15.08 -13.62 -18.32
C LYS B 317 15.17 -15.08 -17.94
N PHE B 318 14.03 -15.70 -17.60
CA PHE B 318 14.00 -17.06 -17.11
C PHE B 318 13.83 -18.09 -18.23
N LEU B 319 13.69 -17.67 -19.50
CA LEU B 319 13.23 -18.61 -20.52
C LEU B 319 14.23 -19.74 -20.78
N SER B 320 15.49 -19.44 -21.03
CA SER B 320 16.35 -20.55 -21.39
C SER B 320 16.49 -21.50 -20.21
N TYR B 321 16.54 -20.95 -18.99
CA TYR B 321 16.69 -21.81 -17.82
C TYR B 321 15.45 -22.66 -17.60
N ASN B 322 14.27 -22.06 -17.65
CA ASN B 322 13.06 -22.87 -17.56
C ASN B 322 12.95 -23.87 -18.70
N ASN B 323 13.41 -23.51 -19.94
CA ASN B 323 13.39 -24.51 -21.00
C ASN B 323 14.35 -25.67 -20.67
N LEU B 324 15.50 -25.36 -20.04
CA LEU B 324 16.46 -26.44 -19.66
C LEU B 324 15.80 -27.38 -18.65
N LYS B 325 15.07 -26.84 -17.66
CA LYS B 325 14.41 -27.71 -16.68
C LYS B 325 13.37 -28.61 -17.34
N ARG B 326 12.66 -28.07 -18.34
CA ARG B 326 11.67 -28.87 -19.07
C ARG B 326 12.33 -30.01 -19.81
N VAL B 327 13.46 -29.74 -20.49
CA VAL B 327 14.10 -30.85 -21.20
C VAL B 327 14.56 -31.91 -20.20
N PHE B 328 15.06 -31.51 -19.01
CA PHE B 328 15.48 -32.56 -18.06
C PHE B 328 14.27 -33.39 -17.61
N LEU B 329 13.16 -32.72 -17.31
CA LEU B 329 11.95 -33.43 -16.93
C LEU B 329 11.50 -34.37 -18.03
N ALA B 330 11.50 -33.90 -19.28
CA ALA B 330 11.07 -34.76 -20.38
C ALA B 330 11.99 -35.97 -20.54
N GLN B 331 13.30 -35.77 -20.42
CA GLN B 331 14.19 -36.90 -20.50
C GLN B 331 13.96 -37.86 -19.36
N ARG B 332 13.63 -37.34 -18.19
CA ARG B 332 13.42 -38.21 -17.04
C ARG B 332 12.16 -39.04 -17.20
N TYR B 333 11.13 -38.47 -17.82
CA TYR B 333 9.93 -39.26 -18.10
C TYR B 333 10.26 -40.36 -19.12
N ILE B 334 10.95 -40.00 -20.20
CA ILE B 334 11.28 -40.98 -21.25
C ILE B 334 12.08 -42.14 -20.66
N ARG B 335 13.11 -41.85 -19.87
CA ARG B 335 13.95 -42.93 -19.33
C ARG B 335 13.19 -43.77 -18.31
N ASN B 336 12.37 -43.14 -17.46
CA ASN B 336 11.76 -43.89 -16.37
C ASN B 336 10.45 -44.58 -16.74
N LEU B 337 9.88 -44.29 -17.93
CA LEU B 337 8.68 -44.94 -18.44
C LEU B 337 9.00 -45.93 -19.54
N LYS B 338 10.27 -46.07 -19.89
CA LYS B 338 10.59 -46.89 -21.05
C LYS B 338 10.08 -48.33 -20.91
N GLU B 339 10.09 -48.88 -19.70
CA GLU B 339 9.55 -50.22 -19.49
C GLU B 339 8.12 -50.34 -19.96
N LEU B 340 7.30 -49.28 -19.77
CA LEU B 340 5.92 -49.40 -20.21
C LEU B 340 5.82 -49.41 -21.74
N GLU B 341 6.78 -48.77 -22.42
CA GLU B 341 6.82 -48.81 -23.86
C GLU B 341 7.40 -50.15 -24.36
N ASP B 342 8.43 -50.68 -23.67
CA ASP B 342 8.97 -52.00 -24.02
C ASP B 342 7.89 -53.07 -23.91
N ARG B 343 6.99 -52.93 -22.93
CA ARG B 343 5.89 -53.86 -22.74
C ARG B 343 4.73 -53.57 -23.67
N GLU B 344 4.88 -52.61 -24.59
CA GLU B 344 3.82 -52.26 -25.56
C GLU B 344 2.51 -51.85 -24.88
N LEU B 345 2.63 -51.14 -23.75
CA LEU B 345 1.49 -50.49 -23.10
C LEU B 345 1.33 -49.04 -23.52
N ILE B 346 2.44 -48.33 -23.82
CA ILE B 346 2.36 -46.91 -24.16
C ILE B 346 3.39 -46.68 -25.24
N LYS B 347 3.25 -45.53 -25.92
CA LYS B 347 4.28 -44.98 -26.78
C LYS B 347 4.78 -43.70 -26.14
N LEU B 348 6.08 -43.50 -26.08
CA LEU B 348 6.72 -42.32 -25.56
C LEU B 348 7.26 -41.42 -26.67
N PRO B 349 7.38 -40.12 -26.37
CA PRO B 349 8.12 -39.24 -27.27
C PRO B 349 9.60 -39.59 -27.24
N ARG B 350 10.27 -39.12 -28.30
CA ARG B 350 11.70 -39.27 -28.42
C ARG B 350 12.33 -37.91 -28.21
N MET B 351 13.54 -37.92 -27.66
CA MET B 351 14.27 -36.68 -27.49
C MET B 351 14.83 -36.22 -28.85
N THR B 352 14.54 -34.95 -29.19
CA THR B 352 15.01 -34.29 -30.39
C THR B 352 15.44 -32.89 -29.98
N GLU B 353 16.29 -32.31 -30.83
CA GLU B 353 16.96 -31.05 -30.55
C GLU B 353 16.05 -29.86 -30.67
N ASP B 354 14.89 -30.02 -31.30
CA ASP B 354 14.00 -28.88 -31.53
C ASP B 354 12.91 -28.80 -30.51
N ASN B 355 12.65 -29.87 -29.77
CA ASN B 355 11.45 -29.84 -28.93
C ASN B 355 11.70 -28.96 -27.70
N VAL B 356 10.76 -28.06 -27.38
CA VAL B 356 10.90 -27.28 -26.14
C VAL B 356 9.96 -27.80 -25.04
N TRP B 357 9.16 -28.86 -25.29
CA TRP B 357 8.50 -29.59 -24.21
C TRP B 357 7.51 -28.70 -23.46
N HIS B 358 6.71 -28.01 -24.23
CA HIS B 358 5.62 -27.26 -23.63
C HIS B 358 4.61 -28.19 -22.97
N LEU B 359 4.32 -29.31 -23.66
CA LEU B 359 3.39 -30.33 -23.15
C LEU B 359 4.08 -31.65 -23.44
N PHE B 360 3.75 -32.64 -22.62
CA PHE B 360 4.45 -33.93 -22.70
C PHE B 360 3.47 -35.03 -23.04
N PRO B 361 3.41 -35.47 -24.30
CA PRO B 361 2.39 -36.41 -24.73
C PRO B 361 2.88 -37.85 -24.62
N ILE B 362 2.02 -38.74 -24.11
CA ILE B 362 2.21 -40.17 -24.34
C ILE B 362 0.97 -40.73 -25.03
N ARG B 363 1.09 -41.93 -25.59
CA ARG B 363 -0.07 -42.61 -26.15
C ARG B 363 -0.29 -43.89 -25.36
N ILE B 364 -1.50 -44.06 -24.86
CA ILE B 364 -1.86 -45.28 -24.15
C ILE B 364 -2.70 -46.12 -25.13
N ILE B 365 -2.18 -47.27 -25.51
CA ILE B 365 -2.74 -48.00 -26.64
C ILE B 365 -3.65 -49.11 -26.13
N ASN B 366 -4.15 -49.94 -27.05
CA ASN B 366 -5.10 -51.01 -26.67
C ASN B 366 -6.32 -50.45 -25.95
N GLY B 367 -6.70 -49.22 -26.26
CA GLY B 367 -7.94 -48.68 -25.73
C GLY B 367 -7.95 -48.32 -24.25
N ARG B 368 -6.81 -48.39 -23.56
CA ARG B 368 -6.80 -48.19 -22.11
C ARG B 368 -6.62 -46.74 -21.65
N ARG B 369 -6.64 -45.76 -22.54
CA ARG B 369 -6.31 -44.39 -22.10
C ARG B 369 -7.27 -43.87 -21.04
N ASP B 370 -8.58 -44.00 -21.27
CA ASP B 370 -9.51 -43.46 -20.29
C ASP B 370 -9.38 -44.14 -18.94
N GLU B 371 -9.25 -45.49 -18.92
CA GLU B 371 -9.02 -46.23 -17.68
C GLU B 371 -7.80 -45.68 -16.93
N VAL B 372 -6.69 -45.48 -17.63
CA VAL B 372 -5.45 -45.04 -16.97
C VAL B 372 -5.62 -43.64 -16.41
N LYS B 373 -6.20 -42.72 -17.22
CA LYS B 373 -6.45 -41.36 -16.75
C LYS B 373 -7.35 -41.37 -15.52
N ASN B 374 -8.44 -42.15 -15.54
CA ASN B 374 -9.37 -42.13 -14.41
C ASN B 374 -8.76 -42.74 -13.16
N LYS B 375 -8.00 -43.84 -13.31
CA LYS B 375 -7.44 -44.48 -12.12
C LYS B 375 -6.32 -43.65 -11.52
N LEU B 376 -5.50 -43.04 -12.35
CA LEU B 376 -4.45 -42.16 -11.85
C LEU B 376 -5.04 -41.08 -10.96
N TYR B 377 -6.21 -40.55 -11.34
CA TYR B 377 -6.86 -39.50 -10.53
C TYR B 377 -7.59 -40.10 -9.32
N GLN B 378 -8.47 -41.07 -9.56
CA GLN B 378 -9.25 -41.60 -8.44
C GLN B 378 -8.39 -42.36 -7.43
N LEU B 379 -7.41 -43.15 -7.91
CA LEU B 379 -6.65 -44.01 -6.99
C LEU B 379 -5.34 -43.39 -6.52
N TYR B 380 -4.70 -42.53 -7.32
CA TYR B 380 -3.39 -42.03 -6.94
C TYR B 380 -3.36 -40.52 -6.74
N ASN B 381 -4.50 -39.82 -6.92
CA ASN B 381 -4.61 -38.35 -6.86
C ASN B 381 -3.62 -37.66 -7.80
N ILE B 382 -3.46 -38.22 -8.98
CA ILE B 382 -2.65 -37.62 -10.05
C ILE B 382 -3.58 -37.12 -11.14
N GLU B 383 -3.58 -35.80 -11.38
CA GLU B 383 -4.24 -35.23 -12.56
C GLU B 383 -3.36 -35.34 -13.79
N THR B 384 -3.89 -35.93 -14.84
CA THR B 384 -3.34 -35.82 -16.18
C THR B 384 -4.39 -35.11 -17.02
N ASP B 385 -4.02 -34.74 -18.25
CA ASP B 385 -4.97 -34.01 -19.07
C ASP B 385 -4.86 -34.43 -20.52
N ILE B 386 -5.84 -34.02 -21.33
CA ILE B 386 -5.83 -34.31 -22.76
C ILE B 386 -5.88 -32.97 -23.49
N TYR B 387 -4.77 -32.56 -24.09
CA TYR B 387 -4.70 -31.34 -24.90
C TYR B 387 -4.76 -31.80 -26.35
N TYR B 388 -5.93 -31.79 -26.99
CA TYR B 388 -7.15 -31.14 -26.58
C TYR B 388 -8.29 -32.12 -26.69
N PRO B 389 -9.37 -31.94 -25.92
CA PRO B 389 -10.35 -33.04 -25.81
C PRO B 389 -11.27 -33.23 -26.99
N VAL B 390 -11.41 -32.26 -27.89
CA VAL B 390 -12.31 -32.40 -29.04
C VAL B 390 -11.56 -31.96 -30.28
N LEU B 391 -11.53 -32.83 -31.30
CA LEU B 391 -10.90 -32.43 -32.55
C LEU B 391 -11.74 -31.38 -33.31
N SER B 392 -11.06 -30.58 -34.16
CA SER B 392 -11.72 -29.45 -34.81
C SER B 392 -12.99 -29.84 -35.55
N HIS B 393 -12.98 -30.98 -36.23
CA HIS B 393 -14.11 -31.38 -37.06
C HIS B 393 -15.16 -32.15 -36.28
N LYS B 394 -15.01 -32.19 -34.94
CA LYS B 394 -15.94 -32.93 -34.11
C LYS B 394 -16.69 -32.08 -33.08
N HIS B 395 -16.51 -30.75 -33.05
CA HIS B 395 -17.26 -29.93 -32.11
C HIS B 395 -18.74 -29.95 -32.44
N ASN B 396 -19.59 -29.84 -31.45
CA ASN B 396 -20.99 -29.89 -31.93
C ASN B 396 -21.42 -28.44 -32.16
N THR B 397 -21.10 -27.99 -33.35
CA THR B 397 -21.48 -26.62 -33.75
C THR B 397 -22.23 -26.72 -35.05
N LYS B 398 -22.91 -25.61 -35.38
CA LYS B 398 -23.61 -25.51 -36.66
C LYS B 398 -22.62 -25.58 -37.81
N LEU B 399 -21.43 -25.01 -37.63
CA LEU B 399 -20.43 -25.05 -38.69
C LEU B 399 -19.94 -26.47 -38.97
N VAL B 400 -19.68 -27.27 -37.93
CA VAL B 400 -19.28 -28.67 -38.12
C VAL B 400 -20.40 -29.45 -38.81
N LYS B 401 -21.65 -29.29 -38.35
CA LYS B 401 -22.71 -30.03 -39.00
C LYS B 401 -22.96 -29.59 -40.43
N LYS B 402 -22.61 -28.34 -40.78
CA LYS B 402 -22.83 -27.86 -42.14
C LYS B 402 -21.71 -28.27 -43.10
N ASN B 403 -20.45 -28.26 -42.64
CA ASN B 403 -19.26 -28.28 -43.51
C ASN B 403 -18.29 -29.44 -43.28
N TYR B 404 -18.29 -30.08 -42.11
CA TYR B 404 -17.20 -30.97 -41.73
C TYR B 404 -17.65 -32.41 -41.43
N MET B 405 -18.90 -32.76 -41.71
CA MET B 405 -19.39 -34.10 -41.38
C MET B 405 -18.76 -35.21 -42.22
N GLN B 406 -18.25 -34.90 -43.41
CA GLN B 406 -17.61 -35.96 -44.21
C GLN B 406 -16.09 -36.02 -44.02
N ASP B 407 -15.53 -35.20 -43.14
CA ASP B 407 -14.10 -35.20 -42.86
C ASP B 407 -13.72 -36.46 -42.08
N THR B 408 -12.76 -37.22 -42.60
CA THR B 408 -12.18 -38.32 -41.83
C THR B 408 -10.68 -38.14 -41.84
N LEU B 409 -10.09 -38.15 -40.65
CA LEU B 409 -8.66 -37.90 -40.41
C LEU B 409 -8.26 -39.10 -39.58
N LEU B 410 -7.91 -40.20 -40.25
CA LEU B 410 -7.77 -41.50 -39.58
C LEU B 410 -6.68 -41.50 -38.51
N ASN B 411 -5.53 -40.92 -38.81
N ASN B 411 -5.49 -40.99 -38.83
CA ASN B 411 -4.48 -40.98 -37.80
CA ASN B 411 -4.45 -40.92 -37.81
C ASN B 411 -4.72 -39.97 -36.67
C ASN B 411 -4.86 -40.02 -36.67
N THR B 412 -5.27 -38.79 -36.99
CA THR B 412 -5.61 -37.85 -35.94
C THR B 412 -6.63 -38.48 -34.99
N GLU B 413 -7.67 -39.10 -35.55
CA GLU B 413 -8.73 -39.67 -34.74
C GLU B 413 -8.26 -40.85 -33.88
N GLN B 414 -7.44 -41.74 -34.47
CA GLN B 414 -6.88 -42.86 -33.69
C GLN B 414 -5.95 -42.37 -32.59
N VAL B 415 -5.06 -41.43 -32.89
CA VAL B 415 -4.16 -40.91 -31.87
C VAL B 415 -4.94 -40.21 -30.75
N HIS B 416 -6.08 -39.56 -31.10
CA HIS B 416 -6.90 -38.85 -30.15
C HIS B 416 -7.47 -39.77 -29.07
N LYS B 417 -7.74 -41.04 -29.43
CA LYS B 417 -8.21 -42.07 -28.52
C LYS B 417 -7.11 -42.60 -27.59
N GLU B 418 -5.85 -42.27 -27.88
CA GLU B 418 -4.70 -42.77 -27.12
C GLU B 418 -3.94 -41.69 -26.33
N ILE B 419 -4.07 -40.43 -26.71
CA ILE B 419 -3.22 -39.37 -26.15
C ILE B 419 -3.52 -39.10 -24.69
N LEU B 420 -2.46 -38.85 -23.90
CA LEU B 420 -2.58 -38.40 -22.52
C LEU B 420 -1.35 -37.56 -22.24
N HIS B 421 -1.54 -36.40 -21.61
CA HIS B 421 -0.42 -35.51 -21.28
C HIS B 421 -0.07 -35.63 -19.80
N LEU B 422 1.20 -35.73 -19.53
CA LEU B 422 1.73 -35.89 -18.15
C LEU B 422 2.16 -34.53 -17.60
N PRO B 423 1.94 -34.27 -16.31
CA PRO B 423 2.33 -32.95 -15.75
C PRO B 423 3.81 -32.67 -16.04
N LEU B 424 4.09 -31.47 -16.55
CA LEU B 424 5.48 -31.11 -16.85
C LEU B 424 5.55 -29.58 -16.86
N HIS B 425 6.13 -29.00 -15.81
CA HIS B 425 6.29 -27.58 -15.79
C HIS B 425 7.56 -27.30 -15.00
N PRO B 426 8.27 -26.22 -15.30
CA PRO B 426 9.67 -26.14 -14.87
C PRO B 426 9.83 -26.04 -13.36
N ASN B 427 8.85 -25.50 -12.60
CA ASN B 427 9.01 -25.45 -11.15
C ASN B 427 8.40 -26.64 -10.45
N MET B 428 8.14 -27.74 -11.18
CA MET B 428 7.72 -28.95 -10.49
C MET B 428 8.94 -29.55 -9.76
N LEU B 429 8.66 -30.26 -8.67
CA LEU B 429 9.66 -30.98 -7.90
C LEU B 429 9.97 -32.32 -8.59
N LEU B 430 11.23 -32.79 -8.47
CA LEU B 430 11.49 -34.14 -8.94
C LEU B 430 10.71 -35.15 -8.10
N GLU B 431 10.45 -34.85 -6.82
CA GLU B 431 9.59 -35.71 -6.02
C GLU B 431 8.19 -35.80 -6.61
N GLU B 432 7.66 -34.67 -7.08
CA GLU B 432 6.38 -34.71 -7.79
C GLU B 432 6.45 -35.55 -9.05
N GLN B 433 7.51 -35.37 -9.88
CA GLN B 433 7.60 -36.25 -11.05
C GLN B 433 7.70 -37.71 -10.64
N ASN B 434 8.43 -38.01 -9.53
CA ASN B 434 8.57 -39.39 -9.10
C ASN B 434 7.20 -39.92 -8.70
N PHE B 435 6.34 -39.05 -8.14
CA PHE B 435 5.01 -39.51 -7.73
C PHE B 435 4.18 -39.88 -8.98
N VAL B 436 4.29 -39.08 -10.03
CA VAL B 436 3.63 -39.40 -11.29
C VAL B 436 4.17 -40.71 -11.86
N LEU B 437 5.50 -40.85 -11.89
CA LEU B 437 6.15 -42.07 -12.39
C LEU B 437 5.65 -43.31 -11.66
N GLU B 438 5.66 -43.26 -10.32
CA GLU B 438 5.21 -44.41 -9.55
C GLU B 438 3.75 -44.75 -9.83
N GLY B 439 2.89 -43.73 -9.97
CA GLY B 439 1.50 -44.00 -10.28
C GLY B 439 1.32 -44.66 -11.63
N LEU B 440 2.04 -44.14 -12.63
CA LEU B 440 1.88 -44.70 -13.97
C LEU B 440 2.40 -46.12 -14.04
N ILE B 441 3.45 -46.44 -13.30
CA ILE B 441 3.95 -47.81 -13.29
C ILE B 441 2.97 -48.71 -12.55
N ASN B 442 2.45 -48.23 -11.42
CA ASN B 442 1.56 -49.04 -10.61
C ASN B 442 0.22 -49.28 -11.30
N VAL B 443 -0.30 -48.29 -12.02
CA VAL B 443 -1.58 -48.49 -12.70
C VAL B 443 -1.46 -49.44 -13.88
N ASN B 444 -0.23 -49.70 -14.36
CA ASN B 444 0.01 -50.53 -15.53
C ASN B 444 0.62 -51.88 -15.17
N LYS B 445 0.45 -52.30 -13.92
CA LYS B 445 0.88 -53.64 -13.50
C LYS B 445 0.16 -54.75 -14.25
N THR C 7 11.90 51.56 9.89
CA THR C 7 10.47 51.35 9.73
C THR C 7 10.21 49.87 9.40
N LEU C 8 11.10 48.98 9.83
CA LEU C 8 11.08 47.57 9.40
C LEU C 8 11.16 46.63 10.60
N THR C 9 10.20 45.71 10.67
CA THR C 9 10.18 44.65 11.67
C THR C 9 10.44 43.31 10.99
N THR C 10 11.35 42.50 11.56
CA THR C 10 11.53 41.13 11.09
C THR C 10 10.70 40.22 11.98
N ILE C 11 9.73 39.53 11.37
CA ILE C 11 8.83 38.64 12.10
C ILE C 11 9.60 37.46 12.64
N SER C 12 9.66 37.31 13.97
CA SER C 12 10.47 36.28 14.59
C SER C 12 9.75 34.96 14.75
N GLY C 13 8.42 34.97 14.56
CA GLY C 13 7.62 33.79 14.77
C GLY C 13 7.00 33.69 16.12
N HIS C 14 7.18 34.72 16.98
CA HIS C 14 6.67 34.70 18.33
C HIS C 14 5.45 35.61 18.42
N SER C 15 4.87 35.65 19.62
CA SER C 15 3.56 36.30 19.81
C SER C 15 3.60 37.80 19.57
N LYS C 16 4.61 38.52 20.11
CA LYS C 16 4.65 39.97 19.93
C LYS C 16 4.61 40.33 18.44
N ASP C 17 5.45 39.70 17.62
CA ASP C 17 5.44 40.12 16.21
C ASP C 17 4.18 39.68 15.48
N ASN C 18 3.55 38.57 15.90
CA ASN C 18 2.26 38.20 15.31
C ASN C 18 1.20 39.26 15.55
N LEU C 19 1.18 39.82 16.76
CA LEU C 19 0.19 40.87 17.05
C LEU C 19 0.48 42.10 16.22
N ALA C 20 1.78 42.42 16.02
CA ALA C 20 2.10 43.60 15.23
C ALA C 20 1.72 43.39 13.77
N LEU C 21 1.90 42.17 13.26
CA LEU C 21 1.56 41.85 11.89
C LEU C 21 0.05 41.91 11.68
N LEU C 22 -0.71 41.38 12.64
CA LEU C 22 -2.15 41.39 12.51
C LEU C 22 -2.66 42.82 12.47
N LYS C 23 -2.05 43.70 13.25
CA LYS C 23 -2.48 45.10 13.24
C LYS C 23 -2.19 45.72 11.89
N CYS C 24 -1.05 45.34 11.29
CA CYS C 24 -0.75 45.77 9.93
C CYS C 24 -1.76 45.21 8.93
N LEU C 25 -1.99 43.91 8.97
CA LEU C 25 -2.93 43.29 8.03
C LEU C 25 -4.32 43.91 8.12
N GLN C 26 -4.69 44.48 9.28
CA GLN C 26 -6.02 45.07 9.41
C GLN C 26 -6.01 46.55 9.14
N GLY C 27 -4.87 47.12 8.75
CA GLY C 27 -4.82 48.53 8.47
C GLY C 27 -4.86 49.40 9.71
N GLU C 28 -4.54 48.87 10.86
CA GLU C 28 -4.50 49.66 12.05
C GLU C 28 -3.22 50.44 12.03
N THR C 29 -2.21 49.91 11.37
CA THR C 29 -0.96 50.66 11.21
C THR C 29 -0.68 50.51 9.75
N LYS C 30 0.01 51.48 9.17
CA LYS C 30 0.40 51.39 7.78
C LYS C 30 1.76 52.04 7.72
N GLU C 31 2.29 52.35 8.88
CA GLU C 31 3.61 52.94 8.95
C GLU C 31 4.73 51.92 8.90
N LYS C 32 4.42 50.63 9.06
CA LYS C 32 5.48 49.63 9.18
C LYS C 32 5.61 48.63 8.09
N GLU C 33 6.85 48.27 7.79
CA GLU C 33 7.09 47.23 6.81
C GLU C 33 7.64 45.98 7.48
N PHE C 34 7.34 44.81 6.88
CA PHE C 34 7.71 43.55 7.51
C PHE C 34 8.56 42.67 6.62
N GLU C 35 9.52 42.05 7.24
CA GLU C 35 10.23 40.92 6.69
C GLU C 35 9.98 39.76 7.62
N ILE C 36 10.47 38.58 7.27
CA ILE C 36 10.26 37.42 8.13
C ILE C 36 11.53 36.59 8.23
N SER C 37 11.85 36.12 9.44
CA SER C 37 13.06 35.34 9.58
C SER C 37 12.88 33.92 9.03
N ASN C 38 13.99 33.28 8.68
CA ASN C 38 13.97 32.00 7.99
C ASN C 38 14.01 30.80 8.92
N VAL C 39 13.60 30.97 10.15
CA VAL C 39 13.54 29.84 11.06
C VAL C 39 12.39 28.92 10.67
N LEU C 40 12.54 27.65 11.03
CA LEU C 40 11.54 26.67 10.65
C LEU C 40 10.11 27.01 11.09
N PRO C 41 9.86 27.52 12.30
CA PRO C 41 8.46 27.84 12.71
C PRO C 41 7.80 28.89 11.83
N ASN C 42 8.57 29.61 11.01
CA ASN C 42 7.98 30.61 10.12
C ASN C 42 7.74 30.09 8.71
N HIS C 43 8.04 28.83 8.41
N HIS C 43 8.00 28.82 8.41
CA HIS C 43 8.03 28.35 7.04
CA HIS C 43 8.04 28.44 7.00
C HIS C 43 6.69 28.60 6.33
C HIS C 43 6.68 28.60 6.30
N LYS C 44 5.58 28.20 6.95
CA LYS C 44 4.27 28.35 6.32
C LYS C 44 3.91 29.82 6.17
N MET C 45 4.11 30.61 7.24
CA MET C 45 3.79 32.04 7.12
C MET C 45 4.56 32.68 5.97
N LYS C 46 5.85 32.35 5.82
CA LYS C 46 6.63 32.96 4.77
C LYS C 46 6.12 32.52 3.40
N GLU C 47 5.80 31.24 3.24
CA GLU C 47 5.26 30.79 1.97
C GLU C 47 3.91 31.44 1.67
N LYS C 48 3.05 31.60 2.67
CA LYS C 48 1.68 32.03 2.41
C LYS C 48 1.57 33.54 2.28
N LEU C 49 2.29 34.30 3.13
CA LEU C 49 2.03 35.73 3.20
C LEU C 49 3.13 36.60 2.63
N PHE C 50 4.26 36.03 2.23
CA PHE C 50 5.40 36.81 1.76
C PHE C 50 5.82 36.41 0.36
N ARG C 51 6.33 37.38 -0.39
CA ARG C 51 7.03 37.11 -1.65
C ARG C 51 8.35 37.88 -1.60
N GLU C 52 9.45 37.16 -1.79
CA GLU C 52 10.79 37.71 -1.70
C GLU C 52 10.96 38.54 -0.44
N ASN C 53 10.48 37.99 0.67
CA ASN C 53 10.72 38.53 2.01
C ASN C 53 10.09 39.92 2.12
N LYS C 54 9.00 40.09 1.41
CA LYS C 54 8.16 41.27 1.51
C LYS C 54 6.73 40.79 1.64
N LEU C 55 5.98 41.47 2.48
CA LEU C 55 4.59 41.08 2.72
C LEU C 55 3.79 41.24 1.43
N LYS C 56 3.04 40.20 1.06
CA LYS C 56 2.18 40.28 -0.12
C LYS C 56 1.26 41.49 -0.03
N ILE C 57 1.01 42.12 -1.16
CA ILE C 57 0.27 43.38 -1.13
C ILE C 57 -1.25 43.18 -1.10
N ASP C 58 -1.74 42.01 -1.52
CA ASP C 58 -3.17 41.78 -1.70
C ASP C 58 -3.74 40.76 -0.71
N ILE C 59 -3.30 40.79 0.55
CA ILE C 59 -3.75 39.83 1.57
C ILE C 59 -5.13 40.19 2.10
N ASP C 60 -6.12 39.31 1.87
CA ASP C 60 -7.45 39.46 2.46
C ASP C 60 -7.51 38.42 3.56
N ILE C 61 -7.61 38.85 4.83
CA ILE C 61 -7.50 37.85 5.91
C ILE C 61 -8.64 36.85 5.80
N GLU C 62 -9.86 37.35 5.69
CA GLU C 62 -11.04 36.48 5.64
C GLU C 62 -10.97 35.48 4.51
N LYS C 63 -10.71 35.96 3.29
CA LYS C 63 -10.75 35.05 2.14
C LYS C 63 -9.46 34.28 1.97
N ASP C 64 -8.30 34.91 2.16
CA ASP C 64 -7.05 34.21 1.87
C ASP C 64 -6.56 33.35 3.01
N ILE C 65 -6.78 33.78 4.25
CA ILE C 65 -6.30 33.01 5.38
C ILE C 65 -7.38 32.09 5.97
N PHE C 66 -8.64 32.53 5.99
CA PHE C 66 -9.72 31.72 6.55
C PHE C 66 -10.65 31.11 5.50
N ASN C 67 -10.40 31.34 4.21
CA ASN C 67 -11.17 30.74 3.12
C ASN C 67 -12.66 31.05 3.27
N TYR C 68 -12.96 32.25 3.72
CA TYR C 68 -14.34 32.58 4.01
C TYR C 68 -15.19 32.47 2.73
N SER C 69 -16.36 31.79 2.84
CA SER C 69 -17.14 31.42 1.66
C SER C 69 -18.64 31.47 1.93
N ARG C 70 -19.09 32.17 2.97
CA ARG C 70 -20.47 32.14 3.43
C ARG C 70 -21.01 30.71 3.57
N LYS C 71 -20.21 29.80 4.10
CA LYS C 71 -20.69 28.45 4.42
C LYS C 71 -21.80 28.48 5.46
N ASN C 72 -22.73 27.54 5.31
CA ASN C 72 -23.87 27.37 6.22
C ASN C 72 -23.50 26.39 7.31
N ILE C 73 -23.46 26.86 8.56
CA ILE C 73 -23.05 26.04 9.69
C ILE C 73 -24.28 25.45 10.40
N GLN C 74 -24.17 24.18 10.86
CA GLN C 74 -25.24 23.55 11.63
C GLN C 74 -24.86 23.21 13.08
N LYS C 75 -23.58 23.10 13.39
CA LYS C 75 -23.20 22.66 14.72
C LYS C 75 -21.73 23.02 14.93
N ILE C 76 -21.34 23.10 16.20
CA ILE C 76 -19.97 23.45 16.59
C ILE C 76 -19.52 22.41 17.60
N GLU C 77 -18.41 21.72 17.29
CA GLU C 77 -17.67 20.92 18.26
C GLU C 77 -16.52 21.73 18.83
N PHE C 78 -16.20 21.50 20.10
CA PHE C 78 -15.21 22.36 20.73
C PHE C 78 -13.83 22.16 20.12
N MET C 79 -13.44 20.90 19.92
CA MET C 79 -12.09 20.60 19.42
C MET C 79 -12.11 19.31 18.62
N PRO C 80 -12.64 19.37 17.40
CA PRO C 80 -12.71 18.17 16.57
C PRO C 80 -11.29 17.92 16.06
N VAL C 81 -10.73 16.77 16.45
CA VAL C 81 -9.30 16.57 16.21
C VAL C 81 -9.00 16.37 14.74
N ASN C 82 -9.98 15.94 13.93
CA ASN C 82 -9.69 15.91 12.51
C ASN C 82 -9.38 17.31 11.95
N ARG C 83 -9.89 18.38 12.59
CA ARG C 83 -9.65 19.69 12.00
C ARG C 83 -8.33 20.30 12.40
N LEU C 84 -7.56 19.63 13.26
CA LEU C 84 -6.36 20.26 13.79
C LEU C 84 -5.13 19.94 12.96
N ILE C 85 -5.27 19.08 11.93
CA ILE C 85 -4.17 18.77 11.02
C ILE C 85 -4.68 19.02 9.62
N SER C 86 -3.85 19.64 8.80
CA SER C 86 -4.18 20.02 7.43
C SER C 86 -3.60 19.01 6.44
N GLN C 87 -4.20 18.98 5.22
CA GLN C 87 -3.68 18.08 4.22
C GLN C 87 -2.25 18.42 3.84
N SER C 88 -1.88 19.71 3.86
CA SER C 88 -0.49 20.04 3.55
C SER C 88 0.44 19.42 4.61
N GLU C 89 -0.01 19.42 5.87
CA GLU C 89 0.79 18.79 6.91
C GLU C 89 0.90 17.30 6.65
N ILE C 90 -0.21 16.66 6.39
CA ILE C 90 -0.21 15.22 6.11
C ILE C 90 0.71 14.87 4.94
N ASP C 91 0.64 15.65 3.88
CA ASP C 91 1.48 15.37 2.75
C ASP C 91 2.96 15.43 3.10
N GLY C 92 3.33 16.44 3.85
CA GLY C 92 4.69 16.54 4.28
C GLY C 92 5.13 15.46 5.26
N ILE C 93 4.23 15.07 6.12
CA ILE C 93 4.53 13.99 7.06
C ILE C 93 4.78 12.68 6.33
N ILE C 94 3.95 12.38 5.31
CA ILE C 94 4.13 11.16 4.54
C ILE C 94 5.46 11.22 3.82
N GLY C 95 5.78 12.41 3.31
CA GLY C 95 7.06 12.58 2.66
C GLY C 95 8.24 12.34 3.58
N THR C 96 8.18 12.88 4.80
CA THR C 96 9.35 12.71 5.66
C THR C 96 9.43 11.29 6.19
N LEU C 97 8.27 10.65 6.44
CA LEU C 97 8.34 9.28 6.91
C LEU C 97 8.90 8.34 5.84
N LYS C 98 8.71 8.63 4.57
CA LYS C 98 9.37 7.82 3.55
C LYS C 98 10.91 7.92 3.63
N GLU C 99 11.45 9.02 4.19
CA GLU C 99 12.90 9.11 4.42
C GLU C 99 13.30 8.44 5.74
N VAL C 100 12.48 8.58 6.78
CA VAL C 100 12.88 8.06 8.10
C VAL C 100 12.77 6.54 8.14
N LEU C 101 11.65 6.01 7.65
CA LEU C 101 11.39 4.57 7.86
C LEU C 101 12.49 3.64 7.35
N PRO C 102 13.08 3.84 6.17
CA PRO C 102 14.13 2.92 5.73
C PRO C 102 15.40 3.00 6.57
N THR C 103 15.59 4.08 7.36
CA THR C 103 16.77 4.13 8.24
C THR C 103 16.68 3.14 9.39
N GLY C 104 15.47 2.72 9.76
CA GLY C 104 15.23 1.93 10.96
C GLY C 104 15.54 2.61 12.29
N GLN C 105 15.77 3.93 12.28
CA GLN C 105 16.19 4.61 13.50
C GLN C 105 14.93 5.12 14.17
N PHE C 106 14.45 4.38 15.16
CA PHE C 106 13.17 4.61 15.76
C PHE C 106 13.26 4.92 17.25
N THR C 107 14.43 5.02 17.80
CA THR C 107 14.56 5.53 19.15
C THR C 107 15.27 6.85 19.05
N SER C 108 16.55 6.93 19.39
CA SER C 108 17.38 8.07 19.11
C SER C 108 17.56 8.19 17.61
N GLY C 109 17.81 9.40 17.16
CA GLY C 109 18.16 9.56 15.79
C GLY C 109 18.42 10.99 15.48
N PRO C 110 18.76 11.25 14.22
CA PRO C 110 19.18 12.61 13.86
C PRO C 110 18.04 13.56 13.82
N PHE C 111 16.79 13.11 13.61
CA PHE C 111 15.68 14.06 13.66
C PHE C 111 15.44 14.54 15.09
N SER C 112 15.63 13.68 16.10
CA SER C 112 15.57 14.17 17.50
C SER C 112 16.51 15.34 17.73
N LYS C 113 17.76 15.20 17.31
CA LYS C 113 18.77 16.21 17.57
C LYS C 113 18.45 17.49 16.78
N LYS C 114 17.92 17.33 15.54
CA LYS C 114 17.57 18.53 14.78
C LYS C 114 16.43 19.27 15.45
N LEU C 115 15.44 18.54 15.94
CA LEU C 115 14.33 19.23 16.58
C LEU C 115 14.77 19.94 17.86
N GLU C 116 15.67 19.29 18.61
CA GLU C 116 16.24 19.98 19.78
C GLU C 116 16.90 21.29 19.40
N GLU C 117 17.64 21.32 18.29
CA GLU C 117 18.32 22.53 17.82
C GLU C 117 17.31 23.60 17.39
N VAL C 118 16.28 23.20 16.66
CA VAL C 118 15.25 24.14 16.23
C VAL C 118 14.54 24.72 17.44
N ILE C 119 14.21 23.89 18.44
CA ILE C 119 13.51 24.41 19.63
C ILE C 119 14.44 25.33 20.43
N GLY C 120 15.70 24.93 20.58
CA GLY C 120 16.66 25.77 21.29
C GLY C 120 16.80 27.15 20.65
N ASP C 121 16.87 27.20 19.32
CA ASP C 121 16.99 28.51 18.70
C ASP C 121 15.70 29.31 18.89
N TYR C 122 14.54 28.66 18.72
CA TYR C 122 13.26 29.34 18.83
C TYR C 122 13.04 29.87 20.23
N LEU C 123 13.51 29.16 21.25
CA LEU C 123 13.40 29.60 22.62
C LEU C 123 14.60 30.42 23.10
N ASN C 124 15.70 30.50 22.33
CA ASN C 124 16.91 31.19 22.73
C ASN C 124 17.44 30.59 24.03
N LYS C 125 17.57 29.27 24.03
CA LYS C 125 18.10 28.56 25.18
C LYS C 125 19.16 27.59 24.70
N LYS C 126 20.16 27.35 25.55
CA LYS C 126 21.34 26.61 25.12
C LYS C 126 21.10 25.10 25.02
N TYR C 127 20.29 24.53 25.91
CA TYR C 127 20.15 23.07 26.04
C TYR C 127 18.70 22.63 25.92
N VAL C 128 18.44 21.64 25.06
CA VAL C 128 17.08 21.12 24.85
C VAL C 128 17.16 19.60 24.89
N ILE C 129 16.32 19.00 25.71
CA ILE C 129 16.20 17.54 25.76
C ILE C 129 14.78 17.25 25.31
N ALA C 130 14.62 16.70 24.09
CA ALA C 130 13.29 16.35 23.62
C ALA C 130 12.82 15.07 24.26
N THR C 131 11.62 15.11 24.82
CA THR C 131 11.11 14.01 25.63
C THR C 131 9.90 13.33 24.99
N SER C 132 9.45 12.27 25.65
CA SER C 132 8.31 11.47 25.20
C SER C 132 6.97 12.09 25.54
N SER C 133 6.98 13.14 26.38
CA SER C 133 5.78 13.91 26.70
C SER C 133 6.20 15.08 27.58
N GLY C 134 5.26 16.02 27.70
CA GLY C 134 5.42 17.14 28.65
C GLY C 134 5.39 16.68 30.10
N THR C 135 4.52 15.72 30.43
CA THR C 135 4.51 15.14 31.79
C THR C 135 5.88 14.53 32.12
N ASP C 136 6.45 13.74 31.21
CA ASP C 136 7.75 13.16 31.48
C ASP C 136 8.81 14.22 31.61
N ALA C 137 8.77 15.24 30.74
CA ALA C 137 9.70 16.36 30.86
C ALA C 137 9.66 16.98 32.24
N LEU C 138 8.45 17.20 32.75
CA LEU C 138 8.35 17.80 34.07
C LEU C 138 8.85 16.89 35.16
N MET C 139 8.54 15.58 35.12
CA MET C 139 9.07 14.66 36.15
C MET C 139 10.59 14.62 36.13
N VAL C 140 11.16 14.57 34.94
CA VAL C 140 12.62 14.53 34.82
C VAL C 140 13.26 15.81 35.35
N SER C 141 12.64 16.97 35.02
CA SER C 141 13.20 18.28 35.43
C SER C 141 13.15 18.44 36.94
N LEU C 142 12.08 17.95 37.54
CA LEU C 142 12.02 17.99 39.02
C LEU C 142 13.08 17.12 39.67
N LEU C 143 13.32 15.93 39.14
CA LEU C 143 14.39 15.10 39.67
C LEU C 143 15.76 15.75 39.44
N SER C 144 15.93 16.43 38.28
CA SER C 144 17.21 17.09 37.99
C SER C 144 17.56 18.18 38.98
N ILE C 145 16.56 18.90 39.55
CA ILE C 145 16.94 19.96 40.51
C ILE C 145 17.06 19.37 41.90
N GLY C 146 16.96 18.05 42.04
CA GLY C 146 17.18 17.43 43.32
C GLY C 146 15.95 17.17 44.16
N ILE C 147 14.75 17.22 43.60
CA ILE C 147 13.55 16.98 44.39
C ILE C 147 13.61 15.58 44.96
N GLN C 148 13.38 15.47 46.25
CA GLN C 148 13.31 14.22 46.96
C GLN C 148 11.90 14.04 47.55
N PRO C 149 11.53 12.81 47.90
CA PRO C 149 10.23 12.58 48.52
C PRO C 149 10.03 13.46 49.74
N GLY C 150 8.84 14.04 49.82
CA GLY C 150 8.45 14.97 50.86
C GLY C 150 8.78 16.42 50.59
N ASP C 151 9.64 16.72 49.59
CA ASP C 151 9.92 18.12 49.32
C ASP C 151 8.67 18.77 48.78
N GLU C 152 8.53 20.07 49.00
CA GLU C 152 7.31 20.76 48.62
C GLU C 152 7.50 21.54 47.33
N VAL C 153 6.45 21.59 46.49
CA VAL C 153 6.50 22.33 45.23
C VAL C 153 5.28 23.26 45.17
N ILE C 154 5.50 24.59 45.11
CA ILE C 154 4.39 25.55 45.06
C ILE C 154 3.90 25.65 43.63
N MET C 155 2.59 25.59 43.47
CA MET C 155 1.96 25.52 42.16
C MET C 155 0.50 25.98 42.30
N PRO C 156 -0.14 26.41 41.22
CA PRO C 156 -1.59 26.66 41.28
C PRO C 156 -2.38 25.36 41.27
N ALA C 157 -3.69 25.50 41.51
CA ALA C 157 -4.59 24.36 41.60
C ALA C 157 -5.56 24.28 40.43
N ASN C 158 -5.29 25.02 39.35
CA ASN C 158 -6.20 25.09 38.20
C ASN C 158 -5.57 24.65 36.91
N SER C 159 -4.45 23.95 36.97
CA SER C 159 -3.80 23.43 35.76
C SER C 159 -4.33 22.05 35.35
N PHE C 160 -3.91 21.60 34.17
CA PHE C 160 -4.18 20.22 33.84
C PHE C 160 -3.55 19.30 34.87
N ALA C 161 -4.12 18.11 35.09
CA ALA C 161 -3.65 17.23 36.16
C ALA C 161 -2.18 16.87 36.01
N ALA C 162 -1.67 16.87 34.78
CA ALA C 162 -0.27 16.50 34.58
C ALA C 162 0.69 17.26 35.50
N THR C 163 0.42 18.54 35.77
CA THR C 163 1.36 19.36 36.53
C THR C 163 1.53 18.81 37.94
N GLU C 164 0.40 18.62 38.65
CA GLU C 164 0.47 18.03 39.98
C GLU C 164 0.93 16.58 39.90
N ASN C 165 0.53 15.84 38.86
CA ASN C 165 0.87 14.42 38.82
C ASN C 165 2.37 14.22 38.74
N ALA C 166 3.07 15.07 37.99
CA ALA C 166 4.52 14.89 37.89
C ALA C 166 5.17 15.07 39.26
N VAL C 167 4.65 16.02 40.06
CA VAL C 167 5.19 16.24 41.39
C VAL C 167 4.90 15.01 42.27
N LEU C 168 3.64 14.55 42.26
CA LEU C 168 3.28 13.38 43.09
C LEU C 168 4.00 12.10 42.67
N ALA C 169 4.20 11.91 41.38
CA ALA C 169 4.81 10.64 40.87
C ALA C 169 6.19 10.40 41.43
N ILE C 170 6.92 11.47 41.75
CA ILE C 170 8.26 11.33 42.30
C ILE C 170 8.27 11.47 43.82
N GLY C 171 7.08 11.50 44.46
CA GLY C 171 6.96 11.51 45.91
C GLY C 171 6.99 12.88 46.55
N ALA C 172 6.89 13.95 45.76
CA ALA C 172 6.95 15.28 46.31
C ALA C 172 5.52 15.73 46.61
N LYS C 173 5.43 16.90 47.24
CA LYS C 173 4.17 17.42 47.80
C LYS C 173 3.75 18.72 47.13
N PRO C 174 2.66 18.72 46.38
CA PRO C 174 2.14 20.00 45.85
C PRO C 174 1.66 20.86 47.00
N VAL C 175 1.93 22.17 46.90
CA VAL C 175 1.46 23.15 47.86
C VAL C 175 0.76 24.19 47.02
N PHE C 176 -0.55 24.29 47.16
CA PHE C 176 -1.32 25.10 46.23
C PHE C 176 -1.41 26.55 46.70
N VAL C 177 -1.29 27.47 45.73
CA VAL C 177 -1.43 28.90 45.95
C VAL C 177 -2.49 29.44 45.01
N ASP C 178 -3.22 30.47 45.48
CA ASP C 178 -4.29 31.07 44.70
C ASP C 178 -3.78 31.78 43.45
N ILE C 179 -4.69 31.91 42.46
CA ILE C 179 -4.42 32.67 41.24
C ILE C 179 -4.70 34.15 41.43
N ASP C 180 -4.22 34.95 40.47
CA ASP C 180 -4.41 36.41 40.51
C ASP C 180 -5.83 36.78 40.08
N HIS C 181 -6.11 38.09 39.96
CA HIS C 181 -7.42 38.59 39.51
C HIS C 181 -7.43 39.06 38.07
N LYS C 182 -6.68 38.43 37.16
CA LYS C 182 -6.56 39.10 35.88
C LYS C 182 -6.07 38.18 34.78
N SER C 183 -5.49 37.00 35.13
CA SER C 183 -4.83 36.24 34.09
C SER C 183 -4.95 34.72 34.22
N TYR C 184 -5.60 34.21 35.28
CA TYR C 184 -5.68 32.78 35.60
C TYR C 184 -4.35 32.19 36.05
N CYS C 185 -3.35 33.01 36.34
CA CYS C 185 -1.99 32.50 36.64
C CYS C 185 -1.76 32.66 38.14
N ILE C 186 -0.79 31.92 38.66
CA ILE C 186 -0.48 31.95 40.09
C ILE C 186 -0.20 33.39 40.57
N ASP C 187 -0.72 33.71 41.73
CA ASP C 187 -0.59 35.07 42.25
C ASP C 187 0.78 35.19 42.92
N PRO C 188 1.70 35.99 42.38
CA PRO C 188 3.02 36.10 43.01
C PRO C 188 2.92 36.64 44.42
N LEU C 189 1.86 37.39 44.72
CA LEU C 189 1.70 38.01 46.02
C LEU C 189 1.27 37.00 47.09
N LYS C 190 1.04 35.76 46.69
CA LYS C 190 0.61 34.70 47.61
C LYS C 190 1.66 33.60 47.76
N ILE C 191 2.77 33.70 47.05
CA ILE C 191 3.74 32.61 47.04
C ILE C 191 4.59 32.60 48.32
N GLU C 192 5.12 33.77 48.71
CA GLU C 192 6.09 33.83 49.80
C GLU C 192 5.51 33.24 51.08
N GLU C 193 4.22 33.48 51.34
CA GLU C 193 3.64 32.98 52.58
C GLU C 193 3.46 31.48 52.60
N ALA C 194 3.57 30.79 51.46
CA ALA C 194 3.49 29.35 51.41
C ALA C 194 4.85 28.69 51.49
N ILE C 195 5.92 29.47 51.49
CA ILE C 195 7.25 28.86 51.51
C ILE C 195 7.49 28.31 52.91
N THR C 196 7.97 27.06 52.98
CA THR C 196 8.36 26.46 54.25
C THR C 196 9.81 25.97 54.12
N GLN C 197 10.30 25.33 55.20
CA GLN C 197 11.64 24.75 55.12
C GLN C 197 11.72 23.65 54.08
N LYS C 198 10.58 23.14 53.65
CA LYS C 198 10.57 22.02 52.71
C LYS C 198 10.41 22.44 51.25
N THR C 199 10.19 23.71 51.02
CA THR C 199 9.99 24.19 49.66
C THR C 199 11.26 24.11 48.84
N LYS C 200 11.18 23.51 47.66
CA LYS C 200 12.33 23.43 46.78
C LYS C 200 12.10 24.06 45.42
N CYS C 201 10.85 24.32 45.05
CA CYS C 201 10.59 24.71 43.68
C CYS C 201 9.28 25.47 43.64
N ILE C 202 9.25 26.50 42.80
CA ILE C 202 8.01 27.09 42.32
C ILE C 202 7.75 26.61 40.91
N LEU C 203 6.53 26.14 40.66
CA LEU C 203 6.09 25.56 39.40
C LEU C 203 4.91 26.38 38.85
N PRO C 204 5.16 27.56 38.29
CA PRO C 204 4.05 28.36 37.74
C PRO C 204 3.62 27.77 36.42
N VAL C 205 2.37 27.98 36.05
CA VAL C 205 1.81 27.45 34.82
C VAL C 205 1.36 28.60 33.94
N HIS C 206 1.79 28.59 32.68
CA HIS C 206 1.42 29.61 31.71
C HIS C 206 0.10 29.19 31.09
N LEU C 207 -0.95 29.38 31.86
CA LEU C 207 -2.19 28.70 31.53
C LEU C 207 -2.93 29.36 30.38
N TYR C 208 -3.46 28.51 29.51
CA TYR C 208 -4.29 28.85 28.35
C TYR C 208 -3.46 29.51 27.26
N GLY C 209 -2.16 29.60 27.42
CA GLY C 209 -1.34 30.31 26.45
C GLY C 209 -0.80 31.62 26.96
N LYS C 210 -1.19 32.01 28.18
CA LYS C 210 -0.84 33.31 28.75
C LYS C 210 0.31 33.16 29.74
N GLN C 211 1.28 34.07 29.68
CA GLN C 211 2.44 33.92 30.59
C GLN C 211 2.18 34.52 31.96
N CYS C 212 2.68 33.82 32.99
CA CYS C 212 2.67 34.34 34.36
C CYS C 212 3.61 35.55 34.50
N ASP C 213 3.44 36.29 35.61
CA ASP C 213 4.32 37.40 35.97
C ASP C 213 5.64 36.88 36.55
N MET C 214 6.54 36.48 35.65
CA MET C 214 7.73 35.73 36.04
C MET C 214 8.77 36.61 36.73
N LYS C 215 8.78 37.91 36.41
CA LYS C 215 9.76 38.77 37.04
C LYS C 215 9.54 38.82 38.55
N ARG C 216 8.27 38.94 38.96
CA ARG C 216 8.02 38.95 40.40
C ARG C 216 8.27 37.57 41.01
N ILE C 217 7.92 36.50 40.31
CA ILE C 217 8.14 35.19 40.90
C ILE C 217 9.65 34.92 41.06
N ARG C 218 10.46 35.35 40.08
CA ARG C 218 11.91 35.21 40.23
C ARG C 218 12.42 35.99 41.42
N GLU C 219 11.91 37.21 41.62
CA GLU C 219 12.35 38.00 42.78
C GLU C 219 12.14 37.24 44.07
N ILE C 220 11.01 36.54 44.22
CA ILE C 220 10.76 35.77 45.45
C ILE C 220 11.65 34.55 45.52
N ALA C 221 11.79 33.84 44.39
CA ALA C 221 12.62 32.64 44.35
C ALA C 221 14.07 32.92 44.75
N ASP C 222 14.61 34.06 44.31
CA ASP C 222 15.99 34.40 44.66
C ASP C 222 16.15 34.65 46.15
N VAL C 223 15.20 35.36 46.76
CA VAL C 223 15.28 35.59 48.21
C VAL C 223 15.42 34.26 48.94
N TYR C 224 14.67 33.24 48.52
CA TYR C 224 14.59 31.98 49.24
C TYR C 224 15.42 30.88 48.58
N GLN C 225 16.22 31.22 47.59
CA GLN C 225 17.10 30.26 46.89
C GLN C 225 16.33 29.02 46.40
N LEU C 226 15.15 29.27 45.86
CA LEU C 226 14.31 28.26 45.20
C LEU C 226 14.57 28.19 43.69
N ARG C 227 14.37 26.99 43.13
CA ARG C 227 14.29 26.85 41.68
C ARG C 227 12.91 27.27 41.17
N ILE C 228 12.87 27.64 39.89
CA ILE C 228 11.65 27.80 39.13
C ILE C 228 11.66 26.85 37.95
N ILE C 229 10.63 26.01 37.86
CA ILE C 229 10.42 25.18 36.67
C ILE C 229 9.09 25.65 36.09
N GLU C 230 9.12 26.08 34.85
CA GLU C 230 7.95 26.70 34.21
C GLU C 230 7.20 25.67 33.37
N ASP C 231 5.92 25.43 33.72
CA ASP C 231 5.03 24.64 32.87
C ASP C 231 4.52 25.50 31.74
N ALA C 232 5.21 25.40 30.62
CA ALA C 232 4.90 26.15 29.41
C ALA C 232 4.26 25.25 28.37
N CYS C 233 3.59 24.17 28.82
CA CYS C 233 3.05 23.18 27.89
C CYS C 233 1.97 23.75 26.99
N GLN C 234 1.35 24.89 27.34
CA GLN C 234 0.36 25.52 26.47
C GLN C 234 0.85 26.80 25.82
N ALA C 235 2.15 27.16 25.96
CA ALA C 235 2.54 28.53 25.68
C ALA C 235 3.65 28.63 24.62
N ILE C 236 3.82 27.59 23.80
CA ILE C 236 4.84 27.69 22.75
C ILE C 236 4.59 28.87 21.81
N GLY C 237 5.66 29.64 21.56
CA GLY C 237 5.55 30.81 20.72
C GLY C 237 5.42 32.10 21.49
N SER C 238 5.22 32.03 22.80
CA SER C 238 5.06 33.24 23.61
C SER C 238 6.39 34.00 23.69
N SER C 239 6.35 35.29 23.37
CA SER C 239 7.56 36.08 23.37
C SER C 239 8.18 36.08 24.76
N ASN C 240 9.50 35.95 24.76
CA ASN C 240 10.36 36.06 25.95
C ASN C 240 10.08 34.95 26.96
N LEU C 241 9.51 33.87 26.48
CA LEU C 241 9.20 32.70 27.32
C LEU C 241 10.48 32.20 27.98
N GLY C 242 10.44 32.04 29.30
CA GLY C 242 11.54 31.40 30.00
C GLY C 242 12.67 32.31 30.44
N GLU C 243 12.53 33.63 30.31
CA GLU C 243 13.61 34.56 30.67
C GLU C 243 14.14 34.31 32.08
N TYR C 244 13.25 34.02 33.02
CA TYR C 244 13.58 33.97 34.44
C TYR C 244 13.52 32.57 35.05
N GLY C 245 13.16 31.53 34.30
CA GLY C 245 13.07 30.20 34.86
C GLY C 245 14.35 29.37 34.76
N ASP C 246 14.56 28.49 35.74
CA ASP C 246 15.69 27.55 35.61
C ASP C 246 15.47 26.61 34.45
N ILE C 247 14.27 26.03 34.37
CA ILE C 247 13.95 25.04 33.35
C ILE C 247 12.58 25.40 32.85
N ILE C 248 12.37 25.27 31.53
CA ILE C 248 11.07 25.47 30.90
C ILE C 248 10.63 24.15 30.29
N ILE C 249 9.41 23.77 30.58
CA ILE C 249 8.80 22.54 30.04
C ILE C 249 7.84 22.89 28.90
N LEU C 250 8.01 22.18 27.80
CA LEU C 250 7.13 22.23 26.64
C LEU C 250 6.40 20.91 26.49
N SER C 251 5.19 20.97 25.93
CA SER C 251 4.49 19.80 25.41
C SER C 251 4.28 19.96 23.92
N PHE C 252 4.53 18.89 23.19
CA PHE C 252 4.14 18.79 21.77
C PHE C 252 3.03 17.77 21.55
N ASN C 253 2.16 17.63 22.53
CA ASN C 253 0.96 16.83 22.39
C ASN C 253 0.22 17.31 21.13
N PRO C 254 -0.48 16.43 20.45
CA PRO C 254 -0.98 16.74 19.09
C PRO C 254 -2.01 17.83 19.08
N TYR C 255 -2.59 18.19 20.26
CA TYR C 255 -3.64 19.19 20.27
C TYR C 255 -3.10 20.49 20.79
N ASN C 257 -0.68 24.13 20.52
CA ASN C 257 -0.53 25.06 19.39
C ASN C 257 0.48 24.54 18.31
N PHE C 258 1.50 23.80 18.75
CA PHE C 258 2.37 22.97 17.93
C PHE C 258 2.32 21.56 18.49
N GLY C 259 2.00 20.59 17.64
CA GLY C 259 2.03 19.20 18.11
C GLY C 259 2.66 18.29 17.08
N VAL C 260 3.08 17.13 17.57
CA VAL C 260 3.44 16.03 16.69
C VAL C 260 2.22 15.12 16.44
N CYS C 261 2.46 13.87 16.03
CA CYS C 261 1.36 12.94 15.81
C CYS C 261 1.37 11.80 16.82
N GLY C 262 1.45 12.18 18.09
CA GLY C 262 1.58 11.31 19.25
C GLY C 262 2.13 12.17 20.36
N LYS C 263 2.64 11.51 21.37
CA LYS C 263 3.14 12.24 22.52
C LYS C 263 4.62 12.67 22.37
N ALA C 264 4.94 13.85 22.88
CA ALA C 264 6.30 14.40 22.85
C ALA C 264 6.32 15.63 23.72
N GLY C 265 7.50 16.05 24.10
CA GLY C 265 7.66 17.32 24.79
C GLY C 265 9.13 17.72 24.82
N ALA C 266 9.45 18.68 25.70
CA ALA C 266 10.86 19.05 25.81
C ALA C 266 11.16 19.74 27.13
N ILE C 267 12.42 19.59 27.52
CA ILE C 267 13.04 20.28 28.64
C ILE C 267 13.98 21.29 28.04
N VAL C 268 13.84 22.55 28.45
CA VAL C 268 14.66 23.63 27.90
C VAL C 268 15.34 24.36 29.05
N THR C 269 16.65 24.59 28.94
CA THR C 269 17.40 25.25 30.03
C THR C 269 18.69 25.88 29.49
N ASN C 270 19.20 26.88 30.23
CA ASN C 270 20.56 27.36 29.99
C ASN C 270 21.58 26.74 30.94
N ASN C 271 21.15 25.87 31.85
CA ASN C 271 21.97 25.40 32.94
C ASN C 271 22.53 24.04 32.52
N GLU C 272 23.83 23.98 32.23
CA GLU C 272 24.41 22.73 31.73
C GLU C 272 24.33 21.61 32.75
N ASN C 273 24.58 21.89 34.03
CA ASN C 273 24.46 20.84 35.03
C ASN C 273 23.04 20.26 35.06
N LEU C 274 22.02 21.13 35.05
CA LEU C 274 20.66 20.59 35.00
C LEU C 274 20.43 19.82 33.70
N ALA C 275 20.93 20.36 32.58
CA ALA C 275 20.65 19.71 31.29
C ALA C 275 21.24 18.30 31.28
N ILE C 276 22.43 18.13 31.81
CA ILE C 276 23.07 16.81 31.86
C ILE C 276 22.29 15.80 32.70
N ARG C 277 21.82 16.22 33.86
CA ARG C 277 21.05 15.34 34.70
C ARG C 277 19.72 14.99 34.05
N CYS C 278 19.14 15.97 33.41
CA CYS C 278 17.91 15.71 32.70
C CYS C 278 18.14 14.69 31.58
N ASN C 279 19.26 14.85 30.85
CA ASN C 279 19.50 13.90 29.79
C ASN C 279 19.70 12.49 30.39
N GLN C 280 20.43 12.39 31.51
CA GLN C 280 20.61 11.10 32.17
C GLN C 280 19.32 10.51 32.71
N TYR C 281 18.52 11.29 33.45
CA TYR C 281 17.26 10.74 33.95
C TYR C 281 16.30 10.37 32.84
N SER C 282 16.39 11.05 31.70
CA SER C 282 15.44 10.73 30.63
C SER C 282 15.74 9.44 29.93
N TYR C 283 16.92 8.84 30.17
CA TYR C 283 17.18 7.55 29.58
C TYR C 283 17.93 6.73 30.66
N HIS C 284 17.14 6.20 31.60
CA HIS C 284 17.51 5.09 32.49
C HIS C 284 18.63 5.40 33.48
N GLY C 285 19.01 6.68 33.63
CA GLY C 285 20.12 7.03 34.51
C GLY C 285 21.51 6.72 33.93
N PHE C 286 21.60 6.39 32.65
CA PHE C 286 22.91 6.04 32.05
C PHE C 286 23.71 7.30 31.79
N GLU C 287 25.02 7.14 31.77
CA GLU C 287 25.84 8.25 31.36
C GLU C 287 25.48 8.54 29.92
N VAL C 288 25.51 9.81 29.57
CA VAL C 288 25.18 10.23 28.22
C VAL C 288 26.14 9.55 27.24
N ASP C 289 25.62 8.97 26.18
CA ASP C 289 26.44 8.21 25.24
C ASP C 289 27.18 7.00 25.80
N LYS C 290 26.69 6.44 26.89
CA LYS C 290 27.23 5.21 27.45
C LYS C 290 26.05 4.40 27.93
N LYS C 291 25.31 3.79 27.02
CA LYS C 291 24.24 2.91 27.40
C LYS C 291 24.72 1.86 28.34
N ASN C 292 23.82 1.41 29.18
CA ASN C 292 24.12 0.36 30.13
C ASN C 292 25.09 0.67 31.31
N LYS C 293 25.50 1.91 31.46
CA LYS C 293 26.39 2.27 32.56
C LYS C 293 25.71 3.36 33.37
N LYS C 294 25.16 3.00 34.53
CA LYS C 294 24.35 3.97 35.28
C LYS C 294 25.20 4.86 36.15
N VAL C 295 24.87 6.15 36.10
CA VAL C 295 25.49 7.13 36.98
C VAL C 295 24.49 7.76 37.90
N LEU C 296 23.22 7.74 37.54
CA LEU C 296 22.17 8.11 38.48
C LEU C 296 21.49 6.85 38.97
N ASP C 297 20.75 6.98 40.09
CA ASP C 297 20.22 5.76 40.74
C ASP C 297 19.23 5.04 39.84
N PHE C 298 18.43 5.80 39.07
CA PHE C 298 17.46 5.25 38.13
C PHE C 298 17.22 6.29 37.08
N GLY C 299 16.45 5.92 36.05
CA GLY C 299 15.90 6.91 35.16
C GLY C 299 14.68 6.32 34.48
N PHE C 300 14.15 7.08 33.54
CA PHE C 300 12.97 6.65 32.75
C PHE C 300 13.34 6.26 31.35
N ASN C 301 12.30 5.88 30.59
CA ASN C 301 12.45 5.69 29.16
C ASN C 301 11.67 6.81 28.49
N SER C 302 12.27 8.01 28.47
CA SER C 302 11.50 9.23 28.27
C SER C 302 12.09 10.19 27.25
N LYS C 303 12.85 9.77 26.26
CA LYS C 303 13.26 10.68 25.19
C LYS C 303 12.23 10.62 24.10
N ILE C 304 12.25 11.66 23.26
CA ILE C 304 11.31 11.67 22.12
C ILE C 304 11.62 10.51 21.19
N ASP C 305 10.61 10.03 20.45
CA ASP C 305 10.84 9.08 19.35
C ASP C 305 11.39 9.86 18.14
N ASN C 306 12.43 9.31 17.47
CA ASN C 306 12.98 9.97 16.30
C ASN C 306 11.89 10.18 15.25
N LEU C 307 10.98 9.21 15.13
CA LEU C 307 9.93 9.37 14.14
C LEU C 307 9.04 10.57 14.49
N GLN C 308 8.71 10.74 15.77
CA GLN C 308 7.89 11.92 16.11
C GLN C 308 8.68 13.19 15.94
N ALA C 309 9.99 13.16 16.18
CA ALA C 309 10.80 14.35 15.92
C ALA C 309 10.77 14.74 14.44
N ALA C 310 10.77 13.73 13.58
CA ALA C 310 10.68 13.98 12.13
C ALA C 310 9.35 14.63 11.82
N ILE C 311 8.28 14.09 12.41
CA ILE C 311 6.95 14.64 12.21
C ILE C 311 6.89 16.07 12.74
N GLY C 312 7.50 16.28 13.91
CA GLY C 312 7.57 17.63 14.47
C GLY C 312 8.25 18.65 13.58
N LEU C 313 9.33 18.26 12.91
CA LEU C 313 10.01 19.21 12.03
C LEU C 313 9.17 19.55 10.82
N GLU C 314 8.21 18.71 10.46
CA GLU C 314 7.28 19.08 9.41
C GLU C 314 6.17 19.96 9.98
N ARG C 315 5.54 19.55 11.10
CA ARG C 315 4.37 20.28 11.58
C ARG C 315 4.76 21.66 12.15
N ILE C 316 5.99 21.81 12.70
CA ILE C 316 6.35 23.11 13.28
C ILE C 316 6.47 24.19 12.21
N LYS C 317 6.53 23.82 10.95
CA LYS C 317 6.56 24.81 9.88
C LYS C 317 5.32 25.67 9.91
N PHE C 318 4.23 25.15 10.44
CA PHE C 318 2.95 25.86 10.51
C PHE C 318 2.74 26.63 11.80
N LEU C 319 3.71 26.68 12.73
CA LEU C 319 3.41 27.22 14.06
C LEU C 319 3.14 28.72 14.06
N SER C 320 4.05 29.54 13.52
CA SER C 320 3.77 30.97 13.58
C SER C 320 2.50 31.34 12.83
N TYR C 321 2.22 30.67 11.71
CA TYR C 321 1.03 30.96 10.93
C TYR C 321 -0.24 30.55 11.70
N ASN C 322 -0.24 29.36 12.27
CA ASN C 322 -1.40 28.93 13.07
C ASN C 322 -1.56 29.79 14.32
N ASN C 323 -0.44 30.23 14.94
CA ASN C 323 -0.59 31.13 16.07
C ASN C 323 -1.16 32.48 15.63
N LEU C 324 -0.79 32.97 14.44
CA LEU C 324 -1.40 34.21 13.94
C LEU C 324 -2.91 34.06 13.77
N LYS C 325 -3.35 32.93 13.19
CA LYS C 325 -4.79 32.64 13.05
C LYS C 325 -5.49 32.62 14.39
N ARG C 326 -4.82 32.08 15.42
CA ARG C 326 -5.41 32.09 16.75
C ARG C 326 -5.57 33.50 17.30
N VAL C 327 -4.58 34.39 17.10
N VAL C 327 -4.55 34.37 17.15
CA VAL C 327 -4.71 35.72 17.69
CA VAL C 327 -4.71 35.73 17.68
C VAL C 327 -5.75 36.53 16.92
C VAL C 327 -5.85 36.43 16.96
N PHE C 328 -5.94 36.24 15.62
CA PHE C 328 -7.07 36.86 14.89
C PHE C 328 -8.41 36.38 15.45
N LEU C 329 -8.55 35.07 15.66
CA LEU C 329 -9.80 34.55 16.24
C LEU C 329 -10.05 35.15 17.64
N ALA C 330 -9.01 35.22 18.50
CA ALA C 330 -9.22 35.74 19.85
C ALA C 330 -9.67 37.18 19.78
N GLN C 331 -9.00 37.99 18.96
CA GLN C 331 -9.42 39.37 18.79
C GLN C 331 -10.88 39.48 18.35
N ARG C 332 -11.32 38.57 17.49
CA ARG C 332 -12.67 38.62 16.94
C ARG C 332 -13.70 38.31 18.01
N TYR C 333 -13.39 37.39 18.91
CA TYR C 333 -14.28 37.10 20.03
C TYR C 333 -14.37 38.32 20.93
N ILE C 334 -13.22 38.89 21.28
CA ILE C 334 -13.17 40.06 22.15
C ILE C 334 -14.02 41.20 21.56
N ARG C 335 -13.84 41.50 20.29
CA ARG C 335 -14.56 42.63 19.73
C ARG C 335 -16.05 42.34 19.58
N ASN C 336 -16.41 41.08 19.28
CA ASN C 336 -17.81 40.82 18.98
C ASN C 336 -18.63 40.41 20.19
N LEU C 337 -17.98 40.17 21.34
CA LEU C 337 -18.64 39.87 22.60
C LEU C 337 -18.56 41.04 23.56
N LYS C 338 -17.99 42.16 23.13
CA LYS C 338 -17.80 43.29 24.03
C LYS C 338 -19.12 43.77 24.67
N GLU C 339 -20.21 43.78 23.90
CA GLU C 339 -21.50 44.22 24.44
C GLU C 339 -21.90 43.36 25.64
N LEU C 340 -21.59 42.03 25.61
CA LEU C 340 -21.94 41.18 26.74
C LEU C 340 -21.17 41.56 28.01
N GLU C 341 -19.97 42.09 27.84
CA GLU C 341 -19.20 42.54 28.99
C GLU C 341 -19.63 43.93 29.39
N ASP C 342 -19.95 44.80 28.43
CA ASP C 342 -20.47 46.13 28.74
C ASP C 342 -21.75 46.02 29.54
N ARG C 343 -22.51 44.95 29.32
CA ARG C 343 -23.76 44.65 30.03
C ARG C 343 -23.56 43.88 31.32
N GLU C 344 -22.31 43.69 31.73
CA GLU C 344 -21.92 42.97 32.94
C GLU C 344 -22.52 41.56 32.99
N LEU C 345 -22.53 40.88 31.84
CA LEU C 345 -22.90 39.47 31.82
C LEU C 345 -21.69 38.55 31.81
N ILE C 346 -20.60 38.95 31.18
CA ILE C 346 -19.40 38.13 31.06
C ILE C 346 -18.19 39.03 31.30
N LYS C 347 -17.06 38.41 31.55
CA LYS C 347 -15.79 39.10 31.51
C LYS C 347 -14.98 38.51 30.37
N LEU C 348 -14.33 39.36 29.56
CA LEU C 348 -13.53 38.85 28.43
C LEU C 348 -12.04 38.94 28.72
N PRO C 349 -11.21 38.15 28.05
CA PRO C 349 -9.78 38.38 28.12
C PRO C 349 -9.40 39.66 27.42
N ARG C 350 -8.26 40.21 27.82
CA ARG C 350 -7.70 41.35 27.12
C ARG C 350 -6.65 40.84 26.15
N MET C 351 -6.45 41.58 25.06
CA MET C 351 -5.32 41.26 24.18
C MET C 351 -4.01 41.72 24.81
N THR C 352 -3.03 40.79 24.85
CA THR C 352 -1.70 41.09 25.35
C THR C 352 -0.68 40.46 24.41
N GLU C 353 0.54 41.00 24.44
CA GLU C 353 1.49 40.57 23.44
C GLU C 353 2.09 39.21 23.74
N ASP C 354 1.89 38.67 24.96
CA ASP C 354 2.48 37.37 25.28
C ASP C 354 1.52 36.21 25.03
N ASN C 355 0.24 36.42 24.87
CA ASN C 355 -0.70 35.30 24.84
C ASN C 355 -0.65 34.58 23.50
N VAL C 356 -0.51 33.26 23.50
CA VAL C 356 -0.63 32.51 22.24
C VAL C 356 -1.99 31.86 22.04
N TRP C 357 -2.95 32.05 22.98
CA TRP C 357 -4.35 31.70 22.70
C TRP C 357 -4.50 30.21 22.41
N HIS C 358 -3.94 29.39 23.30
CA HIS C 358 -4.20 27.97 23.23
C HIS C 358 -5.67 27.68 23.54
N LEU C 359 -6.22 28.37 24.55
CA LEU C 359 -7.60 28.25 24.99
C LEU C 359 -8.11 29.67 25.21
N PHE C 360 -9.41 29.86 25.00
CA PHE C 360 -10.01 31.18 25.06
C PHE C 360 -10.99 31.17 26.20
N PRO C 361 -10.63 31.74 27.35
CA PRO C 361 -11.52 31.73 28.52
C PRO C 361 -12.39 32.97 28.56
N ILE C 362 -13.65 32.74 28.92
CA ILE C 362 -14.46 33.87 29.41
C ILE C 362 -15.00 33.56 30.80
N ARG C 363 -15.49 34.59 31.49
CA ARG C 363 -16.14 34.37 32.78
C ARG C 363 -17.60 34.75 32.64
N ILE C 364 -18.50 33.82 32.94
CA ILE C 364 -19.93 34.14 32.99
C ILE C 364 -20.29 34.33 34.44
N ILE C 365 -20.65 35.56 34.78
CA ILE C 365 -20.80 35.94 36.18
C ILE C 365 -22.26 35.81 36.60
N ASN C 366 -22.53 36.07 37.88
CA ASN C 366 -23.87 35.97 38.47
C ASN C 366 -24.44 34.55 38.40
N GLY C 367 -23.56 33.55 38.46
CA GLY C 367 -23.91 32.15 38.59
C GLY C 367 -24.52 31.50 37.35
N ARG C 368 -24.47 32.17 36.21
CA ARG C 368 -25.17 31.74 35.00
C ARG C 368 -24.31 30.80 34.13
N ARG C 369 -23.08 30.50 34.51
CA ARG C 369 -22.21 29.78 33.59
C ARG C 369 -22.79 28.44 33.16
N ASP C 370 -23.33 27.67 34.10
CA ASP C 370 -23.87 26.35 33.78
C ASP C 370 -25.04 26.47 32.82
N GLU C 371 -25.96 27.42 33.11
CA GLU C 371 -27.13 27.61 32.23
C GLU C 371 -26.66 27.94 30.81
N VAL C 372 -25.68 28.83 30.67
CA VAL C 372 -25.24 29.25 29.34
C VAL C 372 -24.60 28.09 28.60
N LYS C 373 -23.77 27.34 29.30
CA LYS C 373 -23.10 26.19 28.69
C LYS C 373 -24.11 25.18 28.21
N ASN C 374 -25.08 24.86 29.09
CA ASN C 374 -26.11 23.86 28.75
C ASN C 374 -27.00 24.32 27.63
N LYS C 375 -27.46 25.59 27.68
CA LYS C 375 -28.32 26.11 26.62
C LYS C 375 -27.63 26.22 25.28
N LEU C 376 -26.35 26.62 25.28
CA LEU C 376 -25.58 26.64 24.03
C LEU C 376 -25.55 25.27 23.38
N TYR C 377 -25.39 24.22 24.18
CA TYR C 377 -25.33 22.88 23.59
C TYR C 377 -26.74 22.41 23.19
N GLN C 378 -27.70 22.51 24.11
CA GLN C 378 -29.03 21.92 23.86
C GLN C 378 -29.81 22.68 22.79
N LEU C 379 -29.79 24.01 22.84
CA LEU C 379 -30.62 24.81 21.96
C LEU C 379 -29.91 25.29 20.71
N TYR C 380 -28.56 25.38 20.73
CA TYR C 380 -27.85 26.01 19.63
C TYR C 380 -26.85 25.06 19.01
N ASN C 381 -26.73 23.85 19.54
CA ASN C 381 -25.78 22.84 19.08
C ASN C 381 -24.34 23.37 19.07
N ILE C 382 -23.97 24.08 20.11
CA ILE C 382 -22.63 24.65 20.24
C ILE C 382 -21.99 24.01 21.46
N GLU C 383 -20.89 23.26 21.25
CA GLU C 383 -20.11 22.73 22.37
C GLU C 383 -19.10 23.76 22.88
N THR C 384 -19.19 24.09 24.17
CA THR C 384 -18.15 24.81 24.88
C THR C 384 -17.62 23.86 25.93
N ASP C 385 -16.57 24.27 26.64
CA ASP C 385 -16.03 23.33 27.63
C ASP C 385 -15.42 24.11 28.76
N ILE C 386 -15.03 23.37 29.82
CA ILE C 386 -14.41 23.95 31.02
C ILE C 386 -13.05 23.27 31.21
N TYR C 387 -11.99 23.99 30.89
CA TYR C 387 -10.62 23.49 31.11
C TYR C 387 -10.15 24.15 32.41
N TYR C 388 -10.27 23.49 33.57
CA TYR C 388 -10.55 22.06 33.80
C TYR C 388 -11.65 21.93 34.82
N PRO C 389 -12.42 20.85 34.72
CA PRO C 389 -13.68 20.75 35.47
C PRO C 389 -13.54 20.53 36.97
N VAL C 390 -12.39 20.02 37.46
CA VAL C 390 -12.20 19.79 38.90
C VAL C 390 -10.89 20.42 39.31
N LEU C 391 -10.93 21.28 40.34
CA LEU C 391 -9.67 21.82 40.87
C LEU C 391 -8.83 20.73 41.58
N SER C 392 -7.51 20.98 41.64
CA SER C 392 -6.59 19.97 42.18
C SER C 392 -6.97 19.55 43.59
N HIS C 393 -7.40 20.50 44.44
CA HIS C 393 -7.67 20.18 45.84
C HIS C 393 -9.11 19.71 46.05
N LYS C 394 -9.81 19.40 44.96
CA LYS C 394 -11.20 19.02 44.99
C LYS C 394 -11.45 17.66 44.35
N HIS C 395 -10.45 16.94 43.85
CA HIS C 395 -10.72 15.62 43.36
C HIS C 395 -11.08 14.71 44.52
N ASN C 396 -11.93 13.78 44.27
CA ASN C 396 -12.34 12.86 45.30
C ASN C 396 -11.40 11.68 45.30
N THR C 397 -10.25 11.92 45.90
CA THR C 397 -9.26 10.91 45.95
C THR C 397 -8.84 10.73 47.37
N LYS C 398 -8.22 9.62 47.66
CA LYS C 398 -7.70 9.42 49.00
C LYS C 398 -6.72 10.51 49.36
N LEU C 399 -5.86 10.88 48.42
CA LEU C 399 -4.88 11.93 48.67
C LEU C 399 -5.56 13.23 49.07
N VAL C 400 -6.59 13.62 48.34
CA VAL C 400 -7.25 14.88 48.70
C VAL C 400 -7.90 14.80 50.08
N LYS C 401 -8.55 13.67 50.38
CA LYS C 401 -9.20 13.52 51.68
C LYS C 401 -8.17 13.53 52.80
N LYS C 402 -6.92 13.14 52.50
CA LYS C 402 -5.94 13.07 53.57
C LYS C 402 -5.18 14.38 53.78
N ASN C 403 -4.92 15.15 52.73
CA ASN C 403 -3.94 16.22 52.78
C ASN C 403 -4.46 17.58 52.39
N TYR C 404 -5.63 17.66 51.75
CA TYR C 404 -5.99 18.91 51.09
C TYR C 404 -7.37 19.40 51.49
N MET C 405 -8.00 18.76 52.47
CA MET C 405 -9.37 19.14 52.86
C MET C 405 -9.47 20.56 53.42
N GLN C 406 -8.42 21.06 54.05
CA GLN C 406 -8.48 22.41 54.62
C GLN C 406 -7.95 23.49 53.68
N ASP C 407 -7.52 23.14 52.46
CA ASP C 407 -7.10 24.14 51.49
C ASP C 407 -8.30 24.95 51.04
N THR C 408 -8.13 26.26 50.98
CA THR C 408 -9.17 27.19 50.55
C THR C 408 -8.49 28.21 49.65
N LEU C 409 -8.91 28.28 48.39
CA LEU C 409 -8.22 29.08 47.36
C LEU C 409 -9.35 29.96 46.83
N LEU C 410 -9.51 31.15 47.41
CA LEU C 410 -10.75 31.87 47.19
C LEU C 410 -10.93 32.31 45.74
N ASN C 411 -9.92 32.94 45.15
CA ASN C 411 -10.12 33.38 43.78
C ASN C 411 -10.24 32.19 42.84
N THR C 412 -9.38 31.18 43.01
CA THR C 412 -9.47 30.03 42.13
C THR C 412 -10.86 29.43 42.14
N GLU C 413 -11.44 29.29 43.33
CA GLU C 413 -12.72 28.62 43.47
C GLU C 413 -13.85 29.47 42.93
N GLN C 414 -13.75 30.79 43.07
CA GLN C 414 -14.80 31.64 42.51
C GLN C 414 -14.71 31.73 40.98
N VAL C 415 -13.51 31.90 40.44
CA VAL C 415 -13.34 31.92 38.98
C VAL C 415 -13.82 30.60 38.39
N HIS C 416 -13.56 29.47 39.10
CA HIS C 416 -13.94 28.17 38.60
C HIS C 416 -15.46 28.02 38.41
N LYS C 417 -16.28 28.73 39.21
CA LYS C 417 -17.71 28.74 39.03
C LYS C 417 -18.17 29.58 37.84
N GLU C 418 -17.27 30.36 37.24
CA GLU C 418 -17.58 31.31 36.18
C GLU C 418 -16.94 30.99 34.84
N ILE C 419 -15.85 30.24 34.81
CA ILE C 419 -15.11 30.09 33.57
C ILE C 419 -15.85 29.22 32.55
N LEU C 420 -15.66 29.58 31.27
CA LEU C 420 -16.15 28.79 30.14
C LEU C 420 -15.17 29.02 28.98
N HIS C 421 -14.76 27.97 28.29
CA HIS C 421 -13.88 28.17 27.14
C HIS C 421 -14.69 28.06 25.86
N LEU C 422 -14.38 28.95 24.90
CA LEU C 422 -15.07 28.98 23.61
C LEU C 422 -14.20 28.34 22.55
N PRO C 423 -14.82 27.65 21.57
CA PRO C 423 -14.03 26.96 20.51
C PRO C 423 -13.09 27.92 19.81
N LEU C 424 -11.82 27.53 19.73
CA LEU C 424 -10.84 28.37 19.10
C LEU C 424 -9.73 27.45 18.66
N HIS C 425 -9.66 27.21 17.37
CA HIS C 425 -8.56 26.46 16.82
C HIS C 425 -8.28 26.99 15.42
N PRO C 426 -7.03 26.89 14.92
CA PRO C 426 -6.64 27.72 13.78
C PRO C 426 -7.33 27.37 12.48
N ASN C 427 -7.79 26.15 12.29
CA ASN C 427 -8.46 25.79 11.06
C ASN C 427 -9.95 25.92 11.16
N MET C 428 -10.41 26.61 12.19
CA MET C 428 -11.83 26.89 12.26
C MET C 428 -12.20 27.90 11.21
N LEU C 429 -13.44 27.82 10.75
CA LEU C 429 -13.93 28.77 9.78
C LEU C 429 -14.49 30.00 10.49
N LEU C 430 -14.38 31.16 9.86
CA LEU C 430 -15.01 32.32 10.45
C LEU C 430 -16.52 32.17 10.52
N GLU C 431 -17.15 31.46 9.55
CA GLU C 431 -18.55 31.13 9.70
C GLU C 431 -18.83 30.33 10.97
N GLU C 432 -17.94 29.41 11.34
CA GLU C 432 -18.08 28.67 12.60
C GLU C 432 -17.97 29.62 13.80
N GLN C 433 -16.98 30.48 13.79
CA GLN C 433 -16.92 31.47 14.88
C GLN C 433 -18.16 32.36 14.90
N ASN C 434 -18.71 32.74 13.73
CA ASN C 434 -19.90 33.57 13.74
C ASN C 434 -21.07 32.80 14.36
N PHE C 435 -21.16 31.50 14.09
CA PHE C 435 -22.21 30.68 14.69
C PHE C 435 -22.11 30.68 16.23
N VAL C 436 -20.90 30.51 16.77
CA VAL C 436 -20.66 30.64 18.21
C VAL C 436 -21.07 32.03 18.69
N LEU C 437 -20.58 33.08 18.03
CA LEU C 437 -20.94 34.44 18.42
C LEU C 437 -22.44 34.63 18.49
N GLU C 438 -23.18 34.14 17.46
CA GLU C 438 -24.62 34.37 17.46
C GLU C 438 -25.29 33.62 18.61
N GLY C 439 -24.81 32.42 18.92
CA GLY C 439 -25.41 31.67 20.00
C GLY C 439 -25.18 32.37 21.32
N LEU C 440 -23.94 32.80 21.56
CA LEU C 440 -23.64 33.52 22.80
C LEU C 440 -24.47 34.79 22.95
N ILE C 441 -24.68 35.53 21.86
CA ILE C 441 -25.46 36.75 22.00
C ILE C 441 -26.90 36.38 22.25
N ASN C 442 -27.40 35.37 21.50
CA ASN C 442 -28.81 35.03 21.60
C ASN C 442 -29.16 34.44 22.95
N VAL C 443 -28.26 33.62 23.51
CA VAL C 443 -28.54 32.99 24.78
C VAL C 443 -28.54 34.01 25.92
N ASN C 444 -27.90 35.18 25.73
CA ASN C 444 -27.84 36.21 26.75
C ASN C 444 -28.84 37.35 26.53
N LYS C 445 -29.88 37.11 25.74
CA LYS C 445 -30.94 38.10 25.62
C LYS C 445 -32.01 37.83 26.68
N THR D 7 -33.42 18.48 2.51
CA THR D 7 -33.45 17.23 1.76
C THR D 7 -32.09 16.51 1.84
N LEU D 8 -32.13 15.19 1.95
CA LEU D 8 -30.94 14.35 1.97
C LEU D 8 -30.87 13.56 0.66
N THR D 9 -29.69 13.53 0.07
CA THR D 9 -29.41 12.92 -1.22
C THR D 9 -28.24 11.98 -1.00
N THR D 10 -28.33 10.75 -1.51
CA THR D 10 -27.18 9.85 -1.52
C THR D 10 -26.44 10.02 -2.83
N ILE D 11 -25.17 10.41 -2.76
CA ILE D 11 -24.35 10.52 -3.95
C ILE D 11 -24.05 9.11 -4.46
N SER D 12 -24.48 8.81 -5.69
CA SER D 12 -24.38 7.49 -6.30
C SER D 12 -23.08 7.31 -7.06
N GLY D 13 -22.33 8.40 -7.33
CA GLY D 13 -21.18 8.25 -8.19
C GLY D 13 -21.42 8.56 -9.64
N HIS D 14 -22.63 8.95 -10.00
CA HIS D 14 -22.94 9.26 -11.41
C HIS D 14 -23.10 10.75 -11.64
N SER D 15 -23.37 11.09 -12.90
CA SER D 15 -23.20 12.48 -13.34
C SER D 15 -24.23 13.38 -12.71
N LYS D 16 -25.44 12.91 -12.53
CA LYS D 16 -26.46 13.81 -12.00
C LYS D 16 -26.15 14.25 -10.58
N ASP D 17 -25.77 13.30 -9.77
CA ASP D 17 -25.44 13.64 -8.41
C ASP D 17 -24.15 14.46 -8.31
N ASN D 18 -23.20 14.21 -9.21
CA ASN D 18 -22.01 15.06 -9.20
C ASN D 18 -22.39 16.51 -9.44
N LEU D 19 -23.31 16.77 -10.38
CA LEU D 19 -23.74 18.14 -10.64
C LEU D 19 -24.43 18.71 -9.41
N ALA D 20 -25.25 17.89 -8.75
CA ALA D 20 -25.93 18.41 -7.56
C ALA D 20 -24.91 18.70 -6.47
N LEU D 21 -23.90 17.85 -6.34
CA LEU D 21 -22.89 18.09 -5.32
C LEU D 21 -22.12 19.35 -5.64
N LEU D 22 -21.77 19.55 -6.89
CA LEU D 22 -21.05 20.75 -7.29
C LEU D 22 -21.87 22.00 -7.04
N LYS D 23 -23.15 21.96 -7.30
CA LYS D 23 -23.99 23.13 -7.06
C LYS D 23 -24.05 23.46 -5.58
N CYS D 24 -24.04 22.44 -4.75
CA CYS D 24 -24.06 22.69 -3.34
C CYS D 24 -22.76 23.24 -2.88
N LEU D 25 -21.67 22.67 -3.32
CA LEU D 25 -20.39 23.15 -2.94
C LEU D 25 -20.29 24.62 -3.30
N GLN D 26 -20.84 24.99 -4.43
CA GLN D 26 -20.78 26.39 -4.87
C GLN D 26 -21.95 27.25 -4.38
N GLY D 27 -22.82 26.75 -3.51
CA GLY D 27 -23.87 27.58 -2.95
C GLY D 27 -25.00 27.96 -3.87
N GLU D 28 -25.15 27.27 -4.98
CA GLU D 28 -26.25 27.48 -5.90
C GLU D 28 -27.51 26.72 -5.50
N THR D 29 -27.54 26.12 -4.31
CA THR D 29 -28.72 25.43 -3.82
C THR D 29 -28.96 25.74 -2.35
N LYS D 30 -30.20 25.48 -1.93
CA LYS D 30 -30.65 25.33 -0.55
C LYS D 30 -29.60 24.81 0.41
N GLU D 31 -29.84 24.93 1.72
CA GLU D 31 -29.14 24.01 2.60
C GLU D 31 -29.57 22.63 2.15
N LYS D 32 -28.64 21.89 1.58
CA LYS D 32 -28.88 20.54 1.10
C LYS D 32 -27.88 19.65 1.80
N GLU D 33 -28.29 18.46 2.20
CA GLU D 33 -27.34 17.58 2.83
C GLU D 33 -27.12 16.35 1.98
N PHE D 34 -25.91 15.79 2.10
CA PHE D 34 -25.51 14.67 1.28
C PHE D 34 -24.97 13.54 2.13
N GLU D 35 -25.22 12.30 1.70
CA GLU D 35 -24.44 11.17 2.16
C GLU D 35 -23.85 10.55 0.92
N ILE D 36 -22.96 9.59 1.10
CA ILE D 36 -22.27 9.05 -0.06
C ILE D 36 -22.42 7.54 -0.08
N SER D 37 -22.87 7.01 -1.21
CA SER D 37 -23.00 5.55 -1.33
C SER D 37 -21.63 4.89 -1.26
N ASN D 38 -21.59 3.81 -0.51
CA ASN D 38 -20.34 3.09 -0.26
C ASN D 38 -20.05 2.07 -1.35
N VAL D 39 -20.05 2.54 -2.55
CA VAL D 39 -19.73 1.73 -3.72
C VAL D 39 -18.31 2.06 -4.14
N LEU D 40 -17.67 1.12 -4.80
CA LEU D 40 -16.26 1.32 -5.09
C LEU D 40 -15.97 2.59 -5.88
N PRO D 41 -16.70 2.96 -6.92
CA PRO D 41 -16.35 4.17 -7.66
C PRO D 41 -16.44 5.45 -6.82
N ASN D 42 -16.99 5.38 -5.60
CA ASN D 42 -17.02 6.56 -4.71
C ASN D 42 -15.90 6.56 -3.67
N HIS D 43 -14.98 5.61 -3.69
N HIS D 43 -14.95 5.62 -3.68
CA HIS D 43 -14.04 5.48 -2.59
CA HIS D 43 -14.10 5.51 -2.50
C HIS D 43 -13.25 6.76 -2.37
C HIS D 43 -13.18 6.72 -2.34
N LYS D 44 -12.64 7.29 -3.43
CA LYS D 44 -11.82 8.49 -3.26
C LYS D 44 -12.69 9.70 -2.84
N MET D 45 -13.86 9.87 -3.49
CA MET D 45 -14.74 11.01 -3.08
C MET D 45 -15.10 10.91 -1.61
N LYS D 46 -15.37 9.68 -1.13
CA LYS D 46 -15.76 9.52 0.26
C LYS D 46 -14.60 9.88 1.17
N GLU D 47 -13.39 9.44 0.82
CA GLU D 47 -12.23 9.78 1.64
C GLU D 47 -11.95 11.28 1.64
N LYS D 48 -12.04 11.93 0.47
CA LYS D 48 -11.56 13.29 0.32
C LYS D 48 -12.60 14.31 0.79
N LEU D 49 -13.89 14.02 0.59
CA LEU D 49 -14.93 15.02 0.82
C LEU D 49 -15.90 14.73 1.95
N PHE D 50 -15.91 13.54 2.52
CA PHE D 50 -16.89 13.15 3.51
C PHE D 50 -16.20 12.80 4.82
N ARG D 51 -16.95 12.96 5.91
CA ARG D 51 -16.48 12.58 7.24
C ARG D 51 -17.74 12.19 8.02
N GLU D 52 -17.81 10.96 8.54
CA GLU D 52 -18.99 10.44 9.26
C GLU D 52 -20.21 10.29 8.35
N ASN D 53 -19.99 9.87 7.10
CA ASN D 53 -21.00 9.87 6.05
C ASN D 53 -21.71 11.21 5.90
N LYS D 54 -21.03 12.33 6.18
CA LYS D 54 -21.60 13.63 5.81
C LYS D 54 -20.52 14.47 5.15
N LEU D 55 -20.95 15.38 4.29
CA LEU D 55 -20.03 16.26 3.59
C LEU D 55 -19.19 17.04 4.58
N LYS D 56 -17.89 17.14 4.33
CA LYS D 56 -17.05 17.95 5.19
C LYS D 56 -17.47 19.42 5.09
N ILE D 57 -17.44 20.15 6.21
CA ILE D 57 -17.88 21.54 6.21
C ILE D 57 -16.82 22.46 5.63
N ASP D 58 -15.57 22.02 5.56
CA ASP D 58 -14.46 22.91 5.30
C ASP D 58 -13.88 22.73 3.92
N ILE D 59 -14.70 22.37 2.93
CA ILE D 59 -14.20 22.09 1.59
C ILE D 59 -14.12 23.41 0.80
N ASP D 60 -12.93 23.70 0.30
CA ASP D 60 -12.75 24.78 -0.66
C ASP D 60 -12.40 24.15 -1.99
N ILE D 61 -13.24 24.29 -3.02
CA ILE D 61 -12.94 23.55 -4.26
C ILE D 61 -11.56 23.92 -4.78
N GLU D 62 -11.33 25.22 -4.96
CA GLU D 62 -10.10 25.63 -5.62
C GLU D 62 -8.85 25.19 -4.84
N LYS D 63 -8.85 25.32 -3.53
CA LYS D 63 -7.64 25.02 -2.79
C LYS D 63 -7.48 23.57 -2.37
N ASP D 64 -8.56 22.94 -1.99
CA ASP D 64 -8.49 21.58 -1.55
C ASP D 64 -8.59 20.53 -2.66
N ILE D 65 -9.44 20.78 -3.63
CA ILE D 65 -9.64 19.82 -4.70
C ILE D 65 -8.63 20.05 -5.84
N PHE D 66 -8.38 21.31 -6.16
CA PHE D 66 -7.47 21.61 -7.26
C PHE D 66 -6.10 22.10 -6.80
N ASN D 67 -5.85 22.18 -5.50
CA ASN D 67 -4.54 22.58 -5.00
C ASN D 67 -4.04 23.90 -5.59
N TYR D 68 -4.96 24.86 -5.74
CA TYR D 68 -4.56 26.12 -6.33
C TYR D 68 -3.53 26.84 -5.46
N SER D 69 -2.51 27.41 -6.11
CA SER D 69 -1.47 28.11 -5.38
C SER D 69 -0.81 29.22 -6.19
N ARG D 70 -1.47 29.72 -7.25
CA ARG D 70 -0.90 30.69 -8.18
C ARG D 70 0.43 30.22 -8.73
N LYS D 71 0.52 28.93 -9.03
CA LYS D 71 1.69 28.39 -9.71
C LYS D 71 1.84 29.03 -11.09
N ASN D 72 3.08 29.40 -11.44
CA ASN D 72 3.33 29.98 -12.75
C ASN D 72 3.32 28.90 -13.82
N ILE D 73 2.58 29.14 -14.90
CA ILE D 73 2.46 28.17 -15.98
C ILE D 73 3.07 28.74 -17.26
N GLN D 74 3.83 27.92 -18.02
CA GLN D 74 4.48 28.46 -19.22
C GLN D 74 4.02 27.83 -20.53
N LYS D 75 3.31 26.72 -20.48
CA LYS D 75 2.84 26.01 -21.66
C LYS D 75 1.78 25.04 -21.20
N ILE D 76 1.00 24.57 -22.17
CA ILE D 76 -0.07 23.60 -21.95
C ILE D 76 0.01 22.50 -22.99
N GLU D 77 0.06 21.25 -22.52
CA GLU D 77 -0.13 20.09 -23.38
C GLU D 77 -1.56 19.56 -23.26
N PHE D 78 -2.06 18.97 -24.33
CA PHE D 78 -3.49 18.63 -24.32
C PHE D 78 -3.77 17.48 -23.36
N MET D 79 -2.92 16.46 -23.38
CA MET D 79 -3.14 15.24 -22.58
C MET D 79 -1.80 14.59 -22.27
N PRO D 80 -1.08 15.15 -21.38
CA PRO D 80 0.16 14.51 -20.93
C PRO D 80 -0.13 13.24 -20.13
N VAL D 81 0.22 12.08 -20.67
CA VAL D 81 -0.33 10.88 -20.06
C VAL D 81 0.25 10.60 -18.66
N ASN D 82 1.43 11.12 -18.33
CA ASN D 82 1.93 10.94 -16.96
C ASN D 82 1.00 11.65 -15.95
N ARG D 83 0.27 12.68 -16.39
CA ARG D 83 -0.65 13.37 -15.49
C ARG D 83 -1.98 12.65 -15.26
N LEU D 84 -2.29 11.58 -15.99
CA LEU D 84 -3.58 10.93 -15.83
C LEU D 84 -3.58 9.87 -14.72
N ILE D 85 -2.45 9.61 -14.11
CA ILE D 85 -2.38 8.64 -13.02
C ILE D 85 -1.67 9.32 -11.86
N SER D 86 -2.24 9.19 -10.67
CA SER D 86 -1.73 9.82 -9.47
C SER D 86 -0.84 8.86 -8.68
N GLN D 87 0.00 9.44 -7.82
CA GLN D 87 0.82 8.58 -6.96
C GLN D 87 -0.07 7.70 -6.06
N SER D 88 -1.23 8.23 -5.62
CA SER D 88 -2.09 7.42 -4.77
C SER D 88 -2.58 6.17 -5.52
N GLU D 89 -2.96 6.34 -6.80
CA GLU D 89 -3.33 5.19 -7.61
C GLU D 89 -2.15 4.20 -7.72
N ILE D 90 -0.96 4.73 -7.96
CA ILE D 90 0.20 3.83 -8.12
C ILE D 90 0.46 3.01 -6.87
N ASP D 91 0.41 3.66 -5.69
CA ASP D 91 0.64 2.94 -4.44
C ASP D 91 -0.37 1.83 -4.28
N GLY D 92 -1.62 2.10 -4.63
CA GLY D 92 -2.65 1.09 -4.53
C GLY D 92 -2.46 -0.03 -5.53
N ILE D 93 -2.02 0.32 -6.76
CA ILE D 93 -1.81 -0.68 -7.81
C ILE D 93 -0.69 -1.60 -7.39
N ILE D 94 0.39 -1.04 -6.82
CA ILE D 94 1.47 -1.93 -6.36
C ILE D 94 0.96 -2.87 -5.28
N GLY D 95 0.15 -2.33 -4.35
CA GLY D 95 -0.46 -3.17 -3.31
C GLY D 95 -1.27 -4.31 -3.87
N THR D 96 -2.16 -4.02 -4.84
CA THR D 96 -2.96 -5.13 -5.32
C THR D 96 -2.12 -6.07 -6.21
N LEU D 97 -1.14 -5.54 -6.94
CA LEU D 97 -0.26 -6.47 -7.71
C LEU D 97 0.44 -7.47 -6.78
N LYS D 98 0.85 -7.05 -5.57
CA LYS D 98 1.49 -7.99 -4.64
C LYS D 98 0.56 -9.11 -4.23
N GLU D 99 -0.76 -8.88 -4.33
CA GLU D 99 -1.74 -9.92 -4.03
C GLU D 99 -1.97 -10.81 -5.24
N VAL D 100 -2.14 -10.21 -6.42
CA VAL D 100 -2.49 -11.00 -7.62
C VAL D 100 -1.30 -11.83 -8.12
N LEU D 101 -0.10 -11.23 -8.16
CA LEU D 101 1.02 -11.93 -8.80
C LEU D 101 1.26 -13.31 -8.23
N PRO D 102 1.37 -13.54 -6.91
CA PRO D 102 1.64 -14.92 -6.47
C PRO D 102 0.53 -15.91 -6.72
N THR D 103 -0.69 -15.47 -7.08
CA THR D 103 -1.72 -16.44 -7.41
C THR D 103 -1.49 -17.07 -8.76
N GLY D 104 -0.69 -16.43 -9.62
CA GLY D 104 -0.45 -16.99 -10.95
C GLY D 104 -1.66 -16.88 -11.86
N GLN D 105 -2.77 -16.29 -11.42
CA GLN D 105 -4.00 -16.27 -12.20
C GLN D 105 -3.98 -15.04 -13.11
N PHE D 106 -3.68 -15.26 -14.38
CA PHE D 106 -3.39 -14.16 -15.27
C PHE D 106 -4.29 -14.19 -16.50
N THR D 107 -5.24 -15.11 -16.54
CA THR D 107 -6.23 -15.05 -17.60
C THR D 107 -7.55 -14.69 -16.95
N SER D 108 -8.52 -15.59 -16.83
CA SER D 108 -9.62 -15.10 -16.01
C SER D 108 -9.26 -15.43 -14.56
N GLY D 109 -9.97 -14.83 -13.66
CA GLY D 109 -9.69 -15.08 -12.28
C GLY D 109 -10.66 -14.24 -11.49
N PRO D 110 -10.44 -14.23 -10.19
CA PRO D 110 -11.40 -13.63 -9.26
C PRO D 110 -11.50 -12.14 -9.40
N PHE D 111 -10.42 -11.47 -9.82
CA PHE D 111 -10.53 -10.03 -9.94
C PHE D 111 -11.34 -9.68 -11.17
N SER D 112 -11.28 -10.48 -12.24
CA SER D 112 -12.17 -10.27 -13.40
C SER D 112 -13.62 -10.35 -12.95
N LYS D 113 -13.95 -11.37 -12.17
CA LYS D 113 -15.32 -11.54 -11.71
C LYS D 113 -15.76 -10.36 -10.85
N LYS D 114 -14.89 -9.95 -9.93
CA LYS D 114 -15.27 -8.85 -9.04
C LYS D 114 -15.48 -7.56 -9.81
N LEU D 115 -14.63 -7.28 -10.79
CA LEU D 115 -14.85 -6.04 -11.57
C LEU D 115 -16.13 -6.13 -12.39
N GLU D 116 -16.49 -7.32 -12.88
CA GLU D 116 -17.78 -7.46 -13.55
C GLU D 116 -18.91 -7.11 -12.59
N GLU D 117 -18.80 -7.56 -11.32
CA GLU D 117 -19.84 -7.30 -10.34
C GLU D 117 -19.92 -5.81 -10.01
N VAL D 118 -18.75 -5.17 -9.84
CA VAL D 118 -18.73 -3.72 -9.53
C VAL D 118 -19.34 -2.93 -10.68
N ILE D 119 -19.00 -3.27 -11.93
CA ILE D 119 -19.54 -2.54 -13.07
C ILE D 119 -21.03 -2.79 -13.19
N GLY D 120 -21.45 -4.04 -12.96
CA GLY D 120 -22.86 -4.37 -13.00
C GLY D 120 -23.65 -3.57 -11.99
N ASP D 121 -23.10 -3.41 -10.76
CA ASP D 121 -23.78 -2.63 -9.74
C ASP D 121 -23.85 -1.16 -10.15
N TYR D 122 -22.73 -0.64 -10.66
CA TYR D 122 -22.65 0.77 -11.00
C TYR D 122 -23.53 1.11 -12.19
N LEU D 123 -23.71 0.17 -13.12
CA LEU D 123 -24.58 0.45 -14.26
C LEU D 123 -26.02 -0.04 -14.05
N ASN D 124 -26.31 -0.71 -12.93
CA ASN D 124 -27.58 -1.33 -12.65
C ASN D 124 -28.03 -2.25 -13.78
N LYS D 125 -27.10 -3.13 -14.18
CA LYS D 125 -27.39 -4.12 -15.21
C LYS D 125 -26.99 -5.51 -14.70
N LYS D 126 -27.70 -6.53 -15.19
CA LYS D 126 -27.62 -7.86 -14.62
C LYS D 126 -26.36 -8.60 -15.04
N TYR D 127 -25.89 -8.35 -16.26
CA TYR D 127 -24.79 -9.17 -16.81
C TYR D 127 -23.66 -8.31 -17.33
N VAL D 128 -22.44 -8.66 -16.98
CA VAL D 128 -21.28 -7.92 -17.46
C VAL D 128 -20.22 -8.93 -17.88
N ILE D 129 -19.70 -8.77 -19.09
CA ILE D 129 -18.57 -9.55 -19.59
C ILE D 129 -17.41 -8.59 -19.75
N ALA D 130 -16.39 -8.68 -18.90
CA ALA D 130 -15.25 -7.80 -19.06
C ALA D 130 -14.34 -8.29 -20.14
N THR D 131 -13.91 -7.39 -21.03
CA THR D 131 -13.21 -7.74 -22.26
C THR D 131 -11.82 -7.12 -22.31
N SER D 132 -11.06 -7.58 -23.34
CA SER D 132 -9.73 -7.13 -23.55
C SER D 132 -9.64 -5.71 -24.15
N SER D 133 -10.79 -5.15 -24.55
CA SER D 133 -10.83 -3.75 -25.05
C SER D 133 -12.25 -3.42 -25.38
N GLY D 134 -12.49 -2.13 -25.55
CA GLY D 134 -13.84 -1.73 -26.00
C GLY D 134 -14.10 -2.14 -27.44
N THR D 135 -13.05 -2.12 -28.26
CA THR D 135 -13.22 -2.57 -29.67
C THR D 135 -13.64 -4.05 -29.70
N ASP D 136 -13.01 -4.87 -28.88
CA ASP D 136 -13.36 -6.29 -28.83
C ASP D 136 -14.77 -6.47 -28.28
N ALA D 137 -15.15 -5.71 -27.25
CA ALA D 137 -16.50 -5.77 -26.70
C ALA D 137 -17.53 -5.48 -27.80
N LEU D 138 -17.29 -4.46 -28.61
CA LEU D 138 -18.22 -4.12 -29.70
C LEU D 138 -18.29 -5.23 -30.74
N MET D 139 -17.12 -5.80 -31.14
CA MET D 139 -17.14 -6.91 -32.12
C MET D 139 -17.92 -8.09 -31.58
N VAL D 140 -17.68 -8.47 -30.32
CA VAL D 140 -18.38 -9.60 -29.76
C VAL D 140 -19.87 -9.33 -29.67
N SER D 141 -20.23 -8.13 -29.25
CA SER D 141 -21.63 -7.81 -29.08
C SER D 141 -22.37 -7.84 -30.39
N LEU D 142 -21.73 -7.34 -31.44
CA LEU D 142 -22.36 -7.39 -32.77
C LEU D 142 -22.60 -8.84 -33.21
N LEU D 143 -21.62 -9.72 -32.97
CA LEU D 143 -21.87 -11.14 -33.30
C LEU D 143 -23.00 -11.71 -32.43
N SER D 144 -23.06 -11.31 -31.15
CA SER D 144 -24.06 -11.92 -30.26
C SER D 144 -25.46 -11.60 -30.70
N ILE D 145 -25.69 -10.43 -31.36
CA ILE D 145 -27.04 -10.18 -31.85
C ILE D 145 -27.29 -10.78 -33.19
N GLY D 146 -26.34 -11.53 -33.75
CA GLY D 146 -26.60 -12.24 -34.97
C GLY D 146 -26.15 -11.57 -36.22
N ILE D 147 -25.24 -10.59 -36.14
CA ILE D 147 -24.77 -9.91 -37.33
C ILE D 147 -24.01 -10.89 -38.22
N GLN D 148 -24.36 -10.93 -39.50
CA GLN D 148 -23.67 -11.77 -40.48
C GLN D 148 -23.01 -10.88 -41.51
N PRO D 149 -22.05 -11.38 -42.27
CA PRO D 149 -21.48 -10.54 -43.34
C PRO D 149 -22.55 -9.99 -44.28
N GLY D 150 -22.46 -8.67 -44.49
CA GLY D 150 -23.35 -7.96 -45.38
C GLY D 150 -24.48 -7.29 -44.65
N ASP D 151 -24.67 -7.63 -43.36
CA ASP D 151 -25.69 -6.93 -42.57
C ASP D 151 -25.29 -5.47 -42.37
N GLU D 152 -26.28 -4.59 -42.21
CA GLU D 152 -25.98 -3.17 -42.08
C GLU D 152 -26.11 -2.71 -40.63
N VAL D 153 -25.28 -1.75 -40.25
CA VAL D 153 -25.29 -1.16 -38.91
C VAL D 153 -25.34 0.34 -39.08
N ILE D 154 -26.38 0.98 -38.58
CA ILE D 154 -26.54 2.43 -38.70
C ILE D 154 -25.74 3.10 -37.58
N MET D 155 -24.89 4.07 -37.94
CA MET D 155 -24.00 4.69 -36.96
C MET D 155 -23.63 6.08 -37.45
N PRO D 156 -23.09 6.91 -36.59
CA PRO D 156 -22.57 8.21 -37.03
C PRO D 156 -21.20 8.07 -37.66
N ALA D 157 -20.75 9.15 -38.31
CA ALA D 157 -19.51 9.18 -39.05
C ALA D 157 -18.41 9.92 -38.33
N ASN D 158 -18.65 10.36 -37.09
CA ASN D 158 -17.70 11.25 -36.43
C ASN D 158 -17.09 10.63 -35.19
N SER D 159 -17.22 9.32 -35.00
CA SER D 159 -16.63 8.61 -33.85
C SER D 159 -15.17 8.22 -34.11
N PHE D 160 -14.50 7.77 -33.03
CA PHE D 160 -13.19 7.17 -33.23
C PHE D 160 -13.33 6.00 -34.21
N ALA D 161 -12.23 5.71 -34.92
CA ALA D 161 -12.26 4.61 -35.92
C ALA D 161 -12.65 3.26 -35.35
N ALA D 162 -12.41 3.02 -34.05
CA ALA D 162 -12.81 1.75 -33.47
C ALA D 162 -14.26 1.36 -33.74
N THR D 163 -15.16 2.31 -33.71
CA THR D 163 -16.57 1.99 -33.86
C THR D 163 -16.88 1.34 -35.21
N GLU D 164 -16.49 2.01 -36.27
CA GLU D 164 -16.68 1.43 -37.58
C GLU D 164 -15.83 0.17 -37.79
N ASN D 165 -14.66 0.16 -37.17
CA ASN D 165 -13.78 -0.98 -37.42
C ASN D 165 -14.38 -2.26 -36.87
N ALA D 166 -15.01 -2.20 -35.71
CA ALA D 166 -15.64 -3.41 -35.15
C ALA D 166 -16.72 -3.96 -36.09
N VAL D 167 -17.48 -3.07 -36.70
CA VAL D 167 -18.47 -3.45 -37.68
C VAL D 167 -17.80 -4.09 -38.89
N LEU D 168 -16.77 -3.44 -39.44
CA LEU D 168 -16.12 -3.97 -40.65
C LEU D 168 -15.38 -5.28 -40.38
N ALA D 169 -14.80 -5.42 -39.19
CA ALA D 169 -14.01 -6.62 -38.92
C ALA D 169 -14.82 -7.88 -38.95
N ILE D 170 -16.13 -7.82 -38.70
CA ILE D 170 -16.95 -9.00 -38.79
C ILE D 170 -17.74 -9.03 -40.09
N GLY D 171 -17.37 -8.20 -41.07
CA GLY D 171 -17.92 -8.25 -42.42
C GLY D 171 -19.24 -7.55 -42.58
N ALA D 172 -19.61 -6.73 -41.61
CA ALA D 172 -20.82 -5.91 -41.68
C ALA D 172 -20.54 -4.55 -42.31
N LYS D 173 -21.62 -3.83 -42.64
CA LYS D 173 -21.55 -2.63 -43.46
C LYS D 173 -22.03 -1.45 -42.66
N PRO D 174 -21.15 -0.50 -42.29
CA PRO D 174 -21.60 0.77 -41.71
C PRO D 174 -22.51 1.53 -42.67
N VAL D 175 -23.61 2.03 -42.13
CA VAL D 175 -24.48 2.92 -42.86
C VAL D 175 -24.49 4.22 -42.04
N PHE D 176 -23.94 5.28 -42.62
CA PHE D 176 -23.73 6.53 -41.88
C PHE D 176 -24.94 7.46 -41.91
N VAL D 177 -25.30 7.99 -40.77
CA VAL D 177 -26.40 8.94 -40.60
C VAL D 177 -25.83 10.20 -39.96
N ASP D 178 -26.41 11.33 -40.33
CA ASP D 178 -25.91 12.63 -39.88
C ASP D 178 -26.16 12.84 -38.38
N ILE D 179 -25.35 13.75 -37.78
CA ILE D 179 -25.50 14.13 -36.38
C ILE D 179 -26.49 15.27 -36.25
N ASP D 180 -26.95 15.44 -35.02
CA ASP D 180 -27.92 16.48 -34.68
C ASP D 180 -27.27 17.86 -34.68
N HIS D 181 -28.05 18.88 -34.28
CA HIS D 181 -27.56 20.26 -34.29
C HIS D 181 -27.29 20.80 -32.90
N LYS D 182 -26.85 19.95 -31.98
CA LYS D 182 -26.75 20.47 -30.63
C LYS D 182 -25.85 19.63 -29.77
N SER D 183 -25.52 18.39 -30.17
CA SER D 183 -24.89 17.51 -29.20
C SER D 183 -23.79 16.63 -29.73
N TYR D 184 -23.48 16.69 -31.04
CA TYR D 184 -22.49 15.85 -31.75
C TYR D 184 -22.91 14.41 -31.81
N CYS D 185 -24.17 14.12 -31.54
CA CYS D 185 -24.64 12.74 -31.50
C CYS D 185 -25.54 12.46 -32.71
N ILE D 186 -25.67 11.18 -33.03
CA ILE D 186 -26.51 10.78 -34.18
C ILE D 186 -27.93 11.40 -34.10
N ASP D 187 -28.43 11.89 -35.23
CA ASP D 187 -29.74 12.55 -35.20
C ASP D 187 -30.82 11.47 -35.27
N PRO D 188 -31.65 11.32 -34.23
CA PRO D 188 -32.69 10.27 -34.25
C PRO D 188 -33.61 10.47 -35.44
N LEU D 189 -33.80 11.72 -35.89
CA LEU D 189 -34.74 11.98 -36.97
C LEU D 189 -34.20 11.60 -38.35
N LYS D 190 -32.95 11.18 -38.45
CA LYS D 190 -32.37 10.75 -39.73
C LYS D 190 -32.17 9.24 -39.78
N ILE D 191 -32.52 8.53 -38.70
CA ILE D 191 -32.23 7.08 -38.65
C ILE D 191 -33.20 6.30 -39.51
N GLU D 192 -34.50 6.57 -39.40
CA GLU D 192 -35.49 5.71 -40.05
C GLU D 192 -35.29 5.62 -41.57
N GLU D 193 -34.93 6.74 -42.19
CA GLU D 193 -34.81 6.72 -43.63
C GLU D 193 -33.63 5.86 -44.08
N ALA D 194 -32.67 5.55 -43.18
CA ALA D 194 -31.52 4.71 -43.53
C ALA D 194 -31.78 3.23 -43.32
N ILE D 195 -32.91 2.83 -42.75
CA ILE D 195 -33.20 1.43 -42.46
C ILE D 195 -33.56 0.73 -43.77
N THR D 196 -32.96 -0.45 -44.00
CA THR D 196 -33.23 -1.28 -45.17
C THR D 196 -33.53 -2.70 -44.69
N GLN D 197 -33.74 -3.62 -45.64
CA GLN D 197 -33.89 -5.02 -45.26
C GLN D 197 -32.65 -5.62 -44.63
N LYS D 198 -31.49 -4.98 -44.81
CA LYS D 198 -30.25 -5.49 -44.27
C LYS D 198 -29.92 -4.94 -42.90
N THR D 199 -30.65 -3.93 -42.42
CA THR D 199 -30.31 -3.33 -41.13
C THR D 199 -30.51 -4.31 -39.99
N LYS D 200 -29.52 -4.41 -39.13
CA LYS D 200 -29.64 -5.27 -37.96
C LYS D 200 -29.38 -4.56 -36.66
N CYS D 201 -28.83 -3.34 -36.70
CA CYS D 201 -28.43 -2.71 -35.44
C CYS D 201 -28.39 -1.22 -35.67
N ILE D 202 -28.76 -0.47 -34.64
CA ILE D 202 -28.42 0.93 -34.54
C ILE D 202 -27.35 1.05 -33.48
N LEU D 203 -26.27 1.75 -33.84
CA LEU D 203 -25.07 1.89 -32.99
C LEU D 203 -24.79 3.36 -32.70
N PRO D 204 -25.55 3.95 -31.77
CA PRO D 204 -25.28 5.35 -31.38
C PRO D 204 -24.03 5.41 -30.57
N VAL D 205 -23.35 6.53 -30.67
CA VAL D 205 -22.12 6.76 -29.92
C VAL D 205 -22.35 7.93 -28.98
N HIS D 206 -22.02 7.71 -27.70
CA HIS D 206 -22.21 8.82 -26.70
C HIS D 206 -20.94 9.65 -26.69
N LEU D 207 -20.80 10.42 -27.76
CA LEU D 207 -19.52 11.01 -28.06
C LEU D 207 -19.11 12.13 -27.09
N TYR D 208 -17.83 12.10 -26.67
CA TYR D 208 -17.22 13.12 -25.81
C TYR D 208 -17.69 12.99 -24.37
N GLY D 209 -18.49 11.96 -24.06
CA GLY D 209 -19.06 11.88 -22.72
C GLY D 209 -20.53 12.27 -22.63
N LYS D 210 -21.13 12.69 -23.73
CA LYS D 210 -22.53 13.15 -23.74
C LYS D 210 -23.42 12.03 -24.28
N GLN D 211 -24.58 11.78 -23.65
CA GLN D 211 -25.45 10.73 -24.18
C GLN D 211 -26.29 11.21 -25.37
N CYS D 212 -26.54 10.29 -26.25
CA CYS D 212 -27.48 10.55 -27.33
C CYS D 212 -28.91 10.54 -26.79
N ASP D 213 -29.83 10.90 -27.66
CA ASP D 213 -31.27 10.87 -27.30
C ASP D 213 -31.79 9.46 -27.43
N MET D 214 -31.61 8.68 -26.40
CA MET D 214 -31.92 7.29 -26.50
C MET D 214 -33.38 6.93 -26.45
N LYS D 215 -34.16 7.75 -25.79
CA LYS D 215 -35.59 7.47 -25.80
C LYS D 215 -36.14 7.52 -27.21
N ARG D 216 -35.71 8.49 -28.01
CA ARG D 216 -36.22 8.56 -29.39
C ARG D 216 -35.61 7.43 -30.24
N ILE D 217 -34.35 7.13 -30.03
CA ILE D 217 -33.75 6.07 -30.85
C ILE D 217 -34.45 4.75 -30.52
N ARG D 218 -34.81 4.54 -29.25
CA ARG D 218 -35.53 3.31 -28.90
C ARG D 218 -36.91 3.26 -29.53
N GLU D 219 -37.62 4.39 -29.60
CA GLU D 219 -38.93 4.37 -30.26
C GLU D 219 -38.82 3.85 -31.69
N ILE D 220 -37.82 4.32 -32.43
CA ILE D 220 -37.63 3.83 -33.79
C ILE D 220 -37.23 2.37 -33.80
N ALA D 221 -36.25 2.01 -32.98
CA ALA D 221 -35.79 0.62 -32.92
C ALA D 221 -36.93 -0.33 -32.61
N ASP D 222 -37.86 0.09 -31.73
CA ASP D 222 -38.95 -0.82 -31.39
C ASP D 222 -39.92 -1.02 -32.56
N VAL D 223 -40.25 0.05 -33.27
CA VAL D 223 -41.12 -0.08 -34.46
C VAL D 223 -40.53 -1.07 -35.48
N TYR D 224 -39.21 -1.04 -35.65
CA TYR D 224 -38.55 -1.87 -36.66
C TYR D 224 -37.93 -3.13 -36.06
N GLN D 225 -38.18 -3.40 -34.77
CA GLN D 225 -37.60 -4.54 -34.06
C GLN D 225 -36.11 -4.70 -34.37
N LEU D 226 -35.38 -3.60 -34.14
CA LEU D 226 -33.93 -3.55 -34.29
C LEU D 226 -33.28 -3.52 -32.92
N ARG D 227 -32.10 -4.12 -32.87
CA ARG D 227 -31.26 -4.03 -31.66
C ARG D 227 -30.58 -2.68 -31.61
N ILE D 228 -30.30 -2.23 -30.37
CA ILE D 228 -29.44 -1.06 -30.13
C ILE D 228 -28.24 -1.54 -29.32
N ILE D 229 -27.06 -1.32 -29.85
CA ILE D 229 -25.78 -1.46 -29.13
C ILE D 229 -25.26 -0.05 -28.97
N GLU D 230 -25.03 0.37 -27.74
CA GLU D 230 -24.58 1.74 -27.46
C GLU D 230 -23.06 1.76 -27.28
N ASP D 231 -22.38 2.59 -28.06
CA ASP D 231 -20.94 2.81 -27.83
C ASP D 231 -20.82 3.87 -26.76
N ALA D 232 -20.65 3.41 -25.53
CA ALA D 232 -20.51 4.23 -24.34
C ALA D 232 -19.08 4.25 -23.87
N CYS D 233 -18.14 4.08 -24.79
CA CYS D 233 -16.74 3.99 -24.39
C CYS D 233 -16.18 5.27 -23.82
N GLN D 234 -16.82 6.43 -24.04
CA GLN D 234 -16.37 7.70 -23.45
C GLN D 234 -17.31 8.16 -22.34
N ALA D 235 -18.32 7.36 -21.96
CA ALA D 235 -19.40 7.92 -21.13
C ALA D 235 -19.60 7.24 -19.77
N ILE D 236 -18.58 6.53 -19.28
CA ILE D 236 -18.76 5.91 -17.96
C ILE D 236 -19.11 6.97 -16.88
N GLY D 237 -20.08 6.61 -16.05
CA GLY D 237 -20.53 7.47 -15.01
C GLY D 237 -21.73 8.26 -15.42
N SER D 238 -22.11 8.23 -16.69
CA SER D 238 -23.28 9.05 -17.06
C SER D 238 -24.59 8.47 -16.48
N SER D 239 -25.41 9.33 -15.87
CA SER D 239 -26.61 8.85 -15.19
C SER D 239 -27.55 8.17 -16.19
N ASN D 240 -28.11 7.06 -15.75
CA ASN D 240 -29.10 6.25 -16.51
C ASN D 240 -28.55 5.66 -17.79
N LEU D 241 -27.24 5.64 -17.94
CA LEU D 241 -26.62 4.98 -19.11
C LEU D 241 -27.22 3.62 -19.37
N GLY D 242 -27.67 3.41 -20.63
CA GLY D 242 -28.09 2.07 -21.06
C GLY D 242 -29.55 1.74 -20.82
N GLU D 243 -30.33 2.67 -20.27
CA GLU D 243 -31.73 2.42 -19.93
C GLU D 243 -32.49 1.82 -21.10
N TYR D 244 -32.19 2.29 -22.32
CA TYR D 244 -32.96 1.87 -23.49
C TYR D 244 -32.16 0.98 -24.44
N GLY D 245 -30.94 0.62 -24.13
CA GLY D 245 -30.12 -0.11 -25.08
C GLY D 245 -30.15 -1.62 -24.81
N ASP D 246 -29.97 -2.42 -25.86
CA ASP D 246 -29.91 -3.86 -25.59
C ASP D 246 -28.57 -4.25 -24.99
N ILE D 247 -27.47 -3.74 -25.53
CA ILE D 247 -26.13 -3.94 -25.00
C ILE D 247 -25.46 -2.58 -24.92
N ILE D 248 -24.68 -2.35 -23.84
CA ILE D 248 -23.87 -1.14 -23.71
C ILE D 248 -22.41 -1.57 -23.73
N ILE D 249 -21.59 -0.89 -24.52
CA ILE D 249 -20.12 -1.13 -24.60
C ILE D 249 -19.40 -0.07 -23.80
N LEU D 250 -18.47 -0.54 -22.97
CA LEU D 250 -17.55 0.30 -22.22
C LEU D 250 -16.13 0.05 -22.68
N SER D 251 -15.29 1.08 -22.57
CA SER D 251 -13.84 0.95 -22.70
C SER D 251 -13.23 1.42 -21.37
N PHE D 252 -12.21 0.69 -20.97
CA PHE D 252 -11.37 1.09 -19.83
C PHE D 252 -9.95 1.37 -20.28
N ASN D 253 -9.80 1.85 -21.50
CA ASN D 253 -8.51 2.30 -21.99
C ASN D 253 -7.96 3.32 -21.01
N PRO D 254 -6.64 3.42 -20.89
CA PRO D 254 -6.04 4.19 -19.80
C PRO D 254 -6.30 5.69 -19.90
N TYR D 255 -6.83 6.18 -20.99
N TYR D 255 -6.77 6.19 -21.06
CA TYR D 255 -6.96 7.60 -21.11
CA TYR D 255 -7.12 7.60 -21.35
C TYR D 255 -8.47 7.90 -21.13
C TYR D 255 -8.50 7.93 -20.90
N ASN D 257 -12.26 8.16 -18.87
CA ASN D 257 -12.52 8.75 -17.53
C ASN D 257 -12.21 7.80 -16.41
N PHE D 258 -12.42 6.49 -16.65
CA PHE D 258 -11.89 5.40 -15.81
C PHE D 258 -11.07 4.52 -16.73
N GLY D 259 -9.83 4.24 -16.34
CA GLY D 259 -8.94 3.43 -17.15
C GLY D 259 -8.22 2.45 -16.28
N VAL D 260 -7.81 1.35 -16.91
CA VAL D 260 -6.82 0.44 -16.29
C VAL D 260 -5.41 0.84 -16.75
N CYS D 261 -4.45 -0.08 -16.69
CA CYS D 261 -3.06 0.25 -17.07
C CYS D 261 -2.70 -0.57 -18.29
N GLY D 262 -3.56 -0.55 -19.29
CA GLY D 262 -3.48 -1.39 -20.47
C GLY D 262 -4.85 -1.34 -21.13
N LYS D 263 -5.09 -2.31 -22.01
CA LYS D 263 -6.39 -2.35 -22.70
C LYS D 263 -7.40 -3.18 -21.92
N ALA D 264 -8.67 -2.73 -21.94
CA ALA D 264 -9.76 -3.51 -21.37
C ALA D 264 -11.06 -2.77 -21.70
N GLY D 265 -12.17 -3.48 -21.56
CA GLY D 265 -13.50 -2.90 -21.77
C GLY D 265 -14.56 -3.82 -21.16
N ALA D 266 -15.84 -3.59 -21.56
CA ALA D 266 -16.88 -4.44 -21.02
C ALA D 266 -18.09 -4.38 -21.93
N ILE D 267 -18.87 -5.45 -21.85
CA ILE D 267 -20.16 -5.66 -22.46
C ILE D 267 -21.15 -5.71 -21.32
N VAL D 268 -22.19 -4.86 -21.34
CA VAL D 268 -23.16 -4.79 -20.26
C VAL D 268 -24.55 -4.98 -20.83
N THR D 269 -25.37 -5.81 -20.19
CA THR D 269 -26.71 -6.08 -20.72
C THR D 269 -27.59 -6.67 -19.64
N ASN D 270 -28.91 -6.48 -19.79
CA ASN D 270 -29.85 -7.27 -18.99
C ASN D 270 -30.35 -8.52 -19.70
N ASN D 271 -29.93 -8.77 -20.92
CA ASN D 271 -30.49 -9.83 -21.73
C ASN D 271 -29.63 -11.08 -21.55
N GLU D 272 -30.17 -12.11 -20.87
CA GLU D 272 -29.35 -13.31 -20.58
C GLU D 272 -28.90 -14.02 -21.83
N ASN D 273 -29.79 -14.16 -22.83
CA ASN D 273 -29.38 -14.79 -24.07
C ASN D 273 -28.19 -14.07 -24.71
N LEU D 274 -28.26 -12.75 -24.82
CA LEU D 274 -27.16 -12.01 -25.43
C LEU D 274 -25.92 -12.13 -24.57
N ALA D 275 -26.09 -12.08 -23.23
CA ALA D 275 -24.94 -12.15 -22.34
C ALA D 275 -24.22 -13.49 -22.50
N ILE D 276 -24.99 -14.58 -22.57
CA ILE D 276 -24.40 -15.90 -22.76
C ILE D 276 -23.63 -15.97 -24.08
N ARG D 277 -24.26 -15.53 -25.19
CA ARG D 277 -23.55 -15.58 -26.45
C ARG D 277 -22.31 -14.69 -26.44
N CYS D 278 -22.38 -13.52 -25.77
CA CYS D 278 -21.20 -12.67 -25.65
C CYS D 278 -20.09 -13.39 -24.91
N ASN D 279 -20.44 -14.06 -23.81
CA ASN D 279 -19.46 -14.80 -23.05
C ASN D 279 -18.81 -15.86 -23.92
N GLN D 280 -19.62 -16.59 -24.69
CA GLN D 280 -19.05 -17.63 -25.58
C GLN D 280 -18.18 -17.03 -26.68
N TYR D 281 -18.66 -16.00 -27.40
CA TYR D 281 -17.84 -15.40 -28.47
C TYR D 281 -16.57 -14.74 -27.93
N SER D 282 -16.61 -14.23 -26.69
CA SER D 282 -15.42 -13.59 -26.11
C SER D 282 -14.32 -14.59 -25.77
N TYR D 283 -14.61 -15.90 -25.79
CA TYR D 283 -13.60 -16.87 -25.42
C TYR D 283 -13.79 -18.12 -26.35
N HIS D 284 -13.42 -17.93 -27.63
CA HIS D 284 -13.17 -19.03 -28.60
C HIS D 284 -14.43 -19.79 -28.98
N GLY D 285 -15.62 -19.28 -28.64
CA GLY D 285 -16.84 -20.02 -28.95
C GLY D 285 -17.10 -21.15 -27.99
N PHE D 286 -16.30 -21.28 -26.93
CA PHE D 286 -16.52 -22.36 -25.97
C PHE D 286 -17.79 -22.16 -25.17
N GLU D 287 -18.39 -23.28 -24.79
CA GLU D 287 -19.47 -23.20 -23.83
C GLU D 287 -18.91 -22.60 -22.54
N VAL D 288 -19.77 -21.83 -21.86
CA VAL D 288 -19.36 -21.16 -20.64
C VAL D 288 -18.77 -22.15 -19.64
N ASP D 289 -17.56 -21.86 -19.16
CA ASP D 289 -16.81 -22.69 -18.20
C ASP D 289 -16.43 -24.07 -18.75
N LYS D 290 -16.48 -24.27 -20.08
CA LYS D 290 -16.10 -25.54 -20.69
C LYS D 290 -14.98 -25.29 -21.70
N LYS D 291 -13.80 -25.01 -21.18
CA LYS D 291 -12.66 -24.77 -22.05
C LYS D 291 -12.50 -25.94 -23.02
N ASN D 292 -12.19 -25.58 -24.28
CA ASN D 292 -11.86 -26.47 -25.41
C ASN D 292 -13.09 -27.16 -25.99
N LYS D 293 -14.28 -26.79 -25.56
CA LYS D 293 -15.49 -27.43 -26.05
C LYS D 293 -16.33 -26.36 -26.72
N LYS D 294 -16.30 -26.27 -28.05
CA LYS D 294 -17.06 -25.23 -28.76
C LYS D 294 -18.54 -25.55 -28.86
N VAL D 295 -19.35 -24.48 -28.67
N VAL D 295 -19.34 -24.48 -28.74
CA VAL D 295 -20.78 -24.50 -28.95
CA VAL D 295 -20.78 -24.52 -28.99
C VAL D 295 -21.13 -23.49 -30.01
C VAL D 295 -21.11 -23.49 -30.07
N LEU D 296 -20.37 -22.39 -30.12
CA LEU D 296 -20.50 -21.46 -31.25
C LEU D 296 -19.43 -21.80 -32.27
N ASP D 297 -19.60 -21.32 -33.49
CA ASP D 297 -18.76 -21.77 -34.58
C ASP D 297 -17.32 -21.34 -34.37
N PHE D 298 -17.09 -20.18 -33.77
CA PHE D 298 -15.76 -19.68 -33.49
C PHE D 298 -15.93 -18.64 -32.41
N GLY D 299 -14.80 -18.10 -31.95
CA GLY D 299 -14.83 -16.94 -31.09
C GLY D 299 -13.44 -16.35 -31.07
N PHE D 300 -13.24 -15.39 -30.14
CA PHE D 300 -12.01 -14.61 -30.05
C PHE D 300 -11.33 -14.94 -28.75
N ASN D 301 -10.21 -14.27 -28.49
CA ASN D 301 -9.56 -14.36 -27.18
C ASN D 301 -9.64 -12.98 -26.54
N SER D 302 -10.85 -12.66 -26.03
CA SER D 302 -11.20 -11.27 -25.79
C SER D 302 -11.74 -11.03 -24.38
N LYS D 303 -11.42 -11.84 -23.39
CA LYS D 303 -11.76 -11.47 -22.03
C LYS D 303 -10.69 -10.54 -21.45
N ILE D 304 -11.09 -9.80 -20.40
CA ILE D 304 -10.11 -8.99 -19.70
C ILE D 304 -9.06 -9.88 -19.05
N ASP D 305 -7.86 -9.33 -18.93
CA ASP D 305 -6.81 -9.95 -18.08
C ASP D 305 -7.16 -9.79 -16.60
N ASN D 306 -7.07 -10.86 -15.80
CA ASN D 306 -7.27 -10.76 -14.35
C ASN D 306 -6.41 -9.67 -13.73
N LEU D 307 -5.15 -9.51 -14.19
CA LEU D 307 -4.29 -8.47 -13.64
C LEU D 307 -4.87 -7.07 -13.92
N GLN D 308 -5.38 -6.82 -15.11
CA GLN D 308 -5.94 -5.52 -15.41
C GLN D 308 -7.22 -5.31 -14.65
N ALA D 309 -8.00 -6.37 -14.42
CA ALA D 309 -9.20 -6.20 -13.60
C ALA D 309 -8.83 -5.80 -12.17
N ALA D 310 -7.79 -6.38 -11.62
CA ALA D 310 -7.31 -5.99 -10.30
C ALA D 310 -6.86 -4.53 -10.29
N ILE D 311 -6.11 -4.13 -11.33
CA ILE D 311 -5.74 -2.71 -11.47
C ILE D 311 -7.00 -1.86 -11.55
N GLY D 312 -7.97 -2.27 -12.32
CA GLY D 312 -9.21 -1.52 -12.40
C GLY D 312 -9.97 -1.33 -11.11
N LEU D 313 -9.94 -2.33 -10.26
CA LEU D 313 -10.61 -2.22 -9.00
C LEU D 313 -9.94 -1.18 -8.11
N GLU D 314 -8.66 -0.95 -8.30
CA GLU D 314 -8.00 0.12 -7.58
C GLU D 314 -8.26 1.48 -8.22
N ARG D 315 -8.15 1.56 -9.54
CA ARG D 315 -8.31 2.84 -10.19
C ARG D 315 -9.75 3.38 -10.18
N ILE D 316 -10.71 2.48 -10.25
CA ILE D 316 -12.09 2.92 -10.27
C ILE D 316 -12.47 3.63 -8.98
N LYS D 317 -11.67 3.44 -7.94
CA LYS D 317 -11.97 4.18 -6.70
C LYS D 317 -11.99 5.68 -6.96
N PHE D 318 -11.24 6.11 -7.98
CA PHE D 318 -11.15 7.55 -8.23
C PHE D 318 -12.18 8.06 -9.21
N LEU D 319 -13.09 7.23 -9.68
CA LEU D 319 -13.90 7.62 -10.84
C LEU D 319 -14.86 8.77 -10.49
N SER D 320 -15.65 8.64 -9.42
CA SER D 320 -16.64 9.72 -9.24
C SER D 320 -15.95 11.04 -8.91
N TYR D 321 -14.83 10.97 -8.17
CA TYR D 321 -14.15 12.21 -7.81
C TYR D 321 -13.50 12.84 -9.04
N ASN D 322 -12.83 12.05 -9.88
CA ASN D 322 -12.27 12.57 -11.14
C ASN D 322 -13.37 13.11 -12.04
N ASN D 323 -14.57 12.50 -12.03
CA ASN D 323 -15.64 13.00 -12.90
C ASN D 323 -16.14 14.30 -12.32
N LEU D 324 -16.15 14.42 -11.01
CA LEU D 324 -16.58 15.71 -10.40
C LEU D 324 -15.62 16.81 -10.83
N LYS D 325 -14.31 16.54 -10.74
CA LYS D 325 -13.30 17.52 -11.18
C LYS D 325 -13.51 17.91 -12.65
N ARG D 326 -13.82 16.93 -13.52
CA ARG D 326 -14.13 17.25 -14.91
C ARG D 326 -15.32 18.21 -15.07
N VAL D 327 -16.40 18.00 -14.31
N VAL D 327 -16.44 17.96 -14.34
CA VAL D 327 -17.57 18.86 -14.50
CA VAL D 327 -17.60 18.85 -14.43
C VAL D 327 -17.31 20.25 -13.94
C VAL D 327 -17.19 20.26 -14.05
N PHE D 328 -16.48 20.38 -12.91
CA PHE D 328 -16.05 21.71 -12.49
C PHE D 328 -15.21 22.39 -13.58
N LEU D 329 -14.25 21.67 -14.18
CA LEU D 329 -13.46 22.27 -15.26
C LEU D 329 -14.34 22.68 -16.44
N ALA D 330 -15.34 21.84 -16.77
CA ALA D 330 -16.20 22.16 -17.91
C ALA D 330 -16.99 23.42 -17.63
N GLN D 331 -17.61 23.47 -16.44
CA GLN D 331 -18.39 24.65 -16.05
C GLN D 331 -17.51 25.87 -16.10
N ARG D 332 -16.24 25.76 -15.68
CA ARG D 332 -15.36 26.92 -15.67
C ARG D 332 -15.02 27.39 -17.09
N TYR D 333 -14.80 26.47 -18.03
CA TYR D 333 -14.66 26.91 -19.43
C TYR D 333 -15.93 27.63 -19.90
N ILE D 334 -17.09 27.08 -19.65
CA ILE D 334 -18.34 27.66 -20.17
C ILE D 334 -18.55 29.07 -19.65
N ARG D 335 -18.35 29.21 -18.36
CA ARG D 335 -18.58 30.52 -17.76
C ARG D 335 -17.57 31.56 -18.17
N ASN D 336 -16.32 31.18 -18.33
CA ASN D 336 -15.27 32.15 -18.61
C ASN D 336 -15.08 32.49 -20.08
N LEU D 337 -15.62 31.67 -20.96
CA LEU D 337 -15.60 31.92 -22.41
C LEU D 337 -16.92 32.48 -22.93
N LYS D 338 -17.91 32.70 -22.05
CA LYS D 338 -19.23 33.22 -22.47
C LYS D 338 -19.08 34.45 -23.36
N GLU D 339 -18.20 35.38 -22.99
CA GLU D 339 -18.02 36.59 -23.80
C GLU D 339 -17.76 36.27 -25.27
N LEU D 340 -16.96 35.22 -25.55
CA LEU D 340 -16.65 34.92 -26.94
C LEU D 340 -17.85 34.35 -27.69
N GLU D 341 -18.74 33.65 -26.99
CA GLU D 341 -19.96 33.23 -27.64
C GLU D 341 -20.88 34.43 -27.85
N ASP D 342 -20.90 35.35 -26.89
CA ASP D 342 -21.75 36.54 -27.03
C ASP D 342 -21.36 37.34 -28.28
N ARG D 343 -20.07 37.47 -28.54
CA ARG D 343 -19.51 38.11 -29.72
C ARG D 343 -19.60 37.25 -30.99
N GLU D 344 -20.26 36.09 -30.92
CA GLU D 344 -20.51 35.25 -32.08
C GLU D 344 -19.19 34.80 -32.73
N LEU D 345 -18.21 34.51 -31.88
CA LEU D 345 -16.96 33.93 -32.37
C LEU D 345 -16.86 32.42 -32.20
N ILE D 346 -17.50 31.89 -31.17
CA ILE D 346 -17.46 30.46 -30.86
C ILE D 346 -18.85 30.06 -30.41
N LYS D 347 -19.09 28.75 -30.40
CA LYS D 347 -20.22 28.17 -29.69
C LYS D 347 -19.70 27.23 -28.63
N LEU D 348 -20.28 27.31 -27.43
CA LEU D 348 -19.90 26.53 -26.25
C LEU D 348 -20.90 25.41 -25.97
N PRO D 349 -20.47 24.29 -25.38
CA PRO D 349 -21.40 23.28 -24.87
C PRO D 349 -22.24 23.88 -23.73
N ARG D 350 -23.35 23.22 -23.48
CA ARG D 350 -24.23 23.54 -22.36
C ARG D 350 -24.01 22.54 -21.24
N MET D 351 -24.27 22.96 -20.04
CA MET D 351 -24.12 22.04 -18.92
C MET D 351 -25.38 21.19 -18.88
N THR D 352 -25.21 19.86 -18.89
CA THR D 352 -26.35 18.95 -18.79
C THR D 352 -26.01 17.84 -17.80
N GLU D 353 -27.07 17.18 -17.26
CA GLU D 353 -26.87 16.27 -16.17
C GLU D 353 -26.25 14.96 -16.63
N ASP D 354 -26.21 14.69 -17.93
CA ASP D 354 -25.70 13.39 -18.39
C ASP D 354 -24.23 13.43 -18.78
N ASN D 355 -23.69 14.61 -19.06
CA ASN D 355 -22.36 14.68 -19.70
C ASN D 355 -21.28 14.39 -18.67
N VAL D 356 -20.36 13.47 -18.99
CA VAL D 356 -19.25 13.24 -18.08
C VAL D 356 -17.96 13.88 -18.58
N TRP D 357 -18.02 14.65 -19.65
CA TRP D 357 -16.93 15.55 -20.04
C TRP D 357 -15.62 14.81 -20.23
N HIS D 358 -15.67 13.73 -21.01
CA HIS D 358 -14.43 13.08 -21.43
C HIS D 358 -13.61 14.00 -22.27
N LEU D 359 -14.26 14.71 -23.20
CA LEU D 359 -13.63 15.72 -24.05
C LEU D 359 -14.52 16.96 -24.05
N PHE D 360 -13.90 18.11 -24.28
CA PHE D 360 -14.59 19.40 -24.17
C PHE D 360 -14.56 20.12 -25.51
N PRO D 361 -15.62 19.99 -26.30
CA PRO D 361 -15.68 20.60 -27.64
C PRO D 361 -16.21 22.03 -27.61
N ILE D 362 -15.56 22.87 -28.41
CA ILE D 362 -16.16 24.16 -28.77
C ILE D 362 -16.22 24.21 -30.30
N ARG D 363 -17.03 25.10 -30.82
CA ARG D 363 -16.99 25.37 -32.25
C ARG D 363 -16.49 26.79 -32.51
N ILE D 364 -15.48 26.90 -33.38
CA ILE D 364 -14.96 28.18 -33.82
C ILE D 364 -15.58 28.46 -35.17
N ILE D 365 -16.40 29.50 -35.29
CA ILE D 365 -17.16 29.66 -36.52
C ILE D 365 -16.49 30.66 -37.45
N ASN D 366 -17.17 30.95 -38.58
CA ASN D 366 -16.67 31.89 -39.58
C ASN D 366 -15.34 31.46 -40.14
N GLY D 367 -15.11 30.14 -40.19
CA GLY D 367 -13.93 29.64 -40.84
C GLY D 367 -12.65 29.82 -40.06
N ARG D 368 -12.71 30.28 -38.81
CA ARG D 368 -11.48 30.63 -38.09
C ARG D 368 -10.84 29.48 -37.31
N ARG D 369 -11.35 28.25 -37.40
CA ARG D 369 -10.92 27.22 -36.47
C ARG D 369 -9.42 26.93 -36.65
N ASP D 370 -8.98 26.76 -37.89
CA ASP D 370 -7.57 26.40 -38.13
C ASP D 370 -6.65 27.50 -37.62
N GLU D 371 -7.01 28.76 -37.89
CA GLU D 371 -6.17 29.87 -37.45
C GLU D 371 -6.10 29.93 -35.92
N VAL D 372 -7.24 29.79 -35.24
CA VAL D 372 -7.23 29.79 -33.78
C VAL D 372 -6.38 28.62 -33.25
N LYS D 373 -6.53 27.40 -33.81
CA LYS D 373 -5.78 26.27 -33.31
C LYS D 373 -4.28 26.49 -33.51
N ASN D 374 -3.90 26.98 -34.67
CA ASN D 374 -2.50 27.12 -34.99
C ASN D 374 -1.87 28.27 -34.19
N LYS D 375 -2.62 29.38 -34.01
CA LYS D 375 -2.08 30.45 -33.20
C LYS D 375 -2.05 30.09 -31.73
N LEU D 376 -3.07 29.39 -31.21
CA LEU D 376 -3.01 28.96 -29.81
C LEU D 376 -1.70 28.20 -29.54
N TYR D 377 -1.24 27.35 -30.48
CA TYR D 377 -0.01 26.64 -30.24
C TYR D 377 1.21 27.52 -30.49
N GLN D 378 1.30 28.12 -31.68
CA GLN D 378 2.56 28.76 -32.06
C GLN D 378 2.76 30.06 -31.32
N LEU D 379 1.69 30.84 -31.08
CA LEU D 379 1.81 32.11 -30.34
C LEU D 379 1.62 31.98 -28.84
N TYR D 380 0.77 31.06 -28.34
CA TYR D 380 0.42 31.03 -26.92
C TYR D 380 0.89 29.74 -26.22
N ASN D 381 1.53 28.83 -26.94
CA ASN D 381 2.06 27.59 -26.36
C ASN D 381 0.96 26.75 -25.73
N ILE D 382 -0.19 26.69 -26.39
CA ILE D 382 -1.30 25.89 -25.93
C ILE D 382 -1.61 24.83 -27.00
N GLU D 383 -1.51 23.57 -26.63
CA GLU D 383 -1.98 22.47 -27.48
C GLU D 383 -3.50 22.32 -27.38
N THR D 384 -4.16 22.26 -28.55
CA THR D 384 -5.55 21.82 -28.58
C THR D 384 -5.57 20.67 -29.58
N ASP D 385 -6.69 19.97 -29.68
CA ASP D 385 -6.75 18.84 -30.60
C ASP D 385 -8.10 18.79 -31.28
N ILE D 386 -8.21 17.96 -32.33
CA ILE D 386 -9.47 17.76 -33.06
C ILE D 386 -9.77 16.26 -32.97
N TYR D 387 -10.69 15.86 -32.08
CA TYR D 387 -11.15 14.45 -32.04
C TYR D 387 -12.43 14.38 -32.87
N TYR D 388 -12.38 13.89 -34.10
CA TYR D 388 -11.26 13.20 -34.75
C TYR D 388 -10.97 13.88 -36.08
N PRO D 389 -9.76 13.73 -36.61
CA PRO D 389 -9.35 14.59 -37.73
C PRO D 389 -9.96 14.22 -39.06
N VAL D 390 -10.37 12.95 -39.26
CA VAL D 390 -10.92 12.53 -40.56
C VAL D 390 -12.28 11.88 -40.29
N LEU D 391 -13.30 12.27 -41.05
CA LEU D 391 -14.59 11.60 -40.87
C LEU D 391 -14.59 10.22 -41.54
N SER D 392 -15.53 9.35 -41.13
CA SER D 392 -15.47 7.96 -41.58
C SER D 392 -15.58 7.81 -43.09
N HIS D 393 -16.39 8.63 -43.73
CA HIS D 393 -16.62 8.46 -45.15
C HIS D 393 -15.56 9.21 -45.97
N LYS D 394 -14.52 9.73 -45.33
CA LYS D 394 -13.54 10.56 -46.02
C LYS D 394 -12.13 10.02 -45.93
N HIS D 395 -11.93 8.85 -45.32
CA HIS D 395 -10.61 8.23 -45.38
C HIS D 395 -10.25 7.90 -46.80
N ASN D 396 -8.95 7.89 -47.09
CA ASN D 396 -8.45 7.47 -48.40
C ASN D 396 -8.16 5.97 -48.37
N THR D 397 -9.23 5.17 -48.38
CA THR D 397 -9.14 3.70 -48.39
C THR D 397 -9.94 3.18 -49.56
N LYS D 398 -9.61 1.94 -50.00
CA LYS D 398 -10.41 1.27 -51.03
C LYS D 398 -11.88 1.20 -50.65
N LEU D 399 -12.17 0.93 -49.36
CA LEU D 399 -13.55 0.78 -48.92
C LEU D 399 -14.33 2.07 -49.18
N VAL D 400 -13.74 3.20 -48.84
CA VAL D 400 -14.41 4.49 -49.02
C VAL D 400 -14.57 4.78 -50.51
N LYS D 401 -13.51 4.57 -51.29
CA LYS D 401 -13.61 4.80 -52.73
C LYS D 401 -14.65 3.91 -53.39
N LYS D 402 -14.85 2.70 -52.87
CA LYS D 402 -15.80 1.78 -53.49
C LYS D 402 -17.24 2.01 -53.03
N ASN D 403 -17.43 2.49 -51.80
CA ASN D 403 -18.73 2.38 -51.16
C ASN D 403 -19.28 3.66 -50.56
N TYR D 404 -18.45 4.67 -50.28
CA TYR D 404 -18.91 5.82 -49.50
C TYR D 404 -18.74 7.14 -50.25
N MET D 405 -18.49 7.10 -51.56
CA MET D 405 -18.19 8.35 -52.26
C MET D 405 -19.44 9.24 -52.43
N GLN D 406 -20.64 8.67 -52.36
CA GLN D 406 -21.87 9.44 -52.53
C GLN D 406 -22.46 9.89 -51.20
N ASP D 407 -21.84 9.52 -50.07
CA ASP D 407 -22.34 9.93 -48.78
C ASP D 407 -22.13 11.42 -48.57
N THR D 408 -23.20 12.11 -48.18
CA THR D 408 -23.15 13.53 -47.81
C THR D 408 -23.83 13.64 -46.46
N LEU D 409 -23.08 14.10 -45.49
CA LEU D 409 -23.54 14.23 -44.11
C LEU D 409 -23.32 15.68 -43.79
N LEU D 410 -24.32 16.52 -44.11
CA LEU D 410 -24.10 17.98 -44.16
C LEU D 410 -23.70 18.53 -42.81
N ASN D 411 -24.41 18.14 -41.75
CA ASN D 411 -24.10 18.70 -40.42
CA ASN D 411 -24.10 18.72 -40.46
C ASN D 411 -22.79 18.19 -39.91
N THR D 412 -22.55 16.88 -40.06
CA THR D 412 -21.26 16.32 -39.64
C THR D 412 -20.11 17.06 -40.30
N GLU D 413 -20.23 17.29 -41.60
CA GLU D 413 -19.15 17.92 -42.35
C GLU D 413 -18.97 19.37 -41.95
N GLN D 414 -20.05 20.11 -41.76
CA GLN D 414 -19.92 21.51 -41.34
C GLN D 414 -19.31 21.61 -39.97
N VAL D 415 -19.81 20.80 -39.02
CA VAL D 415 -19.27 20.86 -37.66
C VAL D 415 -17.81 20.46 -37.65
N HIS D 416 -17.42 19.53 -38.52
CA HIS D 416 -16.05 19.08 -38.54
C HIS D 416 -15.08 20.23 -38.88
N LYS D 417 -15.55 21.26 -39.60
CA LYS D 417 -14.74 22.42 -39.96
C LYS D 417 -14.61 23.41 -38.80
N GLU D 418 -15.43 23.25 -37.76
CA GLU D 418 -15.49 24.21 -36.66
C GLU D 418 -15.00 23.65 -35.35
N ILE D 419 -15.01 22.32 -35.16
CA ILE D 419 -14.75 21.79 -33.83
C ILE D 419 -13.32 21.98 -33.35
N LEU D 420 -13.18 22.20 -32.05
CA LEU D 420 -11.86 22.25 -31.42
C LEU D 420 -12.03 21.77 -29.99
N HIS D 421 -11.15 20.86 -29.55
CA HIS D 421 -11.20 20.34 -28.18
C HIS D 421 -10.16 21.04 -27.33
N LEU D 422 -10.62 21.54 -26.11
CA LEU D 422 -9.74 22.23 -25.15
C LEU D 422 -9.24 21.24 -24.10
N PRO D 423 -7.99 21.42 -23.64
CA PRO D 423 -7.46 20.52 -22.60
C PRO D 423 -8.41 20.41 -21.42
N LEU D 424 -8.71 19.18 -21.02
CA LEU D 424 -9.60 18.94 -19.90
C LEU D 424 -9.31 17.56 -19.37
N HIS D 425 -8.66 17.51 -18.19
CA HIS D 425 -8.42 16.23 -17.59
C HIS D 425 -8.31 16.48 -16.10
N PRO D 426 -8.67 15.52 -15.27
CA PRO D 426 -9.03 15.86 -13.87
C PRO D 426 -7.82 16.26 -13.02
N ASN D 427 -6.61 15.89 -13.38
CA ASN D 427 -5.45 16.36 -12.64
C ASN D 427 -4.90 17.67 -13.16
N MET D 428 -5.62 18.38 -14.05
CA MET D 428 -5.26 19.74 -14.47
C MET D 428 -5.30 20.66 -13.27
N LEU D 429 -4.36 21.60 -13.23
CA LEU D 429 -4.44 22.76 -12.30
C LEU D 429 -5.37 23.84 -12.85
N LEU D 430 -6.04 24.56 -11.94
CA LEU D 430 -6.78 25.72 -12.40
C LEU D 430 -5.85 26.77 -12.99
N GLU D 431 -4.58 26.83 -12.53
CA GLU D 431 -3.61 27.71 -13.18
C GLU D 431 -3.42 27.32 -14.64
N GLU D 432 -3.43 26.01 -14.92
CA GLU D 432 -3.32 25.57 -16.31
C GLU D 432 -4.56 25.93 -17.09
N GLN D 433 -5.74 25.73 -16.50
CA GLN D 433 -6.95 26.14 -17.23
C GLN D 433 -6.98 27.65 -17.43
N ASN D 434 -6.49 28.43 -16.45
CA ASN D 434 -6.44 29.87 -16.65
C ASN D 434 -5.53 30.24 -17.83
N PHE D 435 -4.40 29.53 -18.00
CA PHE D 435 -3.50 29.78 -19.12
C PHE D 435 -4.23 29.54 -20.44
N VAL D 436 -5.02 28.47 -20.53
CA VAL D 436 -5.84 28.20 -21.72
C VAL D 436 -6.85 29.32 -21.94
N LEU D 437 -7.58 29.68 -20.90
CA LEU D 437 -8.58 30.74 -21.03
C LEU D 437 -7.96 32.05 -21.53
N GLU D 438 -6.80 32.44 -21.00
CA GLU D 438 -6.18 33.70 -21.45
C GLU D 438 -5.77 33.62 -22.91
N GLY D 439 -5.23 32.48 -23.32
CA GLY D 439 -4.85 32.37 -24.71
C GLY D 439 -6.06 32.43 -25.63
N LEU D 440 -7.16 31.75 -25.26
CA LEU D 440 -8.38 31.82 -26.07
C LEU D 440 -8.95 33.23 -26.15
N ILE D 441 -8.96 33.95 -25.03
CA ILE D 441 -9.40 35.35 -25.06
C ILE D 441 -8.49 36.17 -25.94
N ASN D 442 -7.17 36.01 -25.77
CA ASN D 442 -6.25 36.90 -26.47
C ASN D 442 -6.25 36.65 -27.97
N VAL D 443 -6.35 35.37 -28.38
CA VAL D 443 -6.32 35.07 -29.80
C VAL D 443 -7.60 35.53 -30.48
N ASN D 444 -8.64 35.83 -29.71
CA ASN D 444 -9.89 36.30 -30.26
C ASN D 444 -10.17 37.79 -30.03
N LYS D 445 -9.17 38.58 -29.65
CA LYS D 445 -9.48 39.99 -29.51
C LYS D 445 -9.82 40.53 -30.90
#